data_3FIT
# 
_entry.id   3FIT 
# 
_audit_conform.dict_name       mmcif_pdbx.dic 
_audit_conform.dict_version    5.398 
_audit_conform.dict_location   http://mmcif.pdb.org/dictionaries/ascii/mmcif_pdbx.dic 
# 
loop_
_database_2.database_id 
_database_2.database_code 
_database_2.pdbx_database_accession 
_database_2.pdbx_DOI 
PDB   3FIT         pdb_00003fit 10.2210/pdb3fit/pdb 
WWPDB D_1000178963 ?            ?                   
# 
loop_
_pdbx_audit_revision_history.ordinal 
_pdbx_audit_revision_history.data_content_type 
_pdbx_audit_revision_history.major_revision 
_pdbx_audit_revision_history.minor_revision 
_pdbx_audit_revision_history.revision_date 
1 'Structure model' 1 0 1997-11-19 
2 'Structure model' 1 1 2008-03-25 
3 'Structure model' 1 2 2011-07-13 
4 'Structure model' 1 3 2020-07-29 
5 'Structure model' 2 0 2024-05-29 
6 'Structure model' 2 1 2024-11-06 
# 
loop_
_pdbx_audit_revision_details.ordinal 
_pdbx_audit_revision_details.revision_ordinal 
_pdbx_audit_revision_details.data_content_type 
_pdbx_audit_revision_details.provider 
_pdbx_audit_revision_details.type 
_pdbx_audit_revision_details.description 
_pdbx_audit_revision_details.details 
1 1 'Structure model' repository 'Initial release' ?                          ? 
2 4 'Structure model' repository Remediation       'Carbohydrate remediation' ? 
# 
loop_
_pdbx_audit_revision_group.ordinal 
_pdbx_audit_revision_group.revision_ordinal 
_pdbx_audit_revision_group.data_content_type 
_pdbx_audit_revision_group.group 
1  2 'Structure model' 'Version format compliance' 
2  3 'Structure model' 'Version format compliance' 
3  4 'Structure model' 'Data collection'           
4  4 'Structure model' 'Database references'       
5  4 'Structure model' 'Derived calculations'      
6  4 'Structure model' 'Structure summary'         
7  5 'Structure model' Advisory                    
8  5 'Structure model' 'Atomic model'              
9  5 'Structure model' 'Data collection'           
10 5 'Structure model' 'Database references'       
11 5 'Structure model' 'Derived calculations'      
12 5 'Structure model' 'Non-polymer description'   
13 5 'Structure model' 'Structure summary'         
14 6 'Structure model' 'Structure summary'         
# 
loop_
_pdbx_audit_revision_category.ordinal 
_pdbx_audit_revision_category.revision_ordinal 
_pdbx_audit_revision_category.data_content_type 
_pdbx_audit_revision_category.category 
1  4 'Structure model' chem_comp                    
2  4 'Structure model' entity                       
3  4 'Structure model' pdbx_chem_comp_identifier    
4  4 'Structure model' pdbx_entity_nonpoly          
5  4 'Structure model' struct_conn                  
6  4 'Structure model' struct_ref_seq_dif           
7  4 'Structure model' struct_site                  
8  4 'Structure model' struct_site_gen              
9  5 'Structure model' atom_site                    
10 5 'Structure model' chem_comp                    
11 5 'Structure model' chem_comp_atom               
12 5 'Structure model' chem_comp_bond               
13 5 'Structure model' database_2                   
14 5 'Structure model' entity                       
15 5 'Structure model' pdbx_entity_nonpoly          
16 5 'Structure model' pdbx_nonpoly_scheme          
17 5 'Structure model' pdbx_unobs_or_zero_occ_atoms 
18 6 'Structure model' pdbx_entry_details           
19 6 'Structure model' pdbx_modification_feature    
# 
loop_
_pdbx_audit_revision_item.ordinal 
_pdbx_audit_revision_item.revision_ordinal 
_pdbx_audit_revision_item.data_content_type 
_pdbx_audit_revision_item.item 
1  4 'Structure model' '_chem_comp.name'                             
2  4 'Structure model' '_chem_comp.type'                             
3  4 'Structure model' '_entity.pdbx_description'                    
4  4 'Structure model' '_pdbx_entity_nonpoly.name'                   
5  4 'Structure model' '_struct_conn.pdbx_leaving_atom_flag'         
6  4 'Structure model' '_struct_conn.ptnr1_auth_comp_id'             
7  4 'Structure model' '_struct_conn.ptnr1_auth_seq_id'              
8  4 'Structure model' '_struct_conn.ptnr1_label_atom_id'            
9  4 'Structure model' '_struct_conn.ptnr1_label_comp_id'            
10 4 'Structure model' '_struct_conn.ptnr1_label_seq_id'             
11 4 'Structure model' '_struct_conn.ptnr2_auth_comp_id'             
12 4 'Structure model' '_struct_conn.ptnr2_auth_seq_id'              
13 4 'Structure model' '_struct_conn.ptnr2_label_atom_id'            
14 4 'Structure model' '_struct_conn.ptnr2_label_comp_id'            
15 4 'Structure model' '_struct_conn.ptnr2_label_seq_id'             
16 4 'Structure model' '_struct_ref_seq_dif.details'                 
17 5 'Structure model' '_atom_site.auth_comp_id'                     
18 5 'Structure model' '_atom_site.label_comp_id'                    
19 5 'Structure model' '_chem_comp.formula'                          
20 5 'Structure model' '_chem_comp.formula_weight'                   
21 5 'Structure model' '_chem_comp.id'                               
22 5 'Structure model' '_chem_comp.mon_nstd_flag'                    
23 5 'Structure model' '_chem_comp.name'                             
24 5 'Structure model' '_chem_comp.pdbx_synonyms'                    
25 5 'Structure model' '_chem_comp.type'                             
26 5 'Structure model' '_database_2.pdbx_DOI'                        
27 5 'Structure model' '_database_2.pdbx_database_accession'         
28 5 'Structure model' '_entity.pdbx_description'                    
29 5 'Structure model' '_pdbx_entity_nonpoly.comp_id'                
30 5 'Structure model' '_pdbx_entity_nonpoly.name'                   
31 5 'Structure model' '_pdbx_nonpoly_scheme.mon_id'                 
32 5 'Structure model' '_pdbx_nonpoly_scheme.pdb_mon_id'             
33 5 'Structure model' '_pdbx_unobs_or_zero_occ_atoms.auth_atom_id'  
34 5 'Structure model' '_pdbx_unobs_or_zero_occ_atoms.auth_comp_id'  
35 5 'Structure model' '_pdbx_unobs_or_zero_occ_atoms.label_atom_id' 
36 5 'Structure model' '_pdbx_unobs_or_zero_occ_atoms.label_comp_id' 
# 
_pdbx_database_status.status_code                     REL 
_pdbx_database_status.entry_id                        3FIT 
_pdbx_database_status.recvd_initial_deposition_date   1997-05-17 
_pdbx_database_status.deposit_site                    ? 
_pdbx_database_status.process_site                    BNL 
_pdbx_database_status.SG_entry                        . 
_pdbx_database_status.pdb_format_compatible           Y 
_pdbx_database_status.status_code_mr                  ? 
_pdbx_database_status.status_code_sf                  ? 
_pdbx_database_status.status_code_cs                  ? 
_pdbx_database_status.status_code_nmr_data            ? 
_pdbx_database_status.methods_development_category    ? 
# 
loop_
_audit_author.name 
_audit_author.pdbx_ordinal 
'Lima, C.D.'        1 
;D'Amico, K.L.
;
2 
'Naday, I.'         3 
'Rosenbaum, G.'     4 
'Westbrook, E.M.'   5 
'Hendrickson, W.A.' 6 
# 
_citation.id                        primary 
_citation.title                     'MAD analysis of FHIT, a putative human tumor suppressor from the HIT protein family.' 
_citation.journal_abbrev            Structure 
_citation.journal_volume            5 
_citation.page_first                763 
_citation.page_last                 774 
_citation.year                      1997 
_citation.journal_id_ASTM           STRUE6 
_citation.country                   UK 
_citation.journal_id_ISSN           0969-2126 
_citation.journal_id_CSD            2005 
_citation.book_publisher            ? 
_citation.pdbx_database_id_PubMed   9261067 
_citation.pdbx_database_id_DOI      '10.1016/S0969-2126(97)00231-1' 
# 
loop_
_citation_author.citation_id 
_citation_author.name 
_citation_author.ordinal 
_citation_author.identifier_ORCID 
primary 'Lima, C.D.'        1 ? 
primary 
;D'Amico, K.L.
;
2 ? 
primary 'Naday, I.'         3 ? 
primary 'Rosenbaum, G.'     4 ? 
primary 'Westbrook, E.M.'   5 ? 
primary 'Hendrickson, W.A.' 6 ? 
# 
loop_
_entity.id 
_entity.type 
_entity.src_method 
_entity.pdbx_description 
_entity.formula_weight 
_entity.pdbx_number_of_molecules 
_entity.pdbx_ec 
_entity.pdbx_mutation 
_entity.pdbx_fragment 
_entity.details 
1 polymer     man 'FRAGILE HISTIDINE PROTEIN' 16979.992 1   ? ? ? ? 
2 non-polymer man beta-D-fructofuranose       180.156   1   ? ? ? ? 
3 non-polymer syn 'SULFATE ION'               96.063    2   ? ? ? ? 
4 non-polymer syn 'ADENOSINE MONOPHOSPHATE'   347.221   1   ? ? ? ? 
5 water       nat water                       18.015    101 ? ? ? ? 
# 
_entity_name_com.entity_id   1 
_entity_name_com.name        'FHIT, FRAGILE HISTIDINE TRIAD PROTEIN' 
# 
_entity_poly.entity_id                      1 
_entity_poly.type                           'polypeptide(L)' 
_entity_poly.nstd_linkage                   no 
_entity_poly.nstd_monomer                   yes 
_entity_poly.pdbx_seq_one_letter_code       
;MSFRFGQHLIKPSVVFLKTELSFALVNRKPVVPGHVLVCPLRPVERFHDLRPDEVADLFQTTQRVGTVVEKHFHGTSLTF
S(MSE)QDGPEAGQTVKHVHVHVLPRKAGDFHRNDSIYEELQKHDKEDFPASWRSEEE(MSE)AAEAAALRVYFQ
;
_entity_poly.pdbx_seq_one_letter_code_can   
;MSFRFGQHLIKPSVVFLKTELSFALVNRKPVVPGHVLVCPLRPVERFHDLRPDEVADLFQTTQRVGTVVEKHFHGTSLTF
SMQDGPEAGQTVKHVHVHVLPRKAGDFHRNDSIYEELQKHDKEDFPASWRSEEEMAAEAAALRVYFQ
;
_entity_poly.pdbx_strand_id                 A 
_entity_poly.pdbx_target_identifier         ? 
# 
loop_
_pdbx_entity_nonpoly.entity_id 
_pdbx_entity_nonpoly.name 
_pdbx_entity_nonpoly.comp_id 
2 beta-D-fructofuranose     FRU 
3 'SULFATE ION'             SO4 
4 'ADENOSINE MONOPHOSPHATE' AMP 
5 water                     HOH 
# 
loop_
_entity_poly_seq.entity_id 
_entity_poly_seq.num 
_entity_poly_seq.mon_id 
_entity_poly_seq.hetero 
1 1   MET n 
1 2   SER n 
1 3   PHE n 
1 4   ARG n 
1 5   PHE n 
1 6   GLY n 
1 7   GLN n 
1 8   HIS n 
1 9   LEU n 
1 10  ILE n 
1 11  LYS n 
1 12  PRO n 
1 13  SER n 
1 14  VAL n 
1 15  VAL n 
1 16  PHE n 
1 17  LEU n 
1 18  LYS n 
1 19  THR n 
1 20  GLU n 
1 21  LEU n 
1 22  SER n 
1 23  PHE n 
1 24  ALA n 
1 25  LEU n 
1 26  VAL n 
1 27  ASN n 
1 28  ARG n 
1 29  LYS n 
1 30  PRO n 
1 31  VAL n 
1 32  VAL n 
1 33  PRO n 
1 34  GLY n 
1 35  HIS n 
1 36  VAL n 
1 37  LEU n 
1 38  VAL n 
1 39  CYS n 
1 40  PRO n 
1 41  LEU n 
1 42  ARG n 
1 43  PRO n 
1 44  VAL n 
1 45  GLU n 
1 46  ARG n 
1 47  PHE n 
1 48  HIS n 
1 49  ASP n 
1 50  LEU n 
1 51  ARG n 
1 52  PRO n 
1 53  ASP n 
1 54  GLU n 
1 55  VAL n 
1 56  ALA n 
1 57  ASP n 
1 58  LEU n 
1 59  PHE n 
1 60  GLN n 
1 61  THR n 
1 62  THR n 
1 63  GLN n 
1 64  ARG n 
1 65  VAL n 
1 66  GLY n 
1 67  THR n 
1 68  VAL n 
1 69  VAL n 
1 70  GLU n 
1 71  LYS n 
1 72  HIS n 
1 73  PHE n 
1 74  HIS n 
1 75  GLY n 
1 76  THR n 
1 77  SER n 
1 78  LEU n 
1 79  THR n 
1 80  PHE n 
1 81  SER n 
1 82  MSE n 
1 83  GLN n 
1 84  ASP n 
1 85  GLY n 
1 86  PRO n 
1 87  GLU n 
1 88  ALA n 
1 89  GLY n 
1 90  GLN n 
1 91  THR n 
1 92  VAL n 
1 93  LYS n 
1 94  HIS n 
1 95  VAL n 
1 96  HIS n 
1 97  VAL n 
1 98  HIS n 
1 99  VAL n 
1 100 LEU n 
1 101 PRO n 
1 102 ARG n 
1 103 LYS n 
1 104 ALA n 
1 105 GLY n 
1 106 ASP n 
1 107 PHE n 
1 108 HIS n 
1 109 ARG n 
1 110 ASN n 
1 111 ASP n 
1 112 SER n 
1 113 ILE n 
1 114 TYR n 
1 115 GLU n 
1 116 GLU n 
1 117 LEU n 
1 118 GLN n 
1 119 LYS n 
1 120 HIS n 
1 121 ASP n 
1 122 LYS n 
1 123 GLU n 
1 124 ASP n 
1 125 PHE n 
1 126 PRO n 
1 127 ALA n 
1 128 SER n 
1 129 TRP n 
1 130 ARG n 
1 131 SER n 
1 132 GLU n 
1 133 GLU n 
1 134 GLU n 
1 135 MSE n 
1 136 ALA n 
1 137 ALA n 
1 138 GLU n 
1 139 ALA n 
1 140 ALA n 
1 141 ALA n 
1 142 LEU n 
1 143 ARG n 
1 144 VAL n 
1 145 TYR n 
1 146 PHE n 
1 147 GLN n 
# 
_entity_src_gen.entity_id                          1 
_entity_src_gen.pdbx_src_id                        1 
_entity_src_gen.pdbx_alt_source_flag               sample 
_entity_src_gen.pdbx_seq_type                      ? 
_entity_src_gen.pdbx_beg_seq_num                   ? 
_entity_src_gen.pdbx_end_seq_num                   ? 
_entity_src_gen.gene_src_common_name               human 
_entity_src_gen.gene_src_genus                     Homo 
_entity_src_gen.pdbx_gene_src_gene                 FHIT 
_entity_src_gen.gene_src_species                   ? 
_entity_src_gen.gene_src_strain                    ? 
_entity_src_gen.gene_src_tissue                    ? 
_entity_src_gen.gene_src_tissue_fraction           ? 
_entity_src_gen.gene_src_details                   ? 
_entity_src_gen.pdbx_gene_src_fragment             ? 
_entity_src_gen.pdbx_gene_src_scientific_name      'Homo sapiens' 
_entity_src_gen.pdbx_gene_src_ncbi_taxonomy_id     9606 
_entity_src_gen.pdbx_gene_src_variant              ? 
_entity_src_gen.pdbx_gene_src_cell_line            ? 
_entity_src_gen.pdbx_gene_src_atcc                 ? 
_entity_src_gen.pdbx_gene_src_organ                ? 
_entity_src_gen.pdbx_gene_src_organelle            ? 
_entity_src_gen.pdbx_gene_src_cell                 ? 
_entity_src_gen.pdbx_gene_src_cellular_location    ? 
_entity_src_gen.host_org_common_name               ? 
_entity_src_gen.pdbx_host_org_scientific_name      'Escherichia coli' 
_entity_src_gen.pdbx_host_org_ncbi_taxonomy_id     562 
_entity_src_gen.host_org_genus                     Escherichia 
_entity_src_gen.pdbx_host_org_gene                 FHIT 
_entity_src_gen.pdbx_host_org_organ                ? 
_entity_src_gen.host_org_species                   ? 
_entity_src_gen.pdbx_host_org_tissue               ? 
_entity_src_gen.pdbx_host_org_tissue_fraction      ? 
_entity_src_gen.pdbx_host_org_strain               DL41 
_entity_src_gen.pdbx_host_org_variant              ? 
_entity_src_gen.pdbx_host_org_cell_line            ? 
_entity_src_gen.pdbx_host_org_atcc                 ? 
_entity_src_gen.pdbx_host_org_culture_collection   ? 
_entity_src_gen.pdbx_host_org_cell                 ? 
_entity_src_gen.pdbx_host_org_organelle            ? 
_entity_src_gen.pdbx_host_org_cellular_location    ? 
_entity_src_gen.pdbx_host_org_vector_type          ? 
_entity_src_gen.pdbx_host_org_vector               ? 
_entity_src_gen.host_org_details                   ? 
_entity_src_gen.expression_system_id               ? 
_entity_src_gen.plasmid_name                       PGEX-2T 
_entity_src_gen.plasmid_details                    ? 
_entity_src_gen.pdbx_description                   'EXPRESSED AS FUSION PROTEIN WITH GLUTATHIONE-S-TRANSFERASE;' 
# 
loop_
_chem_comp.id 
_chem_comp.type 
_chem_comp.mon_nstd_flag 
_chem_comp.name 
_chem_comp.pdbx_synonyms 
_chem_comp.formula 
_chem_comp.formula_weight 
ALA 'L-peptide linking'          y ALANINE                   ?                                       'C3 H7 N O2'      89.093  
AMP non-polymer                  . 'ADENOSINE MONOPHOSPHATE' ?                                       'C10 H14 N5 O7 P' 347.221 
ARG 'L-peptide linking'          y ARGININE                  ?                                       'C6 H15 N4 O2 1'  175.209 
ASN 'L-peptide linking'          y ASPARAGINE                ?                                       'C4 H8 N2 O3'     132.118 
ASP 'L-peptide linking'          y 'ASPARTIC ACID'           ?                                       'C4 H7 N O4'      133.103 
CYS 'L-peptide linking'          y CYSTEINE                  ?                                       'C3 H7 N O2 S'    121.158 
FRU 'D-saccharide, beta linking' . beta-D-fructofuranose     'beta-D-fructose; D-fructose; fructose' 'C6 H12 O6'       180.156 
GLN 'L-peptide linking'          y GLUTAMINE                 ?                                       'C5 H10 N2 O3'    146.144 
GLU 'L-peptide linking'          y 'GLUTAMIC ACID'           ?                                       'C5 H9 N O4'      147.129 
GLY 'peptide linking'            y GLYCINE                   ?                                       'C2 H5 N O2'      75.067  
HIS 'L-peptide linking'          y HISTIDINE                 ?                                       'C6 H10 N3 O2 1'  156.162 
HOH non-polymer                  . WATER                     ?                                       'H2 O'            18.015  
ILE 'L-peptide linking'          y ISOLEUCINE                ?                                       'C6 H13 N O2'     131.173 
LEU 'L-peptide linking'          y LEUCINE                   ?                                       'C6 H13 N O2'     131.173 
LYS 'L-peptide linking'          y LYSINE                    ?                                       'C6 H15 N2 O2 1'  147.195 
MET 'L-peptide linking'          y METHIONINE                ?                                       'C5 H11 N O2 S'   149.211 
MSE 'L-peptide linking'          n SELENOMETHIONINE          ?                                       'C5 H11 N O2 Se'  196.106 
PHE 'L-peptide linking'          y PHENYLALANINE             ?                                       'C9 H11 N O2'     165.189 
PRO 'L-peptide linking'          y PROLINE                   ?                                       'C5 H9 N O2'      115.130 
SER 'L-peptide linking'          y SERINE                    ?                                       'C3 H7 N O3'      105.093 
SO4 non-polymer                  . 'SULFATE ION'             ?                                       'O4 S -2'         96.063  
THR 'L-peptide linking'          y THREONINE                 ?                                       'C4 H9 N O3'      119.119 
TRP 'L-peptide linking'          y TRYPTOPHAN                ?                                       'C11 H12 N2 O2'   204.225 
TYR 'L-peptide linking'          y TYROSINE                  ?                                       'C9 H11 N O3'     181.189 
VAL 'L-peptide linking'          y VALINE                    ?                                       'C5 H11 N O2'     117.146 
# 
loop_
_pdbx_chem_comp_identifier.comp_id 
_pdbx_chem_comp_identifier.type 
_pdbx_chem_comp_identifier.program 
_pdbx_chem_comp_identifier.program_version 
_pdbx_chem_comp_identifier.identifier 
FRU 'CONDENSED IUPAC CARBOHYDRATE SYMBOL' GMML     1.0 DFrufb             
FRU 'COMMON NAME'                         GMML     1.0 b-D-fructofuranose 
FRU 'IUPAC CARBOHYDRATE SYMBOL'           PDB-CARE 1.0 b-D-Fruf           
FRU 'SNFG CARBOHYDRATE SYMBOL'            GMML     1.0 Fru                
# 
loop_
_pdbx_poly_seq_scheme.asym_id 
_pdbx_poly_seq_scheme.entity_id 
_pdbx_poly_seq_scheme.seq_id 
_pdbx_poly_seq_scheme.mon_id 
_pdbx_poly_seq_scheme.ndb_seq_num 
_pdbx_poly_seq_scheme.pdb_seq_num 
_pdbx_poly_seq_scheme.auth_seq_num 
_pdbx_poly_seq_scheme.pdb_mon_id 
_pdbx_poly_seq_scheme.auth_mon_id 
_pdbx_poly_seq_scheme.pdb_strand_id 
_pdbx_poly_seq_scheme.pdb_ins_code 
_pdbx_poly_seq_scheme.hetero 
A 1 1   MET 1   1   1   MET MET A . n 
A 1 2   SER 2   2   2   SER SER A . n 
A 1 3   PHE 3   3   3   PHE PHE A . n 
A 1 4   ARG 4   4   4   ARG ARG A . n 
A 1 5   PHE 5   5   5   PHE PHE A . n 
A 1 6   GLY 6   6   6   GLY GLY A . n 
A 1 7   GLN 7   7   7   GLN GLN A . n 
A 1 8   HIS 8   8   8   HIS HIS A . n 
A 1 9   LEU 9   9   9   LEU LEU A . n 
A 1 10  ILE 10  10  10  ILE ILE A . n 
A 1 11  LYS 11  11  11  LYS LYS A . n 
A 1 12  PRO 12  12  12  PRO PRO A . n 
A 1 13  SER 13  13  13  SER SER A . n 
A 1 14  VAL 14  14  14  VAL VAL A . n 
A 1 15  VAL 15  15  15  VAL VAL A . n 
A 1 16  PHE 16  16  16  PHE PHE A . n 
A 1 17  LEU 17  17  17  LEU LEU A . n 
A 1 18  LYS 18  18  18  LYS LYS A . n 
A 1 19  THR 19  19  19  THR THR A . n 
A 1 20  GLU 20  20  20  GLU GLU A . n 
A 1 21  LEU 21  21  21  LEU LEU A . n 
A 1 22  SER 22  22  22  SER SER A . n 
A 1 23  PHE 23  23  23  PHE PHE A . n 
A 1 24  ALA 24  24  24  ALA ALA A . n 
A 1 25  LEU 25  25  25  LEU LEU A . n 
A 1 26  VAL 26  26  26  VAL VAL A . n 
A 1 27  ASN 27  27  27  ASN ASN A . n 
A 1 28  ARG 28  28  28  ARG ARG A . n 
A 1 29  LYS 29  29  29  LYS LYS A . n 
A 1 30  PRO 30  30  30  PRO PRO A . n 
A 1 31  VAL 31  31  31  VAL VAL A . n 
A 1 32  VAL 32  32  32  VAL VAL A . n 
A 1 33  PRO 33  33  33  PRO PRO A . n 
A 1 34  GLY 34  34  34  GLY GLY A . n 
A 1 35  HIS 35  35  35  HIS HIS A . n 
A 1 36  VAL 36  36  36  VAL VAL A . n 
A 1 37  LEU 37  37  37  LEU LEU A . n 
A 1 38  VAL 38  38  38  VAL VAL A . n 
A 1 39  CYS 39  39  39  CYS CYS A . n 
A 1 40  PRO 40  40  40  PRO PRO A . n 
A 1 41  LEU 41  41  41  LEU LEU A . n 
A 1 42  ARG 42  42  42  ARG ARG A . n 
A 1 43  PRO 43  43  43  PRO PRO A . n 
A 1 44  VAL 44  44  44  VAL VAL A . n 
A 1 45  GLU 45  45  45  GLU GLU A . n 
A 1 46  ARG 46  46  46  ARG ARG A . n 
A 1 47  PHE 47  47  47  PHE PHE A . n 
A 1 48  HIS 48  48  48  HIS HIS A . n 
A 1 49  ASP 49  49  49  ASP ASP A . n 
A 1 50  LEU 50  50  50  LEU LEU A . n 
A 1 51  ARG 51  51  51  ARG ARG A . n 
A 1 52  PRO 52  52  52  PRO PRO A . n 
A 1 53  ASP 53  53  53  ASP ASP A . n 
A 1 54  GLU 54  54  54  GLU GLU A . n 
A 1 55  VAL 55  55  55  VAL VAL A . n 
A 1 56  ALA 56  56  56  ALA ALA A . n 
A 1 57  ASP 57  57  57  ASP ASP A . n 
A 1 58  LEU 58  58  58  LEU LEU A . n 
A 1 59  PHE 59  59  59  PHE PHE A . n 
A 1 60  GLN 60  60  60  GLN GLN A . n 
A 1 61  THR 61  61  61  THR THR A . n 
A 1 62  THR 62  62  62  THR THR A . n 
A 1 63  GLN 63  63  63  GLN GLN A . n 
A 1 64  ARG 64  64  64  ARG ARG A . n 
A 1 65  VAL 65  65  65  VAL VAL A . n 
A 1 66  GLY 66  66  66  GLY GLY A . n 
A 1 67  THR 67  67  67  THR THR A . n 
A 1 68  VAL 68  68  68  VAL VAL A . n 
A 1 69  VAL 69  69  69  VAL VAL A . n 
A 1 70  GLU 70  70  70  GLU GLU A . n 
A 1 71  LYS 71  71  71  LYS LYS A . n 
A 1 72  HIS 72  72  72  HIS HIS A . n 
A 1 73  PHE 73  73  73  PHE PHE A . n 
A 1 74  HIS 74  74  74  HIS HIS A . n 
A 1 75  GLY 75  75  75  GLY GLY A . n 
A 1 76  THR 76  76  76  THR THR A . n 
A 1 77  SER 77  77  77  SER SER A . n 
A 1 78  LEU 78  78  78  LEU LEU A . n 
A 1 79  THR 79  79  79  THR THR A . n 
A 1 80  PHE 80  80  80  PHE PHE A . n 
A 1 81  SER 81  81  81  SER SER A . n 
A 1 82  MSE 82  82  82  MSE MSE A . n 
A 1 83  GLN 83  83  83  GLN GLN A . n 
A 1 84  ASP 84  84  84  ASP ASP A . n 
A 1 85  GLY 85  85  85  GLY GLY A . n 
A 1 86  PRO 86  86  86  PRO PRO A . n 
A 1 87  GLU 87  87  87  GLU GLU A . n 
A 1 88  ALA 88  88  88  ALA ALA A . n 
A 1 89  GLY 89  89  89  GLY GLY A . n 
A 1 90  GLN 90  90  90  GLN GLN A . n 
A 1 91  THR 91  91  91  THR THR A . n 
A 1 92  VAL 92  92  92  VAL VAL A . n 
A 1 93  LYS 93  93  93  LYS LYS A . n 
A 1 94  HIS 94  94  94  HIS HIS A . n 
A 1 95  VAL 95  95  95  VAL VAL A . n 
A 1 96  HIS 96  96  96  HIS HIS A . n 
A 1 97  VAL 97  97  97  VAL VAL A . n 
A 1 98  HIS 98  98  98  HIS HIS A . n 
A 1 99  VAL 99  99  99  VAL VAL A . n 
A 1 100 LEU 100 100 100 LEU LEU A . n 
A 1 101 PRO 101 101 101 PRO PRO A . n 
A 1 102 ARG 102 102 102 ARG ARG A . n 
A 1 103 LYS 103 103 103 LYS LYS A . n 
A 1 104 ALA 104 104 104 ALA ALA A . n 
A 1 105 GLY 105 105 105 GLY GLY A . n 
A 1 106 ASP 106 106 106 ASP ASP A . n 
A 1 107 PHE 107 107 ?   ?   ?   A . n 
A 1 108 HIS 108 108 ?   ?   ?   A . n 
A 1 109 ARG 109 109 ?   ?   ?   A . n 
A 1 110 ASN 110 110 ?   ?   ?   A . n 
A 1 111 ASP 111 111 ?   ?   ?   A . n 
A 1 112 SER 112 112 ?   ?   ?   A . n 
A 1 113 ILE 113 113 ?   ?   ?   A . n 
A 1 114 TYR 114 114 ?   ?   ?   A . n 
A 1 115 GLU 115 115 ?   ?   ?   A . n 
A 1 116 GLU 116 116 ?   ?   ?   A . n 
A 1 117 LEU 117 117 ?   ?   ?   A . n 
A 1 118 GLN 118 118 ?   ?   ?   A . n 
A 1 119 LYS 119 119 ?   ?   ?   A . n 
A 1 120 HIS 120 120 ?   ?   ?   A . n 
A 1 121 ASP 121 121 ?   ?   ?   A . n 
A 1 122 LYS 122 122 ?   ?   ?   A . n 
A 1 123 GLU 123 123 ?   ?   ?   A . n 
A 1 124 ASP 124 124 ?   ?   ?   A . n 
A 1 125 PHE 125 125 ?   ?   ?   A . n 
A 1 126 PRO 126 126 ?   ?   ?   A . n 
A 1 127 ALA 127 127 ?   ?   ?   A . n 
A 1 128 SER 128 128 ?   ?   ?   A . n 
A 1 129 TRP 129 129 129 TRP TRP A . n 
A 1 130 ARG 130 130 130 ARG ARG A . n 
A 1 131 SER 131 131 131 SER SER A . n 
A 1 132 GLU 132 132 132 GLU GLU A . n 
A 1 133 GLU 133 133 133 GLU GLU A . n 
A 1 134 GLU 134 134 134 GLU GLU A . n 
A 1 135 MSE 135 135 135 MSE MSE A . n 
A 1 136 ALA 136 136 136 ALA ALA A . n 
A 1 137 ALA 137 137 137 ALA ALA A . n 
A 1 138 GLU 138 138 138 GLU GLU A . n 
A 1 139 ALA 139 139 139 ALA ALA A . n 
A 1 140 ALA 140 140 140 ALA ALA A . n 
A 1 141 ALA 141 141 141 ALA ALA A . n 
A 1 142 LEU 142 142 142 LEU LEU A . n 
A 1 143 ARG 143 143 143 ARG ARG A . n 
A 1 144 VAL 144 144 144 VAL VAL A . n 
A 1 145 TYR 145 145 145 TYR TYR A . n 
A 1 146 PHE 146 146 146 PHE PHE A . n 
A 1 147 GLN 147 147 ?   ?   ?   A . n 
# 
loop_
_pdbx_nonpoly_scheme.asym_id 
_pdbx_nonpoly_scheme.entity_id 
_pdbx_nonpoly_scheme.mon_id 
_pdbx_nonpoly_scheme.ndb_seq_num 
_pdbx_nonpoly_scheme.pdb_seq_num 
_pdbx_nonpoly_scheme.auth_seq_num 
_pdbx_nonpoly_scheme.pdb_mon_id 
_pdbx_nonpoly_scheme.auth_mon_id 
_pdbx_nonpoly_scheme.pdb_strand_id 
_pdbx_nonpoly_scheme.pdb_ins_code 
B 2 FRU 1   500 500 FRU FRU A . 
C 3 SO4 1   300 300 SO4 SO4 A . 
D 3 SO4 1   301 301 SO4 SO4 A . 
E 4 AMP 1   400 400 AMP A   A . 
F 5 HOH 1   501 1   HOH HOH A . 
F 5 HOH 2   502 2   HOH HOH A . 
F 5 HOH 3   503 3   HOH HOH A . 
F 5 HOH 4   504 4   HOH HOH A . 
F 5 HOH 5   505 5   HOH HOH A . 
F 5 HOH 6   506 6   HOH HOH A . 
F 5 HOH 7   507 7   HOH HOH A . 
F 5 HOH 8   508 8   HOH HOH A . 
F 5 HOH 9   509 9   HOH HOH A . 
F 5 HOH 10  510 10  HOH HOH A . 
F 5 HOH 11  511 11  HOH HOH A . 
F 5 HOH 12  512 12  HOH HOH A . 
F 5 HOH 13  513 13  HOH HOH A . 
F 5 HOH 14  514 14  HOH HOH A . 
F 5 HOH 15  515 15  HOH HOH A . 
F 5 HOH 16  516 16  HOH HOH A . 
F 5 HOH 17  517 17  HOH HOH A . 
F 5 HOH 18  518 18  HOH HOH A . 
F 5 HOH 19  519 19  HOH HOH A . 
F 5 HOH 20  520 20  HOH HOH A . 
F 5 HOH 21  521 21  HOH HOH A . 
F 5 HOH 22  522 22  HOH HOH A . 
F 5 HOH 23  523 23  HOH HOH A . 
F 5 HOH 24  524 24  HOH HOH A . 
F 5 HOH 25  525 25  HOH HOH A . 
F 5 HOH 26  526 26  HOH HOH A . 
F 5 HOH 27  527 27  HOH HOH A . 
F 5 HOH 28  528 28  HOH HOH A . 
F 5 HOH 29  529 29  HOH HOH A . 
F 5 HOH 30  530 30  HOH HOH A . 
F 5 HOH 31  531 31  HOH HOH A . 
F 5 HOH 32  532 32  HOH HOH A . 
F 5 HOH 33  533 33  HOH HOH A . 
F 5 HOH 34  534 34  HOH HOH A . 
F 5 HOH 35  535 35  HOH HOH A . 
F 5 HOH 36  536 36  HOH HOH A . 
F 5 HOH 37  537 37  HOH HOH A . 
F 5 HOH 38  538 38  HOH HOH A . 
F 5 HOH 39  539 39  HOH HOH A . 
F 5 HOH 40  540 40  HOH HOH A . 
F 5 HOH 41  541 41  HOH HOH A . 
F 5 HOH 42  542 43  HOH HOH A . 
F 5 HOH 43  543 44  HOH HOH A . 
F 5 HOH 44  544 45  HOH HOH A . 
F 5 HOH 45  545 46  HOH HOH A . 
F 5 HOH 46  546 47  HOH HOH A . 
F 5 HOH 47  547 48  HOH HOH A . 
F 5 HOH 48  548 49  HOH HOH A . 
F 5 HOH 49  549 50  HOH HOH A . 
F 5 HOH 50  550 51  HOH HOH A . 
F 5 HOH 51  551 52  HOH HOH A . 
F 5 HOH 52  552 53  HOH HOH A . 
F 5 HOH 53  553 54  HOH HOH A . 
F 5 HOH 54  554 55  HOH HOH A . 
F 5 HOH 55  555 56  HOH HOH A . 
F 5 HOH 56  556 57  HOH HOH A . 
F 5 HOH 57  557 59  HOH HOH A . 
F 5 HOH 58  558 60  HOH HOH A . 
F 5 HOH 59  559 61  HOH HOH A . 
F 5 HOH 60  560 62  HOH HOH A . 
F 5 HOH 61  561 65  HOH HOH A . 
F 5 HOH 62  562 66  HOH HOH A . 
F 5 HOH 63  563 67  HOH HOH A . 
F 5 HOH 64  564 69  HOH HOH A . 
F 5 HOH 65  565 70  HOH HOH A . 
F 5 HOH 66  566 71  HOH HOH A . 
F 5 HOH 67  567 72  HOH HOH A . 
F 5 HOH 68  568 73  HOH HOH A . 
F 5 HOH 69  569 75  HOH HOH A . 
F 5 HOH 70  570 76  HOH HOH A . 
F 5 HOH 71  571 77  HOH HOH A . 
F 5 HOH 72  572 78  HOH HOH A . 
F 5 HOH 73  573 79  HOH HOH A . 
F 5 HOH 74  574 80  HOH HOH A . 
F 5 HOH 75  575 81  HOH HOH A . 
F 5 HOH 76  576 82  HOH HOH A . 
F 5 HOH 77  577 83  HOH HOH A . 
F 5 HOH 78  578 85  HOH HOH A . 
F 5 HOH 79  579 88  HOH HOH A . 
F 5 HOH 80  580 90  HOH HOH A . 
F 5 HOH 81  581 92  HOH HOH A . 
F 5 HOH 82  582 93  HOH HOH A . 
F 5 HOH 83  583 95  HOH HOH A . 
F 5 HOH 84  584 100 HOH HOH A . 
F 5 HOH 85  585 101 HOH HOH A . 
F 5 HOH 86  586 102 HOH HOH A . 
F 5 HOH 87  587 104 HOH HOH A . 
F 5 HOH 88  588 105 HOH HOH A . 
F 5 HOH 89  589 107 HOH HOH A . 
F 5 HOH 90  590 109 HOH HOH A . 
F 5 HOH 91  591 111 HOH HOH A . 
F 5 HOH 92  592 112 HOH HOH A . 
F 5 HOH 93  593 113 HOH HOH A . 
F 5 HOH 94  594 114 HOH HOH A . 
F 5 HOH 95  595 115 HOH HOH A . 
F 5 HOH 96  596 116 HOH HOH A . 
F 5 HOH 97  597 117 HOH HOH A . 
F 5 HOH 98  598 118 HOH HOH A . 
F 5 HOH 99  599 119 HOH HOH A . 
F 5 HOH 100 600 120 HOH HOH A . 
F 5 HOH 101 601 121 HOH HOH A . 
# 
loop_
_pdbx_unobs_or_zero_occ_atoms.id 
_pdbx_unobs_or_zero_occ_atoms.PDB_model_num 
_pdbx_unobs_or_zero_occ_atoms.polymer_flag 
_pdbx_unobs_or_zero_occ_atoms.occupancy_flag 
_pdbx_unobs_or_zero_occ_atoms.auth_asym_id 
_pdbx_unobs_or_zero_occ_atoms.auth_comp_id 
_pdbx_unobs_or_zero_occ_atoms.auth_seq_id 
_pdbx_unobs_or_zero_occ_atoms.PDB_ins_code 
_pdbx_unobs_or_zero_occ_atoms.auth_atom_id 
_pdbx_unobs_or_zero_occ_atoms.label_alt_id 
_pdbx_unobs_or_zero_occ_atoms.label_asym_id 
_pdbx_unobs_or_zero_occ_atoms.label_comp_id 
_pdbx_unobs_or_zero_occ_atoms.label_seq_id 
_pdbx_unobs_or_zero_occ_atoms.label_atom_id 
1 1 Y 1 A MET 1   ? CB  ? A MET 1 CB  
2 1 Y 1 A MET 1   ? CG  ? A MET 1 CG  
3 1 Y 1 A MET 1   ? SD  ? A MET 1 SD  
4 1 Y 1 A MET 1   ? CE  ? A MET 1 CE  
5 1 N 1 A AMP 400 ? P   ? E AMP 1 P   
6 1 N 1 A AMP 400 ? O1P ? E AMP 1 O1P 
7 1 N 1 A AMP 400 ? O2P ? E AMP 1 O2P 
8 1 N 1 A AMP 400 ? O3P ? E AMP 1 O3P 
# 
loop_
_software.name 
_software.classification 
_software.version 
_software.citation_id 
_software.pdbx_ordinal 
MADSYS    phasing          .   ? 1 
X-PLOR    'model building' 3.1 ? 2 
X-PLOR    refinement       3.1 ? 3 
DENZO     'data reduction' .   ? 4 
SCALEPACK 'data scaling'   .   ? 5 
X-PLOR    phasing          3.1 ? 6 
# 
_cell.entry_id           3FIT 
_cell.length_a           50.600 
_cell.length_b           50.600 
_cell.length_c           268.000 
_cell.angle_alpha        90.00 
_cell.angle_beta         90.00 
_cell.angle_gamma        120.00 
_cell.Z_PDB              12 
_cell.pdbx_unique_axis   ? 
# 
_symmetry.entry_id                         3FIT 
_symmetry.space_group_name_H-M             'P 61 2 2' 
_symmetry.pdbx_full_space_group_name_H-M   ? 
_symmetry.cell_setting                     ? 
_symmetry.Int_Tables_number                178 
# 
_exptl.entry_id          3FIT 
_exptl.method            'X-RAY DIFFRACTION' 
_exptl.crystals_number   1 
# 
_exptl_crystal.id                    1 
_exptl_crystal.density_meas          ? 
_exptl_crystal.density_Matthews      2.91 
_exptl_crystal.density_percent_sol   57.80 
_exptl_crystal.description           'DATA WERE COLLECTED USING 2.0 DEGREE OSCILLATIONS WITH 0.5 DEGREE OVERLAP.' 
# 
_exptl_crystal_grow.crystal_id      1 
_exptl_crystal_grow.method          ? 
_exptl_crystal_grow.temp            ? 
_exptl_crystal_grow.temp_details    ? 
_exptl_crystal_grow.pH              6.5 
_exptl_crystal_grow.pdbx_pH_range   ? 
_exptl_crystal_grow.pdbx_details    '1.25-1.35M AMSO4, 100MM SODIUM CACODYLATE PH6.5' 
# 
_diffrn.id                     1 
_diffrn.ambient_temp           110 
_diffrn.ambient_temp_details   ? 
_diffrn.crystal_id             1 
# 
_diffrn_detector.diffrn_id              1 
_diffrn_detector.detector               'IMAGE PLATE' 
_diffrn_detector.type                   FUJI 
_diffrn_detector.pdbx_collection_date   1996-05-23 
_diffrn_detector.details                ? 
# 
_diffrn_radiation.diffrn_id                        1 
_diffrn_radiation.wavelength_id                    1 
_diffrn_radiation.pdbx_monochromatic_or_laue_m_l   M 
_diffrn_radiation.monochromator                    ? 
_diffrn_radiation.pdbx_diffrn_protocol             ? 
_diffrn_radiation.pdbx_scattering_type             x-ray 
# 
_diffrn_radiation_wavelength.id           1 
_diffrn_radiation_wavelength.wavelength   0.9551 
_diffrn_radiation_wavelength.wt           1.0 
# 
_diffrn_source.diffrn_id                   1 
_diffrn_source.source                      SYNCHROTRON 
_diffrn_source.type                        'APS BEAMLINE 19-ID' 
_diffrn_source.pdbx_synchrotron_site       APS 
_diffrn_source.pdbx_synchrotron_beamline   19-ID 
_diffrn_source.pdbx_wavelength             0.9551 
_diffrn_source.pdbx_wavelength_list        ? 
# 
_reflns.entry_id                     3FIT 
_reflns.observed_criterion_sigma_I   2. 
_reflns.observed_criterion_sigma_F   ? 
_reflns.d_resolution_low             ? 
_reflns.d_resolution_high            2.2 
_reflns.number_obs                   19709 
_reflns.number_all                   ? 
_reflns.percent_possible_obs         97.3 
_reflns.pdbx_Rmerge_I_obs            0.0970000 
_reflns.pdbx_Rsym_value              ? 
_reflns.pdbx_netI_over_sigmaI        ? 
_reflns.B_iso_Wilson_estimate        ? 
_reflns.pdbx_redundancy              4.0 
_reflns.pdbx_diffrn_id               1 
_reflns.pdbx_ordinal                 1 
# 
_refine.entry_id                                 3FIT 
_refine.ls_number_reflns_obs                     13969 
_refine.ls_number_reflns_all                     ? 
_refine.pdbx_ls_sigma_I                          ? 
_refine.pdbx_ls_sigma_F                          2. 
_refine.pdbx_data_cutoff_high_absF               ? 
_refine.pdbx_data_cutoff_low_absF                ? 
_refine.pdbx_data_cutoff_high_rms_absF           ? 
_refine.ls_d_res_low                             8. 
_refine.ls_d_res_high                            2.4 
_refine.ls_percent_reflns_obs                    96.2 
_refine.ls_R_factor_obs                          0.2010000 
_refine.ls_R_factor_all                          ? 
_refine.ls_R_factor_R_work                       0.2010000 
_refine.ls_R_factor_R_free                       0.2490000 
_refine.ls_R_factor_R_free_error                 ? 
_refine.ls_R_factor_R_free_error_details         ? 
_refine.ls_percent_reflns_R_free                 5.00 
_refine.ls_number_reflns_R_free                  ? 
_refine.ls_number_parameters                     ? 
_refine.ls_number_restraints                     ? 
_refine.occupancy_min                            ? 
_refine.occupancy_max                            ? 
_refine.B_iso_mean                               34.1 
_refine.aniso_B[1][1]                            ? 
_refine.aniso_B[2][2]                            ? 
_refine.aniso_B[3][3]                            ? 
_refine.aniso_B[1][2]                            ? 
_refine.aniso_B[1][3]                            ? 
_refine.aniso_B[2][3]                            ? 
_refine.solvent_model_details                    ? 
_refine.solvent_model_param_ksol                 ? 
_refine.solvent_model_param_bsol                 ? 
_refine.pdbx_ls_cross_valid_method               ? 
_refine.details                                  ? 
_refine.pdbx_starting_model                      ? 
_refine.pdbx_method_to_determine_struct          MAD 
_refine.pdbx_isotropic_thermal_model             RESTRAINED 
_refine.pdbx_stereochemistry_target_values       ? 
_refine.pdbx_stereochem_target_val_spec_case     ? 
_refine.pdbx_R_Free_selection_details            ? 
_refine.pdbx_overall_ESU_R                       ? 
_refine.pdbx_overall_ESU_R_Free                  ? 
_refine.overall_SU_ML                            ? 
_refine.overall_SU_B                             ? 
_refine.pdbx_refine_id                           'X-RAY DIFFRACTION' 
_refine.pdbx_diffrn_id                           1 
_refine.pdbx_TLS_residual_ADP_flag               ? 
_refine.correlation_coeff_Fo_to_Fc               ? 
_refine.correlation_coeff_Fo_to_Fc_free          ? 
_refine.pdbx_solvent_vdw_probe_radii             ? 
_refine.pdbx_solvent_ion_probe_radii             ? 
_refine.pdbx_solvent_shrinkage_radii             ? 
_refine.pdbx_overall_phase_error                 ? 
_refine.overall_SU_R_Cruickshank_DPI             ? 
_refine.pdbx_overall_SU_R_free_Cruickshank_DPI   ? 
_refine.pdbx_overall_SU_R_Blow_DPI               ? 
_refine.pdbx_overall_SU_R_free_Blow_DPI          ? 
# 
_refine_hist.pdbx_refine_id                   'X-RAY DIFFRACTION' 
_refine_hist.cycle_id                         LAST 
_refine_hist.pdbx_number_atoms_protein        988 
_refine_hist.pdbx_number_atoms_nucleic_acid   0 
_refine_hist.pdbx_number_atoms_ligand         41 
_refine_hist.number_atoms_solvent             101 
_refine_hist.number_atoms_total               1130 
_refine_hist.d_res_high                       2.4 
_refine_hist.d_res_low                        8. 
# 
loop_
_refine_ls_restr.type 
_refine_ls_restr.dev_ideal 
_refine_ls_restr.dev_ideal_target 
_refine_ls_restr.weight 
_refine_ls_restr.number 
_refine_ls_restr.pdbx_refine_id 
_refine_ls_restr.pdbx_restraint_function 
x_bond_d                0.018 ? ? ? 'X-RAY DIFFRACTION' ? 
x_bond_d_na             ?     ? ? ? 'X-RAY DIFFRACTION' ? 
x_bond_d_prot           ?     ? ? ? 'X-RAY DIFFRACTION' ? 
x_angle_d               ?     ? ? ? 'X-RAY DIFFRACTION' ? 
x_angle_d_na            ?     ? ? ? 'X-RAY DIFFRACTION' ? 
x_angle_d_prot          ?     ? ? ? 'X-RAY DIFFRACTION' ? 
x_angle_deg             2.106 ? ? ? 'X-RAY DIFFRACTION' ? 
x_angle_deg_na          ?     ? ? ? 'X-RAY DIFFRACTION' ? 
x_angle_deg_prot        ?     ? ? ? 'X-RAY DIFFRACTION' ? 
x_dihedral_angle_d      25.70 ? ? ? 'X-RAY DIFFRACTION' ? 
x_dihedral_angle_d_na   ?     ? ? ? 'X-RAY DIFFRACTION' ? 
x_dihedral_angle_d_prot ?     ? ? ? 'X-RAY DIFFRACTION' ? 
x_improper_angle_d      1.882 ? ? ? 'X-RAY DIFFRACTION' ? 
x_improper_angle_d_na   ?     ? ? ? 'X-RAY DIFFRACTION' ? 
x_improper_angle_d_prot ?     ? ? ? 'X-RAY DIFFRACTION' ? 
x_mcbond_it             ?     ? ? ? 'X-RAY DIFFRACTION' ? 
x_mcangle_it            ?     ? ? ? 'X-RAY DIFFRACTION' ? 
x_scbond_it             ?     ? ? ? 'X-RAY DIFFRACTION' ? 
x_scangle_it            ?     ? ? ? 'X-RAY DIFFRACTION' ? 
# 
_struct.entry_id                  3FIT 
_struct.title                     'FHIT (FRAGILE HISTIDINE TRIAD PROTEIN) IN COMPLEX WITH ADENOSINE/SULFATE AMP ANALOG' 
_struct.pdbx_model_details        ? 
_struct.pdbx_CASP_flag            ? 
_struct.pdbx_model_type_details   ? 
# 
_struct_keywords.entry_id        3FIT 
_struct_keywords.pdbx_keywords   'COMPLEX (CHROMOSOMAL TRANSLOCATION/ADE)' 
_struct_keywords.text            
;FHIT, FRAGILE HISTIDINE TRIAD PROTEIN, PUTATIVE HUMAN TUMOR SUPPRESSOR, ADVANCED PHOTON SOURCE, APS, HIT PROTEIN FAMILY, PKCI, COMPLEX (CHROMOSOMAL TRANSLOCATION-ADE), COMPLEX (CHROMOSOMAL TRANSLOCATION-ADE) complex
;
# 
loop_
_struct_asym.id 
_struct_asym.pdbx_blank_PDB_chainid_flag 
_struct_asym.pdbx_modified 
_struct_asym.entity_id 
_struct_asym.details 
A N N 1 ? 
B N N 2 ? 
C N N 3 ? 
D N N 3 ? 
E N N 4 ? 
F N N 5 ? 
# 
_struct_ref.id                         1 
_struct_ref.db_name                    UNP 
_struct_ref.db_code                    FHIT_HUMAN 
_struct_ref.entity_id                  1 
_struct_ref.pdbx_db_accession          P49789 
_struct_ref.pdbx_align_begin           1 
_struct_ref.pdbx_seq_one_letter_code   
;MSFRFGQHLIKPSVVFLKTELSFALVNRKPVVPGHVLVCPLRPVERFHDLRPDEVADLFQTTQRVGTVVEKHFHGTSLTF
SMQDGPEAGQTVKHVHVHVLPRKAGDFHRNDSIYEELQKHDKEDFPASWRSEEEMAAEAAALRVYFQ
;
_struct_ref.pdbx_db_isoform            ? 
# 
_struct_ref_seq.align_id                      1 
_struct_ref_seq.ref_id                        1 
_struct_ref_seq.pdbx_PDB_id_code              3FIT 
_struct_ref_seq.pdbx_strand_id                A 
_struct_ref_seq.seq_align_beg                 1 
_struct_ref_seq.pdbx_seq_align_beg_ins_code   ? 
_struct_ref_seq.seq_align_end                 147 
_struct_ref_seq.pdbx_seq_align_end_ins_code   ? 
_struct_ref_seq.pdbx_db_accession             P49789 
_struct_ref_seq.db_align_beg                  1 
_struct_ref_seq.pdbx_db_align_beg_ins_code    ? 
_struct_ref_seq.db_align_end                  147 
_struct_ref_seq.pdbx_db_align_end_ins_code    ? 
_struct_ref_seq.pdbx_auth_seq_align_beg       1 
_struct_ref_seq.pdbx_auth_seq_align_end       147 
# 
loop_
_struct_ref_seq_dif.align_id 
_struct_ref_seq_dif.pdbx_pdb_id_code 
_struct_ref_seq_dif.mon_id 
_struct_ref_seq_dif.pdbx_pdb_strand_id 
_struct_ref_seq_dif.seq_num 
_struct_ref_seq_dif.pdbx_pdb_ins_code 
_struct_ref_seq_dif.pdbx_seq_db_name 
_struct_ref_seq_dif.pdbx_seq_db_accession_code 
_struct_ref_seq_dif.db_mon_id 
_struct_ref_seq_dif.pdbx_seq_db_seq_num 
_struct_ref_seq_dif.details 
_struct_ref_seq_dif.pdbx_auth_seq_num 
_struct_ref_seq_dif.pdbx_ordinal 
1 3FIT MSE A 82  ? UNP P49789 MET 82  'modified residue' 82  1 
1 3FIT MSE A 135 ? UNP P49789 MET 135 'modified residue' 135 2 
# 
_pdbx_struct_assembly.id                   1 
_pdbx_struct_assembly.details              author_defined_assembly 
_pdbx_struct_assembly.method_details       ? 
_pdbx_struct_assembly.oligomeric_details   dimeric 
_pdbx_struct_assembly.oligomeric_count     2 
# 
_pdbx_struct_assembly_gen.assembly_id       1 
_pdbx_struct_assembly_gen.oper_expression   1,2 
_pdbx_struct_assembly_gen.asym_id_list      A,B,C,D,E,F 
# 
loop_
_pdbx_struct_oper_list.id 
_pdbx_struct_oper_list.type 
_pdbx_struct_oper_list.name 
_pdbx_struct_oper_list.symmetry_operation 
_pdbx_struct_oper_list.matrix[1][1] 
_pdbx_struct_oper_list.matrix[1][2] 
_pdbx_struct_oper_list.matrix[1][3] 
_pdbx_struct_oper_list.vector[1] 
_pdbx_struct_oper_list.matrix[2][1] 
_pdbx_struct_oper_list.matrix[2][2] 
_pdbx_struct_oper_list.matrix[2][3] 
_pdbx_struct_oper_list.vector[2] 
_pdbx_struct_oper_list.matrix[3][1] 
_pdbx_struct_oper_list.matrix[3][2] 
_pdbx_struct_oper_list.matrix[3][3] 
_pdbx_struct_oper_list.vector[3] 
1 'identity operation'         1_555  x,y,z        1.0000000000  0.0000000000  0.0000000000 0.0000000000  0.0000000000  1.0000000000  0.0000000000  0.0000000000 0.0000000000 0.0000000000  1.0000000000  0.0000000000   
2 'crystal symmetry operation' 12_555 x,x-y,-z+1/6 -0.1965513649 -0.6159830077 0.7628450008 16.8887594977 -0.6159830077 -0.5277419748 -0.5848532656 2.5694181665 0.7628450008 -0.5848532656 -0.2757066604 -15.7129335906 
# 
_struct_biol.id   1 
# 
loop_
_struct_conf.conf_type_id 
_struct_conf.id 
_struct_conf.pdbx_PDB_helix_id 
_struct_conf.beg_label_comp_id 
_struct_conf.beg_label_asym_id 
_struct_conf.beg_label_seq_id 
_struct_conf.pdbx_beg_PDB_ins_code 
_struct_conf.end_label_comp_id 
_struct_conf.end_label_asym_id 
_struct_conf.end_label_seq_id 
_struct_conf.pdbx_end_PDB_ins_code 
_struct_conf.beg_auth_comp_id 
_struct_conf.beg_auth_asym_id 
_struct_conf.beg_auth_seq_id 
_struct_conf.end_auth_comp_id 
_struct_conf.end_auth_asym_id 
_struct_conf.end_auth_seq_id 
_struct_conf.pdbx_PDB_helix_class 
_struct_conf.details 
_struct_conf.pdbx_PDB_helix_length 
HELX_P HELX_P1 1 PRO A 12  ? VAL A 14  ? PRO A 12  VAL A 14  5 ? 3  
HELX_P HELX_P2 2 PHE A 47  ? ASP A 49  ? PHE A 47  ASP A 49  5 ? 3  
HELX_P HELX_P3 3 PRO A 52  ? HIS A 72  ? PRO A 52  HIS A 72  1 ? 21 
HELX_P HELX_P4 4 PRO A 86  ? ALA A 88  ? PRO A 86  ALA A 88  5 ? 3  
HELX_P HELX_P5 5 GLU A 132 ? VAL A 144 ? GLU A 132 VAL A 144 5 ? 13 
# 
_struct_conf_type.id          HELX_P 
_struct_conf_type.criteria    ? 
_struct_conf_type.reference   ? 
# 
loop_
_struct_conn.id 
_struct_conn.conn_type_id 
_struct_conn.pdbx_leaving_atom_flag 
_struct_conn.pdbx_PDB_id 
_struct_conn.ptnr1_label_asym_id 
_struct_conn.ptnr1_label_comp_id 
_struct_conn.ptnr1_label_seq_id 
_struct_conn.ptnr1_label_atom_id 
_struct_conn.pdbx_ptnr1_label_alt_id 
_struct_conn.pdbx_ptnr1_PDB_ins_code 
_struct_conn.pdbx_ptnr1_standard_comp_id 
_struct_conn.ptnr1_symmetry 
_struct_conn.ptnr2_label_asym_id 
_struct_conn.ptnr2_label_comp_id 
_struct_conn.ptnr2_label_seq_id 
_struct_conn.ptnr2_label_atom_id 
_struct_conn.pdbx_ptnr2_label_alt_id 
_struct_conn.pdbx_ptnr2_PDB_ins_code 
_struct_conn.ptnr1_auth_asym_id 
_struct_conn.ptnr1_auth_comp_id 
_struct_conn.ptnr1_auth_seq_id 
_struct_conn.ptnr2_auth_asym_id 
_struct_conn.ptnr2_auth_comp_id 
_struct_conn.ptnr2_auth_seq_id 
_struct_conn.ptnr2_symmetry 
_struct_conn.pdbx_ptnr3_label_atom_id 
_struct_conn.pdbx_ptnr3_label_seq_id 
_struct_conn.pdbx_ptnr3_label_comp_id 
_struct_conn.pdbx_ptnr3_label_asym_id 
_struct_conn.pdbx_ptnr3_label_alt_id 
_struct_conn.pdbx_ptnr3_PDB_ins_code 
_struct_conn.details 
_struct_conn.pdbx_dist_value 
_struct_conn.pdbx_value_order 
_struct_conn.pdbx_role 
covale1 covale both ? A SER 81  C ? ? ? 1_555 A MSE 82  N ? ? A SER 81  A MSE 82  1_555 ? ? ? ? ? ? ? 1.330 ? ? 
covale2 covale both ? A MSE 82  C ? ? ? 1_555 A GLN 83  N ? ? A MSE 82  A GLN 83  1_555 ? ? ? ? ? ? ? 1.329 ? ? 
covale3 covale both ? A GLU 134 C ? ? ? 1_555 A MSE 135 N ? ? A GLU 134 A MSE 135 1_555 ? ? ? ? ? ? ? 1.328 ? ? 
covale4 covale both ? A MSE 135 C ? ? ? 1_555 A ALA 136 N ? ? A MSE 135 A ALA 136 1_555 ? ? ? ? ? ? ? 1.320 ? ? 
# 
_struct_conn_type.id          covale 
_struct_conn_type.criteria    ? 
_struct_conn_type.reference   ? 
# 
loop_
_pdbx_modification_feature.ordinal 
_pdbx_modification_feature.label_comp_id 
_pdbx_modification_feature.label_asym_id 
_pdbx_modification_feature.label_seq_id 
_pdbx_modification_feature.label_alt_id 
_pdbx_modification_feature.modified_residue_label_comp_id 
_pdbx_modification_feature.modified_residue_label_asym_id 
_pdbx_modification_feature.modified_residue_label_seq_id 
_pdbx_modification_feature.modified_residue_label_alt_id 
_pdbx_modification_feature.auth_comp_id 
_pdbx_modification_feature.auth_asym_id 
_pdbx_modification_feature.auth_seq_id 
_pdbx_modification_feature.PDB_ins_code 
_pdbx_modification_feature.symmetry 
_pdbx_modification_feature.modified_residue_auth_comp_id 
_pdbx_modification_feature.modified_residue_auth_asym_id 
_pdbx_modification_feature.modified_residue_auth_seq_id 
_pdbx_modification_feature.modified_residue_PDB_ins_code 
_pdbx_modification_feature.modified_residue_symmetry 
_pdbx_modification_feature.comp_id_linking_atom 
_pdbx_modification_feature.modified_residue_id_linking_atom 
_pdbx_modification_feature.modified_residue_id 
_pdbx_modification_feature.ref_pcm_id 
_pdbx_modification_feature.ref_comp_id 
_pdbx_modification_feature.type 
_pdbx_modification_feature.category 
1 MSE A 82  ? . . . . MSE A 82  ? 1_555 . . . . . . . MET 1 MSE Selenomethionine 'Named protein modification' 
2 MSE A 135 ? . . . . MSE A 135 ? 1_555 . . . . . . . MET 1 MSE Selenomethionine 'Named protein modification' 
# 
loop_
_struct_sheet.id 
_struct_sheet.type 
_struct_sheet.number_strands 
_struct_sheet.details 
A ? 2 ? 
B ? 5 ? 
# 
loop_
_struct_sheet_order.sheet_id 
_struct_sheet_order.range_id_1 
_struct_sheet_order.range_id_2 
_struct_sheet_order.offset 
_struct_sheet_order.sense 
A 1 2 ? anti-parallel 
B 1 2 ? anti-parallel 
B 2 3 ? anti-parallel 
B 3 4 ? anti-parallel 
B 4 5 ? anti-parallel 
# 
loop_
_struct_sheet_range.sheet_id 
_struct_sheet_range.id 
_struct_sheet_range.beg_label_comp_id 
_struct_sheet_range.beg_label_asym_id 
_struct_sheet_range.beg_label_seq_id 
_struct_sheet_range.pdbx_beg_PDB_ins_code 
_struct_sheet_range.end_label_comp_id 
_struct_sheet_range.end_label_asym_id 
_struct_sheet_range.end_label_seq_id 
_struct_sheet_range.pdbx_end_PDB_ins_code 
_struct_sheet_range.beg_auth_comp_id 
_struct_sheet_range.beg_auth_asym_id 
_struct_sheet_range.beg_auth_seq_id 
_struct_sheet_range.end_auth_comp_id 
_struct_sheet_range.end_auth_asym_id 
_struct_sheet_range.end_auth_seq_id 
A 1 PHE A 3  ? PHE A 5   ? PHE A 3  PHE A 5   
A 2 HIS A 8  ? ILE A 10  ? HIS A 8  ILE A 10  
B 1 SER A 77 ? SER A 81  ? SER A 77 SER A 81  
B 2 HIS A 96 ? ARG A 102 ? HIS A 96 ARG A 102 
B 3 VAL A 36 ? PRO A 40  ? VAL A 36 PRO A 40  
B 4 SER A 22 ? VAL A 26  ? SER A 22 VAL A 26  
B 5 VAL A 15 ? LYS A 18  ? VAL A 15 LYS A 18  
# 
loop_
_pdbx_struct_sheet_hbond.sheet_id 
_pdbx_struct_sheet_hbond.range_id_1 
_pdbx_struct_sheet_hbond.range_id_2 
_pdbx_struct_sheet_hbond.range_1_label_atom_id 
_pdbx_struct_sheet_hbond.range_1_label_comp_id 
_pdbx_struct_sheet_hbond.range_1_label_asym_id 
_pdbx_struct_sheet_hbond.range_1_label_seq_id 
_pdbx_struct_sheet_hbond.range_1_PDB_ins_code 
_pdbx_struct_sheet_hbond.range_1_auth_atom_id 
_pdbx_struct_sheet_hbond.range_1_auth_comp_id 
_pdbx_struct_sheet_hbond.range_1_auth_asym_id 
_pdbx_struct_sheet_hbond.range_1_auth_seq_id 
_pdbx_struct_sheet_hbond.range_2_label_atom_id 
_pdbx_struct_sheet_hbond.range_2_label_comp_id 
_pdbx_struct_sheet_hbond.range_2_label_asym_id 
_pdbx_struct_sheet_hbond.range_2_label_seq_id 
_pdbx_struct_sheet_hbond.range_2_PDB_ins_code 
_pdbx_struct_sheet_hbond.range_2_auth_atom_id 
_pdbx_struct_sheet_hbond.range_2_auth_comp_id 
_pdbx_struct_sheet_hbond.range_2_auth_asym_id 
_pdbx_struct_sheet_hbond.range_2_auth_seq_id 
A 1 2 O PHE A 3  ? O PHE A 3  N ILE A 10  ? N ILE A 10  
B 1 2 O SER A 77 ? O SER A 77 N ARG A 102 ? N ARG A 102 
B 2 3 O VAL A 97 ? O VAL A 97 N VAL A 38  ? N VAL A 38  
B 3 4 O LEU A 37 ? O LEU A 37 N LEU A 25  ? N LEU A 25  
B 4 5 O ALA A 24 ? O ALA A 24 N LEU A 17  ? N LEU A 17  
# 
_struct_site.id                   AVE 
_struct_site.pdbx_evidence_code   Unknown 
_struct_site.pdbx_auth_asym_id    ? 
_struct_site.pdbx_auth_comp_id    ? 
_struct_site.pdbx_auth_seq_id     ? 
_struct_site.pdbx_auth_ins_code   ? 
_struct_site.pdbx_num_residues    1 
_struct_site.details              'CATALYTIC HISTIDINE.' 
# 
_struct_site_gen.id                   1 
_struct_site_gen.site_id              AVE 
_struct_site_gen.pdbx_num_res         1 
_struct_site_gen.label_comp_id        HIS 
_struct_site_gen.label_asym_id        A 
_struct_site_gen.label_seq_id         96 
_struct_site_gen.pdbx_auth_ins_code   ? 
_struct_site_gen.auth_comp_id         HIS 
_struct_site_gen.auth_asym_id         A 
_struct_site_gen.auth_seq_id          96 
_struct_site_gen.label_atom_id        . 
_struct_site_gen.label_alt_id         ? 
_struct_site_gen.symmetry             1_555 
_struct_site_gen.details              ? 
# 
_pdbx_entry_details.entry_id                   3FIT 
_pdbx_entry_details.compound_details           ? 
_pdbx_entry_details.source_details             ? 
_pdbx_entry_details.nonpolymer_details         ? 
_pdbx_entry_details.sequence_details           ? 
_pdbx_entry_details.has_ligand_of_interest     ? 
_pdbx_entry_details.has_protein_modification   Y 
# 
_pdbx_validate_torsion.id              1 
_pdbx_validate_torsion.PDB_model_num   1 
_pdbx_validate_torsion.auth_comp_id    THR 
_pdbx_validate_torsion.auth_asym_id    A 
_pdbx_validate_torsion.auth_seq_id     19 
_pdbx_validate_torsion.PDB_ins_code    ? 
_pdbx_validate_torsion.label_alt_id    ? 
_pdbx_validate_torsion.phi             -115.06 
_pdbx_validate_torsion.psi             -167.51 
# 
loop_
_pdbx_struct_mod_residue.id 
_pdbx_struct_mod_residue.label_asym_id 
_pdbx_struct_mod_residue.label_comp_id 
_pdbx_struct_mod_residue.label_seq_id 
_pdbx_struct_mod_residue.auth_asym_id 
_pdbx_struct_mod_residue.auth_comp_id 
_pdbx_struct_mod_residue.auth_seq_id 
_pdbx_struct_mod_residue.PDB_ins_code 
_pdbx_struct_mod_residue.parent_comp_id 
_pdbx_struct_mod_residue.details 
1 A MSE 82  A MSE 82  ? MET SELENOMETHIONINE 
2 A MSE 135 A MSE 135 ? MET SELENOMETHIONINE 
# 
loop_
_pdbx_unobs_or_zero_occ_residues.id 
_pdbx_unobs_or_zero_occ_residues.PDB_model_num 
_pdbx_unobs_or_zero_occ_residues.polymer_flag 
_pdbx_unobs_or_zero_occ_residues.occupancy_flag 
_pdbx_unobs_or_zero_occ_residues.auth_asym_id 
_pdbx_unobs_or_zero_occ_residues.auth_comp_id 
_pdbx_unobs_or_zero_occ_residues.auth_seq_id 
_pdbx_unobs_or_zero_occ_residues.PDB_ins_code 
_pdbx_unobs_or_zero_occ_residues.label_asym_id 
_pdbx_unobs_or_zero_occ_residues.label_comp_id 
_pdbx_unobs_or_zero_occ_residues.label_seq_id 
1  1 Y 1 A PHE 107 ? A PHE 107 
2  1 Y 1 A HIS 108 ? A HIS 108 
3  1 Y 1 A ARG 109 ? A ARG 109 
4  1 Y 1 A ASN 110 ? A ASN 110 
5  1 Y 1 A ASP 111 ? A ASP 111 
6  1 Y 1 A SER 112 ? A SER 112 
7  1 Y 1 A ILE 113 ? A ILE 113 
8  1 Y 1 A TYR 114 ? A TYR 114 
9  1 Y 1 A GLU 115 ? A GLU 115 
10 1 Y 1 A GLU 116 ? A GLU 116 
11 1 Y 1 A LEU 117 ? A LEU 117 
12 1 Y 1 A GLN 118 ? A GLN 118 
13 1 Y 1 A LYS 119 ? A LYS 119 
14 1 Y 1 A HIS 120 ? A HIS 120 
15 1 Y 1 A ASP 121 ? A ASP 121 
16 1 Y 1 A LYS 122 ? A LYS 122 
17 1 Y 1 A GLU 123 ? A GLU 123 
18 1 Y 1 A ASP 124 ? A ASP 124 
19 1 Y 1 A PHE 125 ? A PHE 125 
20 1 Y 1 A PRO 126 ? A PRO 126 
21 1 Y 1 A ALA 127 ? A ALA 127 
22 1 Y 1 A SER 128 ? A SER 128 
23 1 Y 1 A GLN 147 ? A GLN 147 
# 
loop_
_chem_comp_atom.comp_id 
_chem_comp_atom.atom_id 
_chem_comp_atom.type_symbol 
_chem_comp_atom.pdbx_aromatic_flag 
_chem_comp_atom.pdbx_stereo_config 
_chem_comp_atom.pdbx_ordinal 
ALA N      N  N N 1   
ALA CA     C  N S 2   
ALA C      C  N N 3   
ALA O      O  N N 4   
ALA CB     C  N N 5   
ALA OXT    O  N N 6   
ALA H      H  N N 7   
ALA H2     H  N N 8   
ALA HA     H  N N 9   
ALA HB1    H  N N 10  
ALA HB2    H  N N 11  
ALA HB3    H  N N 12  
ALA HXT    H  N N 13  
AMP P      P  N N 14  
AMP O1P    O  N N 15  
AMP O2P    O  N N 16  
AMP O3P    O  N N 17  
AMP "O5'"  O  N N 18  
AMP "C5'"  C  N N 19  
AMP "C4'"  C  N R 20  
AMP "O4'"  O  N N 21  
AMP "C3'"  C  N S 22  
AMP "O3'"  O  N N 23  
AMP "C2'"  C  N R 24  
AMP "O2'"  O  N N 25  
AMP "C1'"  C  N R 26  
AMP N9     N  Y N 27  
AMP C8     C  Y N 28  
AMP N7     N  Y N 29  
AMP C5     C  Y N 30  
AMP C6     C  Y N 31  
AMP N6     N  N N 32  
AMP N1     N  Y N 33  
AMP C2     C  Y N 34  
AMP N3     N  Y N 35  
AMP C4     C  Y N 36  
AMP HOP2   H  N N 37  
AMP HOP3   H  N N 38  
AMP "H5'1" H  N N 39  
AMP "H5'2" H  N N 40  
AMP "H4'"  H  N N 41  
AMP "H3'"  H  N N 42  
AMP "HO3'" H  N N 43  
AMP "H2'"  H  N N 44  
AMP "HO2'" H  N N 45  
AMP "H1'"  H  N N 46  
AMP H8     H  N N 47  
AMP HN61   H  N N 48  
AMP HN62   H  N N 49  
AMP H2     H  N N 50  
ARG N      N  N N 51  
ARG CA     C  N S 52  
ARG C      C  N N 53  
ARG O      O  N N 54  
ARG CB     C  N N 55  
ARG CG     C  N N 56  
ARG CD     C  N N 57  
ARG NE     N  N N 58  
ARG CZ     C  N N 59  
ARG NH1    N  N N 60  
ARG NH2    N  N N 61  
ARG OXT    O  N N 62  
ARG H      H  N N 63  
ARG H2     H  N N 64  
ARG HA     H  N N 65  
ARG HB2    H  N N 66  
ARG HB3    H  N N 67  
ARG HG2    H  N N 68  
ARG HG3    H  N N 69  
ARG HD2    H  N N 70  
ARG HD3    H  N N 71  
ARG HE     H  N N 72  
ARG HH11   H  N N 73  
ARG HH12   H  N N 74  
ARG HH21   H  N N 75  
ARG HH22   H  N N 76  
ARG HXT    H  N N 77  
ASN N      N  N N 78  
ASN CA     C  N S 79  
ASN C      C  N N 80  
ASN O      O  N N 81  
ASN CB     C  N N 82  
ASN CG     C  N N 83  
ASN OD1    O  N N 84  
ASN ND2    N  N N 85  
ASN OXT    O  N N 86  
ASN H      H  N N 87  
ASN H2     H  N N 88  
ASN HA     H  N N 89  
ASN HB2    H  N N 90  
ASN HB3    H  N N 91  
ASN HD21   H  N N 92  
ASN HD22   H  N N 93  
ASN HXT    H  N N 94  
ASP N      N  N N 95  
ASP CA     C  N S 96  
ASP C      C  N N 97  
ASP O      O  N N 98  
ASP CB     C  N N 99  
ASP CG     C  N N 100 
ASP OD1    O  N N 101 
ASP OD2    O  N N 102 
ASP OXT    O  N N 103 
ASP H      H  N N 104 
ASP H2     H  N N 105 
ASP HA     H  N N 106 
ASP HB2    H  N N 107 
ASP HB3    H  N N 108 
ASP HD2    H  N N 109 
ASP HXT    H  N N 110 
CYS N      N  N N 111 
CYS CA     C  N R 112 
CYS C      C  N N 113 
CYS O      O  N N 114 
CYS CB     C  N N 115 
CYS SG     S  N N 116 
CYS OXT    O  N N 117 
CYS H      H  N N 118 
CYS H2     H  N N 119 
CYS HA     H  N N 120 
CYS HB2    H  N N 121 
CYS HB3    H  N N 122 
CYS HG     H  N N 123 
CYS HXT    H  N N 124 
FRU C1     C  N N 125 
FRU C2     C  N R 126 
FRU C3     C  N S 127 
FRU C4     C  N S 128 
FRU C5     C  N R 129 
FRU C6     C  N N 130 
FRU O1     O  N N 131 
FRU O2     O  N N 132 
FRU O3     O  N N 133 
FRU O4     O  N N 134 
FRU O5     O  N N 135 
FRU O6     O  N N 136 
FRU H11    H  N N 137 
FRU H12    H  N N 138 
FRU H3     H  N N 139 
FRU H4     H  N N 140 
FRU H5     H  N N 141 
FRU H61    H  N N 142 
FRU H62    H  N N 143 
FRU HO1    H  N N 144 
FRU HO2    H  N N 145 
FRU HO3    H  N N 146 
FRU HO4    H  N N 147 
FRU HO6    H  N N 148 
GLN N      N  N N 149 
GLN CA     C  N S 150 
GLN C      C  N N 151 
GLN O      O  N N 152 
GLN CB     C  N N 153 
GLN CG     C  N N 154 
GLN CD     C  N N 155 
GLN OE1    O  N N 156 
GLN NE2    N  N N 157 
GLN OXT    O  N N 158 
GLN H      H  N N 159 
GLN H2     H  N N 160 
GLN HA     H  N N 161 
GLN HB2    H  N N 162 
GLN HB3    H  N N 163 
GLN HG2    H  N N 164 
GLN HG3    H  N N 165 
GLN HE21   H  N N 166 
GLN HE22   H  N N 167 
GLN HXT    H  N N 168 
GLU N      N  N N 169 
GLU CA     C  N S 170 
GLU C      C  N N 171 
GLU O      O  N N 172 
GLU CB     C  N N 173 
GLU CG     C  N N 174 
GLU CD     C  N N 175 
GLU OE1    O  N N 176 
GLU OE2    O  N N 177 
GLU OXT    O  N N 178 
GLU H      H  N N 179 
GLU H2     H  N N 180 
GLU HA     H  N N 181 
GLU HB2    H  N N 182 
GLU HB3    H  N N 183 
GLU HG2    H  N N 184 
GLU HG3    H  N N 185 
GLU HE2    H  N N 186 
GLU HXT    H  N N 187 
GLY N      N  N N 188 
GLY CA     C  N N 189 
GLY C      C  N N 190 
GLY O      O  N N 191 
GLY OXT    O  N N 192 
GLY H      H  N N 193 
GLY H2     H  N N 194 
GLY HA2    H  N N 195 
GLY HA3    H  N N 196 
GLY HXT    H  N N 197 
HIS N      N  N N 198 
HIS CA     C  N S 199 
HIS C      C  N N 200 
HIS O      O  N N 201 
HIS CB     C  N N 202 
HIS CG     C  Y N 203 
HIS ND1    N  Y N 204 
HIS CD2    C  Y N 205 
HIS CE1    C  Y N 206 
HIS NE2    N  Y N 207 
HIS OXT    O  N N 208 
HIS H      H  N N 209 
HIS H2     H  N N 210 
HIS HA     H  N N 211 
HIS HB2    H  N N 212 
HIS HB3    H  N N 213 
HIS HD1    H  N N 214 
HIS HD2    H  N N 215 
HIS HE1    H  N N 216 
HIS HE2    H  N N 217 
HIS HXT    H  N N 218 
HOH O      O  N N 219 
HOH H1     H  N N 220 
HOH H2     H  N N 221 
ILE N      N  N N 222 
ILE CA     C  N S 223 
ILE C      C  N N 224 
ILE O      O  N N 225 
ILE CB     C  N S 226 
ILE CG1    C  N N 227 
ILE CG2    C  N N 228 
ILE CD1    C  N N 229 
ILE OXT    O  N N 230 
ILE H      H  N N 231 
ILE H2     H  N N 232 
ILE HA     H  N N 233 
ILE HB     H  N N 234 
ILE HG12   H  N N 235 
ILE HG13   H  N N 236 
ILE HG21   H  N N 237 
ILE HG22   H  N N 238 
ILE HG23   H  N N 239 
ILE HD11   H  N N 240 
ILE HD12   H  N N 241 
ILE HD13   H  N N 242 
ILE HXT    H  N N 243 
LEU N      N  N N 244 
LEU CA     C  N S 245 
LEU C      C  N N 246 
LEU O      O  N N 247 
LEU CB     C  N N 248 
LEU CG     C  N N 249 
LEU CD1    C  N N 250 
LEU CD2    C  N N 251 
LEU OXT    O  N N 252 
LEU H      H  N N 253 
LEU H2     H  N N 254 
LEU HA     H  N N 255 
LEU HB2    H  N N 256 
LEU HB3    H  N N 257 
LEU HG     H  N N 258 
LEU HD11   H  N N 259 
LEU HD12   H  N N 260 
LEU HD13   H  N N 261 
LEU HD21   H  N N 262 
LEU HD22   H  N N 263 
LEU HD23   H  N N 264 
LEU HXT    H  N N 265 
LYS N      N  N N 266 
LYS CA     C  N S 267 
LYS C      C  N N 268 
LYS O      O  N N 269 
LYS CB     C  N N 270 
LYS CG     C  N N 271 
LYS CD     C  N N 272 
LYS CE     C  N N 273 
LYS NZ     N  N N 274 
LYS OXT    O  N N 275 
LYS H      H  N N 276 
LYS H2     H  N N 277 
LYS HA     H  N N 278 
LYS HB2    H  N N 279 
LYS HB3    H  N N 280 
LYS HG2    H  N N 281 
LYS HG3    H  N N 282 
LYS HD2    H  N N 283 
LYS HD3    H  N N 284 
LYS HE2    H  N N 285 
LYS HE3    H  N N 286 
LYS HZ1    H  N N 287 
LYS HZ2    H  N N 288 
LYS HZ3    H  N N 289 
LYS HXT    H  N N 290 
MET N      N  N N 291 
MET CA     C  N S 292 
MET C      C  N N 293 
MET O      O  N N 294 
MET CB     C  N N 295 
MET CG     C  N N 296 
MET SD     S  N N 297 
MET CE     C  N N 298 
MET OXT    O  N N 299 
MET H      H  N N 300 
MET H2     H  N N 301 
MET HA     H  N N 302 
MET HB2    H  N N 303 
MET HB3    H  N N 304 
MET HG2    H  N N 305 
MET HG3    H  N N 306 
MET HE1    H  N N 307 
MET HE2    H  N N 308 
MET HE3    H  N N 309 
MET HXT    H  N N 310 
MSE N      N  N N 311 
MSE CA     C  N S 312 
MSE C      C  N N 313 
MSE O      O  N N 314 
MSE OXT    O  N N 315 
MSE CB     C  N N 316 
MSE CG     C  N N 317 
MSE SE     SE N N 318 
MSE CE     C  N N 319 
MSE H      H  N N 320 
MSE H2     H  N N 321 
MSE HA     H  N N 322 
MSE HXT    H  N N 323 
MSE HB2    H  N N 324 
MSE HB3    H  N N 325 
MSE HG2    H  N N 326 
MSE HG3    H  N N 327 
MSE HE1    H  N N 328 
MSE HE2    H  N N 329 
MSE HE3    H  N N 330 
PHE N      N  N N 331 
PHE CA     C  N S 332 
PHE C      C  N N 333 
PHE O      O  N N 334 
PHE CB     C  N N 335 
PHE CG     C  Y N 336 
PHE CD1    C  Y N 337 
PHE CD2    C  Y N 338 
PHE CE1    C  Y N 339 
PHE CE2    C  Y N 340 
PHE CZ     C  Y N 341 
PHE OXT    O  N N 342 
PHE H      H  N N 343 
PHE H2     H  N N 344 
PHE HA     H  N N 345 
PHE HB2    H  N N 346 
PHE HB3    H  N N 347 
PHE HD1    H  N N 348 
PHE HD2    H  N N 349 
PHE HE1    H  N N 350 
PHE HE2    H  N N 351 
PHE HZ     H  N N 352 
PHE HXT    H  N N 353 
PRO N      N  N N 354 
PRO CA     C  N S 355 
PRO C      C  N N 356 
PRO O      O  N N 357 
PRO CB     C  N N 358 
PRO CG     C  N N 359 
PRO CD     C  N N 360 
PRO OXT    O  N N 361 
PRO H      H  N N 362 
PRO HA     H  N N 363 
PRO HB2    H  N N 364 
PRO HB3    H  N N 365 
PRO HG2    H  N N 366 
PRO HG3    H  N N 367 
PRO HD2    H  N N 368 
PRO HD3    H  N N 369 
PRO HXT    H  N N 370 
SER N      N  N N 371 
SER CA     C  N S 372 
SER C      C  N N 373 
SER O      O  N N 374 
SER CB     C  N N 375 
SER OG     O  N N 376 
SER OXT    O  N N 377 
SER H      H  N N 378 
SER H2     H  N N 379 
SER HA     H  N N 380 
SER HB2    H  N N 381 
SER HB3    H  N N 382 
SER HG     H  N N 383 
SER HXT    H  N N 384 
SO4 S      S  N N 385 
SO4 O1     O  N N 386 
SO4 O2     O  N N 387 
SO4 O3     O  N N 388 
SO4 O4     O  N N 389 
THR N      N  N N 390 
THR CA     C  N S 391 
THR C      C  N N 392 
THR O      O  N N 393 
THR CB     C  N R 394 
THR OG1    O  N N 395 
THR CG2    C  N N 396 
THR OXT    O  N N 397 
THR H      H  N N 398 
THR H2     H  N N 399 
THR HA     H  N N 400 
THR HB     H  N N 401 
THR HG1    H  N N 402 
THR HG21   H  N N 403 
THR HG22   H  N N 404 
THR HG23   H  N N 405 
THR HXT    H  N N 406 
TRP N      N  N N 407 
TRP CA     C  N S 408 
TRP C      C  N N 409 
TRP O      O  N N 410 
TRP CB     C  N N 411 
TRP CG     C  Y N 412 
TRP CD1    C  Y N 413 
TRP CD2    C  Y N 414 
TRP NE1    N  Y N 415 
TRP CE2    C  Y N 416 
TRP CE3    C  Y N 417 
TRP CZ2    C  Y N 418 
TRP CZ3    C  Y N 419 
TRP CH2    C  Y N 420 
TRP OXT    O  N N 421 
TRP H      H  N N 422 
TRP H2     H  N N 423 
TRP HA     H  N N 424 
TRP HB2    H  N N 425 
TRP HB3    H  N N 426 
TRP HD1    H  N N 427 
TRP HE1    H  N N 428 
TRP HE3    H  N N 429 
TRP HZ2    H  N N 430 
TRP HZ3    H  N N 431 
TRP HH2    H  N N 432 
TRP HXT    H  N N 433 
TYR N      N  N N 434 
TYR CA     C  N S 435 
TYR C      C  N N 436 
TYR O      O  N N 437 
TYR CB     C  N N 438 
TYR CG     C  Y N 439 
TYR CD1    C  Y N 440 
TYR CD2    C  Y N 441 
TYR CE1    C  Y N 442 
TYR CE2    C  Y N 443 
TYR CZ     C  Y N 444 
TYR OH     O  N N 445 
TYR OXT    O  N N 446 
TYR H      H  N N 447 
TYR H2     H  N N 448 
TYR HA     H  N N 449 
TYR HB2    H  N N 450 
TYR HB3    H  N N 451 
TYR HD1    H  N N 452 
TYR HD2    H  N N 453 
TYR HE1    H  N N 454 
TYR HE2    H  N N 455 
TYR HH     H  N N 456 
TYR HXT    H  N N 457 
VAL N      N  N N 458 
VAL CA     C  N S 459 
VAL C      C  N N 460 
VAL O      O  N N 461 
VAL CB     C  N N 462 
VAL CG1    C  N N 463 
VAL CG2    C  N N 464 
VAL OXT    O  N N 465 
VAL H      H  N N 466 
VAL H2     H  N N 467 
VAL HA     H  N N 468 
VAL HB     H  N N 469 
VAL HG11   H  N N 470 
VAL HG12   H  N N 471 
VAL HG13   H  N N 472 
VAL HG21   H  N N 473 
VAL HG22   H  N N 474 
VAL HG23   H  N N 475 
VAL HXT    H  N N 476 
# 
loop_
_chem_comp_bond.comp_id 
_chem_comp_bond.atom_id_1 
_chem_comp_bond.atom_id_2 
_chem_comp_bond.value_order 
_chem_comp_bond.pdbx_aromatic_flag 
_chem_comp_bond.pdbx_stereo_config 
_chem_comp_bond.pdbx_ordinal 
ALA N     CA     sing N N 1   
ALA N     H      sing N N 2   
ALA N     H2     sing N N 3   
ALA CA    C      sing N N 4   
ALA CA    CB     sing N N 5   
ALA CA    HA     sing N N 6   
ALA C     O      doub N N 7   
ALA C     OXT    sing N N 8   
ALA CB    HB1    sing N N 9   
ALA CB    HB2    sing N N 10  
ALA CB    HB3    sing N N 11  
ALA OXT   HXT    sing N N 12  
AMP P     O1P    doub N N 13  
AMP P     O2P    sing N N 14  
AMP P     O3P    sing N N 15  
AMP P     "O5'"  sing N N 16  
AMP O2P   HOP2   sing N N 17  
AMP O3P   HOP3   sing N N 18  
AMP "O5'" "C5'"  sing N N 19  
AMP "C5'" "C4'"  sing N N 20  
AMP "C5'" "H5'1" sing N N 21  
AMP "C5'" "H5'2" sing N N 22  
AMP "C4'" "O4'"  sing N N 23  
AMP "C4'" "C3'"  sing N N 24  
AMP "C4'" "H4'"  sing N N 25  
AMP "O4'" "C1'"  sing N N 26  
AMP "C3'" "O3'"  sing N N 27  
AMP "C3'" "C2'"  sing N N 28  
AMP "C3'" "H3'"  sing N N 29  
AMP "O3'" "HO3'" sing N N 30  
AMP "C2'" "O2'"  sing N N 31  
AMP "C2'" "C1'"  sing N N 32  
AMP "C2'" "H2'"  sing N N 33  
AMP "O2'" "HO2'" sing N N 34  
AMP "C1'" N9     sing N N 35  
AMP "C1'" "H1'"  sing N N 36  
AMP N9    C8     sing Y N 37  
AMP N9    C4     sing Y N 38  
AMP C8    N7     doub Y N 39  
AMP C8    H8     sing N N 40  
AMP N7    C5     sing Y N 41  
AMP C5    C6     sing Y N 42  
AMP C5    C4     doub Y N 43  
AMP C6    N6     sing N N 44  
AMP C6    N1     doub Y N 45  
AMP N6    HN61   sing N N 46  
AMP N6    HN62   sing N N 47  
AMP N1    C2     sing Y N 48  
AMP C2    N3     doub Y N 49  
AMP C2    H2     sing N N 50  
AMP N3    C4     sing Y N 51  
ARG N     CA     sing N N 52  
ARG N     H      sing N N 53  
ARG N     H2     sing N N 54  
ARG CA    C      sing N N 55  
ARG CA    CB     sing N N 56  
ARG CA    HA     sing N N 57  
ARG C     O      doub N N 58  
ARG C     OXT    sing N N 59  
ARG CB    CG     sing N N 60  
ARG CB    HB2    sing N N 61  
ARG CB    HB3    sing N N 62  
ARG CG    CD     sing N N 63  
ARG CG    HG2    sing N N 64  
ARG CG    HG3    sing N N 65  
ARG CD    NE     sing N N 66  
ARG CD    HD2    sing N N 67  
ARG CD    HD3    sing N N 68  
ARG NE    CZ     sing N N 69  
ARG NE    HE     sing N N 70  
ARG CZ    NH1    sing N N 71  
ARG CZ    NH2    doub N N 72  
ARG NH1   HH11   sing N N 73  
ARG NH1   HH12   sing N N 74  
ARG NH2   HH21   sing N N 75  
ARG NH2   HH22   sing N N 76  
ARG OXT   HXT    sing N N 77  
ASN N     CA     sing N N 78  
ASN N     H      sing N N 79  
ASN N     H2     sing N N 80  
ASN CA    C      sing N N 81  
ASN CA    CB     sing N N 82  
ASN CA    HA     sing N N 83  
ASN C     O      doub N N 84  
ASN C     OXT    sing N N 85  
ASN CB    CG     sing N N 86  
ASN CB    HB2    sing N N 87  
ASN CB    HB3    sing N N 88  
ASN CG    OD1    doub N N 89  
ASN CG    ND2    sing N N 90  
ASN ND2   HD21   sing N N 91  
ASN ND2   HD22   sing N N 92  
ASN OXT   HXT    sing N N 93  
ASP N     CA     sing N N 94  
ASP N     H      sing N N 95  
ASP N     H2     sing N N 96  
ASP CA    C      sing N N 97  
ASP CA    CB     sing N N 98  
ASP CA    HA     sing N N 99  
ASP C     O      doub N N 100 
ASP C     OXT    sing N N 101 
ASP CB    CG     sing N N 102 
ASP CB    HB2    sing N N 103 
ASP CB    HB3    sing N N 104 
ASP CG    OD1    doub N N 105 
ASP CG    OD2    sing N N 106 
ASP OD2   HD2    sing N N 107 
ASP OXT   HXT    sing N N 108 
CYS N     CA     sing N N 109 
CYS N     H      sing N N 110 
CYS N     H2     sing N N 111 
CYS CA    C      sing N N 112 
CYS CA    CB     sing N N 113 
CYS CA    HA     sing N N 114 
CYS C     O      doub N N 115 
CYS C     OXT    sing N N 116 
CYS CB    SG     sing N N 117 
CYS CB    HB2    sing N N 118 
CYS CB    HB3    sing N N 119 
CYS SG    HG     sing N N 120 
CYS OXT   HXT    sing N N 121 
FRU C1    C2     sing N N 122 
FRU C1    O1     sing N N 123 
FRU C1    H11    sing N N 124 
FRU C1    H12    sing N N 125 
FRU C2    C3     sing N N 126 
FRU C2    O2     sing N N 127 
FRU C2    O5     sing N N 128 
FRU C3    C4     sing N N 129 
FRU C3    O3     sing N N 130 
FRU C3    H3     sing N N 131 
FRU C4    C5     sing N N 132 
FRU C4    O4     sing N N 133 
FRU C4    H4     sing N N 134 
FRU C5    C6     sing N N 135 
FRU C5    O5     sing N N 136 
FRU C5    H5     sing N N 137 
FRU C6    O6     sing N N 138 
FRU C6    H61    sing N N 139 
FRU C6    H62    sing N N 140 
FRU O1    HO1    sing N N 141 
FRU O2    HO2    sing N N 142 
FRU O3    HO3    sing N N 143 
FRU O4    HO4    sing N N 144 
FRU O6    HO6    sing N N 145 
GLN N     CA     sing N N 146 
GLN N     H      sing N N 147 
GLN N     H2     sing N N 148 
GLN CA    C      sing N N 149 
GLN CA    CB     sing N N 150 
GLN CA    HA     sing N N 151 
GLN C     O      doub N N 152 
GLN C     OXT    sing N N 153 
GLN CB    CG     sing N N 154 
GLN CB    HB2    sing N N 155 
GLN CB    HB3    sing N N 156 
GLN CG    CD     sing N N 157 
GLN CG    HG2    sing N N 158 
GLN CG    HG3    sing N N 159 
GLN CD    OE1    doub N N 160 
GLN CD    NE2    sing N N 161 
GLN NE2   HE21   sing N N 162 
GLN NE2   HE22   sing N N 163 
GLN OXT   HXT    sing N N 164 
GLU N     CA     sing N N 165 
GLU N     H      sing N N 166 
GLU N     H2     sing N N 167 
GLU CA    C      sing N N 168 
GLU CA    CB     sing N N 169 
GLU CA    HA     sing N N 170 
GLU C     O      doub N N 171 
GLU C     OXT    sing N N 172 
GLU CB    CG     sing N N 173 
GLU CB    HB2    sing N N 174 
GLU CB    HB3    sing N N 175 
GLU CG    CD     sing N N 176 
GLU CG    HG2    sing N N 177 
GLU CG    HG3    sing N N 178 
GLU CD    OE1    doub N N 179 
GLU CD    OE2    sing N N 180 
GLU OE2   HE2    sing N N 181 
GLU OXT   HXT    sing N N 182 
GLY N     CA     sing N N 183 
GLY N     H      sing N N 184 
GLY N     H2     sing N N 185 
GLY CA    C      sing N N 186 
GLY CA    HA2    sing N N 187 
GLY CA    HA3    sing N N 188 
GLY C     O      doub N N 189 
GLY C     OXT    sing N N 190 
GLY OXT   HXT    sing N N 191 
HIS N     CA     sing N N 192 
HIS N     H      sing N N 193 
HIS N     H2     sing N N 194 
HIS CA    C      sing N N 195 
HIS CA    CB     sing N N 196 
HIS CA    HA     sing N N 197 
HIS C     O      doub N N 198 
HIS C     OXT    sing N N 199 
HIS CB    CG     sing N N 200 
HIS CB    HB2    sing N N 201 
HIS CB    HB3    sing N N 202 
HIS CG    ND1    sing Y N 203 
HIS CG    CD2    doub Y N 204 
HIS ND1   CE1    doub Y N 205 
HIS ND1   HD1    sing N N 206 
HIS CD2   NE2    sing Y N 207 
HIS CD2   HD2    sing N N 208 
HIS CE1   NE2    sing Y N 209 
HIS CE1   HE1    sing N N 210 
HIS NE2   HE2    sing N N 211 
HIS OXT   HXT    sing N N 212 
HOH O     H1     sing N N 213 
HOH O     H2     sing N N 214 
ILE N     CA     sing N N 215 
ILE N     H      sing N N 216 
ILE N     H2     sing N N 217 
ILE CA    C      sing N N 218 
ILE CA    CB     sing N N 219 
ILE CA    HA     sing N N 220 
ILE C     O      doub N N 221 
ILE C     OXT    sing N N 222 
ILE CB    CG1    sing N N 223 
ILE CB    CG2    sing N N 224 
ILE CB    HB     sing N N 225 
ILE CG1   CD1    sing N N 226 
ILE CG1   HG12   sing N N 227 
ILE CG1   HG13   sing N N 228 
ILE CG2   HG21   sing N N 229 
ILE CG2   HG22   sing N N 230 
ILE CG2   HG23   sing N N 231 
ILE CD1   HD11   sing N N 232 
ILE CD1   HD12   sing N N 233 
ILE CD1   HD13   sing N N 234 
ILE OXT   HXT    sing N N 235 
LEU N     CA     sing N N 236 
LEU N     H      sing N N 237 
LEU N     H2     sing N N 238 
LEU CA    C      sing N N 239 
LEU CA    CB     sing N N 240 
LEU CA    HA     sing N N 241 
LEU C     O      doub N N 242 
LEU C     OXT    sing N N 243 
LEU CB    CG     sing N N 244 
LEU CB    HB2    sing N N 245 
LEU CB    HB3    sing N N 246 
LEU CG    CD1    sing N N 247 
LEU CG    CD2    sing N N 248 
LEU CG    HG     sing N N 249 
LEU CD1   HD11   sing N N 250 
LEU CD1   HD12   sing N N 251 
LEU CD1   HD13   sing N N 252 
LEU CD2   HD21   sing N N 253 
LEU CD2   HD22   sing N N 254 
LEU CD2   HD23   sing N N 255 
LEU OXT   HXT    sing N N 256 
LYS N     CA     sing N N 257 
LYS N     H      sing N N 258 
LYS N     H2     sing N N 259 
LYS CA    C      sing N N 260 
LYS CA    CB     sing N N 261 
LYS CA    HA     sing N N 262 
LYS C     O      doub N N 263 
LYS C     OXT    sing N N 264 
LYS CB    CG     sing N N 265 
LYS CB    HB2    sing N N 266 
LYS CB    HB3    sing N N 267 
LYS CG    CD     sing N N 268 
LYS CG    HG2    sing N N 269 
LYS CG    HG3    sing N N 270 
LYS CD    CE     sing N N 271 
LYS CD    HD2    sing N N 272 
LYS CD    HD3    sing N N 273 
LYS CE    NZ     sing N N 274 
LYS CE    HE2    sing N N 275 
LYS CE    HE3    sing N N 276 
LYS NZ    HZ1    sing N N 277 
LYS NZ    HZ2    sing N N 278 
LYS NZ    HZ3    sing N N 279 
LYS OXT   HXT    sing N N 280 
MET N     CA     sing N N 281 
MET N     H      sing N N 282 
MET N     H2     sing N N 283 
MET CA    C      sing N N 284 
MET CA    CB     sing N N 285 
MET CA    HA     sing N N 286 
MET C     O      doub N N 287 
MET C     OXT    sing N N 288 
MET CB    CG     sing N N 289 
MET CB    HB2    sing N N 290 
MET CB    HB3    sing N N 291 
MET CG    SD     sing N N 292 
MET CG    HG2    sing N N 293 
MET CG    HG3    sing N N 294 
MET SD    CE     sing N N 295 
MET CE    HE1    sing N N 296 
MET CE    HE2    sing N N 297 
MET CE    HE3    sing N N 298 
MET OXT   HXT    sing N N 299 
MSE N     CA     sing N N 300 
MSE N     H      sing N N 301 
MSE N     H2     sing N N 302 
MSE CA    C      sing N N 303 
MSE CA    CB     sing N N 304 
MSE CA    HA     sing N N 305 
MSE C     O      doub N N 306 
MSE C     OXT    sing N N 307 
MSE OXT   HXT    sing N N 308 
MSE CB    CG     sing N N 309 
MSE CB    HB2    sing N N 310 
MSE CB    HB3    sing N N 311 
MSE CG    SE     sing N N 312 
MSE CG    HG2    sing N N 313 
MSE CG    HG3    sing N N 314 
MSE SE    CE     sing N N 315 
MSE CE    HE1    sing N N 316 
MSE CE    HE2    sing N N 317 
MSE CE    HE3    sing N N 318 
PHE N     CA     sing N N 319 
PHE N     H      sing N N 320 
PHE N     H2     sing N N 321 
PHE CA    C      sing N N 322 
PHE CA    CB     sing N N 323 
PHE CA    HA     sing N N 324 
PHE C     O      doub N N 325 
PHE C     OXT    sing N N 326 
PHE CB    CG     sing N N 327 
PHE CB    HB2    sing N N 328 
PHE CB    HB3    sing N N 329 
PHE CG    CD1    doub Y N 330 
PHE CG    CD2    sing Y N 331 
PHE CD1   CE1    sing Y N 332 
PHE CD1   HD1    sing N N 333 
PHE CD2   CE2    doub Y N 334 
PHE CD2   HD2    sing N N 335 
PHE CE1   CZ     doub Y N 336 
PHE CE1   HE1    sing N N 337 
PHE CE2   CZ     sing Y N 338 
PHE CE2   HE2    sing N N 339 
PHE CZ    HZ     sing N N 340 
PHE OXT   HXT    sing N N 341 
PRO N     CA     sing N N 342 
PRO N     CD     sing N N 343 
PRO N     H      sing N N 344 
PRO CA    C      sing N N 345 
PRO CA    CB     sing N N 346 
PRO CA    HA     sing N N 347 
PRO C     O      doub N N 348 
PRO C     OXT    sing N N 349 
PRO CB    CG     sing N N 350 
PRO CB    HB2    sing N N 351 
PRO CB    HB3    sing N N 352 
PRO CG    CD     sing N N 353 
PRO CG    HG2    sing N N 354 
PRO CG    HG3    sing N N 355 
PRO CD    HD2    sing N N 356 
PRO CD    HD3    sing N N 357 
PRO OXT   HXT    sing N N 358 
SER N     CA     sing N N 359 
SER N     H      sing N N 360 
SER N     H2     sing N N 361 
SER CA    C      sing N N 362 
SER CA    CB     sing N N 363 
SER CA    HA     sing N N 364 
SER C     O      doub N N 365 
SER C     OXT    sing N N 366 
SER CB    OG     sing N N 367 
SER CB    HB2    sing N N 368 
SER CB    HB3    sing N N 369 
SER OG    HG     sing N N 370 
SER OXT   HXT    sing N N 371 
SO4 S     O1     doub N N 372 
SO4 S     O2     doub N N 373 
SO4 S     O3     sing N N 374 
SO4 S     O4     sing N N 375 
THR N     CA     sing N N 376 
THR N     H      sing N N 377 
THR N     H2     sing N N 378 
THR CA    C      sing N N 379 
THR CA    CB     sing N N 380 
THR CA    HA     sing N N 381 
THR C     O      doub N N 382 
THR C     OXT    sing N N 383 
THR CB    OG1    sing N N 384 
THR CB    CG2    sing N N 385 
THR CB    HB     sing N N 386 
THR OG1   HG1    sing N N 387 
THR CG2   HG21   sing N N 388 
THR CG2   HG22   sing N N 389 
THR CG2   HG23   sing N N 390 
THR OXT   HXT    sing N N 391 
TRP N     CA     sing N N 392 
TRP N     H      sing N N 393 
TRP N     H2     sing N N 394 
TRP CA    C      sing N N 395 
TRP CA    CB     sing N N 396 
TRP CA    HA     sing N N 397 
TRP C     O      doub N N 398 
TRP C     OXT    sing N N 399 
TRP CB    CG     sing N N 400 
TRP CB    HB2    sing N N 401 
TRP CB    HB3    sing N N 402 
TRP CG    CD1    doub Y N 403 
TRP CG    CD2    sing Y N 404 
TRP CD1   NE1    sing Y N 405 
TRP CD1   HD1    sing N N 406 
TRP CD2   CE2    doub Y N 407 
TRP CD2   CE3    sing Y N 408 
TRP NE1   CE2    sing Y N 409 
TRP NE1   HE1    sing N N 410 
TRP CE2   CZ2    sing Y N 411 
TRP CE3   CZ3    doub Y N 412 
TRP CE3   HE3    sing N N 413 
TRP CZ2   CH2    doub Y N 414 
TRP CZ2   HZ2    sing N N 415 
TRP CZ3   CH2    sing Y N 416 
TRP CZ3   HZ3    sing N N 417 
TRP CH2   HH2    sing N N 418 
TRP OXT   HXT    sing N N 419 
TYR N     CA     sing N N 420 
TYR N     H      sing N N 421 
TYR N     H2     sing N N 422 
TYR CA    C      sing N N 423 
TYR CA    CB     sing N N 424 
TYR CA    HA     sing N N 425 
TYR C     O      doub N N 426 
TYR C     OXT    sing N N 427 
TYR CB    CG     sing N N 428 
TYR CB    HB2    sing N N 429 
TYR CB    HB3    sing N N 430 
TYR CG    CD1    doub Y N 431 
TYR CG    CD2    sing Y N 432 
TYR CD1   CE1    sing Y N 433 
TYR CD1   HD1    sing N N 434 
TYR CD2   CE2    doub Y N 435 
TYR CD2   HD2    sing N N 436 
TYR CE1   CZ     doub Y N 437 
TYR CE1   HE1    sing N N 438 
TYR CE2   CZ     sing Y N 439 
TYR CE2   HE2    sing N N 440 
TYR CZ    OH     sing N N 441 
TYR OH    HH     sing N N 442 
TYR OXT   HXT    sing N N 443 
VAL N     CA     sing N N 444 
VAL N     H      sing N N 445 
VAL N     H2     sing N N 446 
VAL CA    C      sing N N 447 
VAL CA    CB     sing N N 448 
VAL CA    HA     sing N N 449 
VAL C     O      doub N N 450 
VAL C     OXT    sing N N 451 
VAL CB    CG1    sing N N 452 
VAL CB    CG2    sing N N 453 
VAL CB    HB     sing N N 454 
VAL CG1   HG11   sing N N 455 
VAL CG1   HG12   sing N N 456 
VAL CG1   HG13   sing N N 457 
VAL CG2   HG21   sing N N 458 
VAL CG2   HG22   sing N N 459 
VAL CG2   HG23   sing N N 460 
VAL OXT   HXT    sing N N 461 
# 
_atom_sites.entry_id                    3FIT 
_atom_sites.fract_transf_matrix[1][1]   0.01446394 
_atom_sites.fract_transf_matrix[1][2]   -0.01108913 
_atom_sites.fract_transf_matrix[1][3]   0.01373280 
_atom_sites.fract_transf_matrix[2][1]   -0.00189415 
_atom_sites.fract_transf_matrix[2][2]   0.00209243 
_atom_sites.fract_transf_matrix[2][3]   0.02264479 
_atom_sites.fract_transf_matrix[3][1]   -0.00231513 
_atom_sites.fract_transf_matrix[3][2]   -0.00292483 
_atom_sites.fract_transf_matrix[3][3]   0.00007661 
_atom_sites.fract_transf_vector[1]      0.558287 
_atom_sites.fract_transf_vector[2]      0.470356 
_atom_sites.fract_transf_vector[3]      0.107235 
# 
loop_
_atom_type.symbol 
C  
N  
O  
S  
SE 
# 
loop_
_atom_site.group_PDB 
_atom_site.id 
_atom_site.type_symbol 
_atom_site.label_atom_id 
_atom_site.label_alt_id 
_atom_site.label_comp_id 
_atom_site.label_asym_id 
_atom_site.label_entity_id 
_atom_site.label_seq_id 
_atom_site.pdbx_PDB_ins_code 
_atom_site.Cartn_x 
_atom_site.Cartn_y 
_atom_site.Cartn_z 
_atom_site.occupancy 
_atom_site.B_iso_or_equiv 
_atom_site.pdbx_formal_charge 
_atom_site.auth_seq_id 
_atom_site.auth_comp_id 
_atom_site.auth_asym_id 
_atom_site.auth_atom_id 
_atom_site.pdbx_PDB_model_num 
ATOM   1    N  N     . MET A 1 1   ? -5.537  4.665   14.660  1.00 63.61 ? 1   MET A N     1 
ATOM   2    C  CA    . MET A 1 1   ? -5.029  3.276   14.788  1.00 63.84 ? 1   MET A CA    1 
ATOM   3    C  C     . MET A 1 1   ? -3.597  3.281   15.274  1.00 63.20 ? 1   MET A C     1 
ATOM   4    O  O     . MET A 1 1   ? -3.167  4.287   15.841  1.00 65.54 ? 1   MET A O     1 
ATOM   5    N  N     . SER A 1 2   ? -2.820  2.234   14.988  1.00 59.88 ? 2   SER A N     1 
ATOM   6    C  CA    . SER A 1 2   ? -1.432  2.163   15.450  1.00 56.22 ? 2   SER A CA    1 
ATOM   7    C  C     . SER A 1 2   ? -0.386  2.404   14.336  1.00 53.02 ? 2   SER A C     1 
ATOM   8    O  O     . SER A 1 2   ? 0.822   2.214   14.552  1.00 53.19 ? 2   SER A O     1 
ATOM   9    C  CB    . SER A 1 2   ? -1.198  0.777   16.086  1.00 55.82 ? 2   SER A CB    1 
ATOM   10   O  OG    . SER A 1 2   ? -2.426  0.240   16.563  1.00 53.64 ? 2   SER A OG    1 
ATOM   11   N  N     . PHE A 1 3   ? -0.845  2.825   13.156  1.00 48.32 ? 3   PHE A N     1 
ATOM   12   C  CA    . PHE A 1 3   ? 0.048   3.038   12.026  1.00 42.15 ? 3   PHE A CA    1 
ATOM   13   C  C     . PHE A 1 3   ? 0.005   4.434   11.607  1.00 40.44 ? 3   PHE A C     1 
ATOM   14   O  O     . PHE A 1 3   ? -1.053  4.991   11.421  1.00 40.92 ? 3   PHE A O     1 
ATOM   15   C  CB    . PHE A 1 3   ? -0.361  2.155   10.876  1.00 34.40 ? 3   PHE A CB    1 
ATOM   16   C  CG    . PHE A 1 3   ? -0.209  0.749   11.184  1.00 28.42 ? 3   PHE A CG    1 
ATOM   17   C  CD1   . PHE A 1 3   ? -1.189  0.075   11.890  1.00 29.91 ? 3   PHE A CD1   1 
ATOM   18   C  CD2   . PHE A 1 3   ? 0.970   0.113   10.892  1.00 28.62 ? 3   PHE A CD2   1 
ATOM   19   C  CE1   . PHE A 1 3   ? -0.995  -1.212  12.313  1.00 30.91 ? 3   PHE A CE1   1 
ATOM   20   C  CE2   . PHE A 1 3   ? 1.198   -1.168  11.304  1.00 32.57 ? 3   PHE A CE2   1 
ATOM   21   C  CZ    . PHE A 1 3   ? 0.217   -1.843  12.021  1.00 34.26 ? 3   PHE A CZ    1 
ATOM   22   N  N     . ARG A 1 4   ? 1.173   5.008   11.415  1.00 39.75 ? 4   ARG A N     1 
ATOM   23   C  CA    . ARG A 1 4   ? 1.274   6.407   11.037  1.00 38.24 ? 4   ARG A CA    1 
ATOM   24   C  C     . ARG A 1 4   ? 1.484   6.533   9.513   1.00 36.74 ? 4   ARG A C     1 
ATOM   25   O  O     . ARG A 1 4   ? 2.377   5.877   8.962   1.00 36.77 ? 4   ARG A O     1 
ATOM   26   C  CB    . ARG A 1 4   ? 2.418   7.033   11.863  1.00 38.72 ? 4   ARG A CB    1 
ATOM   27   C  CG    . ARG A 1 4   ? 2.611   8.481   11.591  1.00 46.28 ? 4   ARG A CG    1 
ATOM   28   C  CD    . ARG A 1 4   ? 3.873   9.111   12.202  1.00 50.14 ? 4   ARG A CD    1 
ATOM   29   N  NE    . ARG A 1 4   ? 4.014   10.484  11.686  1.00 50.90 ? 4   ARG A NE    1 
ATOM   30   C  CZ    . ARG A 1 4   ? 4.899   11.382  12.106  1.00 49.16 ? 4   ARG A CZ    1 
ATOM   31   N  NH1   . ARG A 1 4   ? 5.766   11.087  13.072  1.00 45.92 ? 4   ARG A NH1   1 
ATOM   32   N  NH2   . ARG A 1 4   ? 4.923   12.580  11.527  1.00 49.72 ? 4   ARG A NH2   1 
ATOM   33   N  N     . PHE A 1 5   ? 0.637   7.315   8.829   1.00 34.65 ? 5   PHE A N     1 
ATOM   34   C  CA    . PHE A 1 5   ? 0.746   7.506   7.389   1.00 32.84 ? 5   PHE A CA    1 
ATOM   35   C  C     . PHE A 1 5   ? 0.613   8.980   7.092   1.00 34.13 ? 5   PHE A C     1 
ATOM   36   O  O     . PHE A 1 5   ? -0.449  9.480   6.735   1.00 33.06 ? 5   PHE A O     1 
ATOM   37   C  CB    . PHE A 1 5   ? -0.321  6.720   6.635   1.00 30.98 ? 5   PHE A CB    1 
ATOM   38   C  CG    . PHE A 1 5   ? -0.312  6.940   5.135   1.00 29.15 ? 5   PHE A CG    1 
ATOM   39   C  CD1   . PHE A 1 5   ? 0.836   6.744   4.390   1.00 33.27 ? 5   PHE A CD1   1 
ATOM   40   C  CD2   . PHE A 1 5   ? -1.458  7.309   4.456   1.00 29.42 ? 5   PHE A CD2   1 
ATOM   41   C  CE1   . PHE A 1 5   ? 0.834   6.919   2.968   1.00 32.77 ? 5   PHE A CE1   1 
ATOM   42   C  CE2   . PHE A 1 5   ? -1.456  7.480   3.027   1.00 29.59 ? 5   PHE A CE2   1 
ATOM   43   C  CZ    . PHE A 1 5   ? -0.316  7.286   2.303   1.00 28.03 ? 5   PHE A CZ    1 
ATOM   44   N  N     . GLY A 1 6   ? 1.736   9.670   7.216   1.00 36.08 ? 6   GLY A N     1 
ATOM   45   C  CA    . GLY A 1 6   ? 1.753   11.094  6.994   1.00 37.33 ? 6   GLY A CA    1 
ATOM   46   C  C     . GLY A 1 6   ? 1.259   11.710  8.297   1.00 38.41 ? 6   GLY A C     1 
ATOM   47   O  O     . GLY A 1 6   ? 1.728   11.346  9.408   1.00 36.38 ? 6   GLY A O     1 
ATOM   48   N  N     . GLN A 1 7   ? 0.294   12.616  8.165   1.00 40.45 ? 7   GLN A N     1 
ATOM   49   C  CA    . GLN A 1 7   ? -0.262  13.257  9.343   1.00 44.57 ? 7   GLN A CA    1 
ATOM   50   C  C     . GLN A 1 7   ? -1.622  12.729  9.845   1.00 46.43 ? 7   GLN A C     1 
ATOM   51   O  O     . GLN A 1 7   ? -2.418  13.468  10.462  1.00 49.07 ? 7   GLN A O     1 
ATOM   52   C  CB    . GLN A 1 7   ? -0.222  14.789  9.182   1.00 48.33 ? 7   GLN A CB    1 
ATOM   53   C  CG    . GLN A 1 7   ? 1.220   15.378  9.295   1.00 52.30 ? 7   GLN A CG    1 
ATOM   54   C  CD    . GLN A 1 7   ? 1.957   14.936  10.588  1.00 57.03 ? 7   GLN A CD    1 
ATOM   55   O  OE1   . GLN A 1 7   ? 3.105   14.465  10.546  1.00 58.25 ? 7   GLN A OE1   1 
ATOM   56   N  NE2   . GLN A 1 7   ? 1.294   15.090  11.733  1.00 57.78 ? 7   GLN A NE2   1 
ATOM   57   N  N     . HIS A 1 8   ? -1.912  11.460  9.550   1.00 45.36 ? 8   HIS A N     1 
ATOM   58   C  CA    . HIS A 1 8   ? -3.128  10.833  10.045  1.00 44.63 ? 8   HIS A CA    1 
ATOM   59   C  C     . HIS A 1 8   ? -2.866  9.387   10.461  1.00 42.58 ? 8   HIS A C     1 
ATOM   60   O  O     . HIS A 1 8   ? -1.880  8.780   10.028  1.00 42.57 ? 8   HIS A O     1 
ATOM   61   C  CB    . HIS A 1 8   ? -4.369  11.015  9.128   1.00 48.71 ? 8   HIS A CB    1 
ATOM   62   C  CG    . HIS A 1 8   ? -4.088  10.961  7.654   1.00 54.28 ? 8   HIS A CG    1 
ATOM   63   N  ND1   . HIS A 1 8   ? -4.540  11.927  6.778   1.00 55.78 ? 8   HIS A ND1   1 
ATOM   64   C  CD2   . HIS A 1 8   ? -3.460  10.032  6.889   1.00 56.98 ? 8   HIS A CD2   1 
ATOM   65   C  CE1   . HIS A 1 8   ? -4.209  11.594  5.543   1.00 55.13 ? 8   HIS A CE1   1 
ATOM   66   N  NE2   . HIS A 1 8   ? -3.554  10.452  5.580   1.00 55.72 ? 8   HIS A NE2   1 
ATOM   67   N  N     . LEU A 1 9   ? -3.605  8.928   11.467  1.00 40.36 ? 9   LEU A N     1 
ATOM   68   C  CA    . LEU A 1 9   ? -3.432  7.576   11.939  1.00 38.32 ? 9   LEU A CA    1 
ATOM   69   C  C     . LEU A 1 9   ? -4.322  6.637   11.178  1.00 35.52 ? 9   LEU A C     1 
ATOM   70   O  O     . LEU A 1 9   ? -5.505  6.904   10.990  1.00 34.21 ? 9   LEU A O     1 
ATOM   71   C  CB    . LEU A 1 9   ? -3.766  7.447   13.413  1.00 41.53 ? 9   LEU A CB    1 
ATOM   72   C  CG    . LEU A 1 9   ? -2.774  7.901   14.462  1.00 45.19 ? 9   LEU A CG    1 
ATOM   73   C  CD1   . LEU A 1 9   ? -3.640  8.097   15.642  1.00 48.88 ? 9   LEU A CD1   1 
ATOM   74   C  CD2   . LEU A 1 9   ? -1.671  6.883   14.773  1.00 41.94 ? 9   LEU A CD2   1 
ATOM   75   N  N     . ILE A 1 10  ? -3.741  5.500   10.825  1.00 33.54 ? 10  ILE A N     1 
ATOM   76   C  CA    . ILE A 1 10  ? -4.442  4.464   10.094  1.00 31.32 ? 10  ILE A CA    1 
ATOM   77   C  C     . ILE A 1 10  ? -4.832  3.348   11.034  1.00 29.97 ? 10  ILE A C     1 
ATOM   78   O  O     . ILE A 1 10  ? -4.011  2.813   11.779  1.00 29.17 ? 10  ILE A O     1 
ATOM   79   C  CB    . ILE A 1 10  ? -3.577  3.885   8.997   1.00 30.47 ? 10  ILE A CB    1 
ATOM   80   C  CG1   . ILE A 1 10  ? -3.164  4.981   7.983   1.00 30.91 ? 10  ILE A CG1   1 
ATOM   81   C  CG2   . ILE A 1 10  ? -4.294  2.722   8.371   1.00 31.48 ? 10  ILE A CG2   1 
ATOM   82   C  CD1   . ILE A 1 10  ? -4.277  5.584   7.153   1.00 26.42 ? 10  ILE A CD1   1 
ATOM   83   N  N     . LYS A 1 11  ? -6.108  3.024   11.040  1.00 30.71 ? 11  LYS A N     1 
ATOM   84   C  CA    . LYS A 1 11  ? -6.578  1.974   11.923  1.00 32.01 ? 11  LYS A CA    1 
ATOM   85   C  C     . LYS A 1 11  ? -6.078  0.652   11.438  1.00 30.68 ? 11  LYS A C     1 
ATOM   86   O  O     . LYS A 1 11  ? -6.173  0.344   10.259  1.00 32.04 ? 11  LYS A O     1 
ATOM   87   C  CB    . LYS A 1 11  ? -8.088  1.959   11.975  1.00 36.26 ? 11  LYS A CB    1 
ATOM   88   C  CG    . LYS A 1 11  ? -8.667  3.037   12.799  1.00 41.81 ? 11  LYS A CG    1 
ATOM   89   C  CD    . LYS A 1 11  ? -10.114 3.099   12.469  1.00 49.90 ? 11  LYS A CD    1 
ATOM   90   C  CE    . LYS A 1 11  ? -10.779 4.148   13.302  1.00 59.51 ? 11  LYS A CE    1 
ATOM   91   N  NZ    . LYS A 1 11  ? -12.260 4.230   13.073  1.00 66.30 ? 11  LYS A NZ    1 
ATOM   92   N  N     . PRO A 1 12  ? -5.609  -0.183  12.346  1.00 29.26 ? 12  PRO A N     1 
ATOM   93   C  CA    . PRO A 1 12  ? -5.074  -1.518  12.071  1.00 29.68 ? 12  PRO A CA    1 
ATOM   94   C  C     . PRO A 1 12  ? -6.041  -2.368  11.259  1.00 31.79 ? 12  PRO A C     1 
ATOM   95   O  O     . PRO A 1 12  ? -5.631  -3.230  10.487  1.00 33.89 ? 12  PRO A O     1 
ATOM   96   C  CB    . PRO A 1 12  ? -4.878  -2.122  13.439  1.00 27.73 ? 12  PRO A CB    1 
ATOM   97   C  CG    . PRO A 1 12  ? -4.841  -0.926  14.355  1.00 30.96 ? 12  PRO A CG    1 
ATOM   98   C  CD    . PRO A 1 12  ? -5.778  0.060   13.785  1.00 27.73 ? 12  PRO A CD    1 
ATOM   99   N  N     . SER A 1 13  ? -7.327  -2.066  11.400  1.00 31.48 ? 13  SER A N     1 
ATOM   100  C  CA    . SER A 1 13  ? -8.392  -2.769  10.724  1.00 29.41 ? 13  SER A CA    1 
ATOM   101  C  C     . SER A 1 13  ? -8.250  -2.677  9.196   1.00 27.76 ? 13  SER A C     1 
ATOM   102  O  O     . SER A 1 13  ? -8.736  -3.527  8.452   1.00 26.62 ? 13  SER A O     1 
ATOM   103  C  CB    . SER A 1 13  ? -9.726  -2.185  11.203  1.00 29.84 ? 13  SER A CB    1 
ATOM   104  O  OG    . SER A 1 13  ? -10.056 -0.995  10.494  1.00 33.29 ? 13  SER A OG    1 
ATOM   105  N  N     . VAL A 1 14  ? -7.595  -1.628  8.732   1.00 26.29 ? 14  VAL A N     1 
ATOM   106  C  CA    . VAL A 1 14  ? -7.424  -1.488  7.311   1.00 25.59 ? 14  VAL A CA    1 
ATOM   107  C  C     . VAL A 1 14  ? -6.005  -1.847  6.858   1.00 24.10 ? 14  VAL A C     1 
ATOM   108  O  O     . VAL A 1 14  ? -5.687  -1.725  5.691   1.00 23.97 ? 14  VAL A O     1 
ATOM   109  C  CB    . VAL A 1 14  ? -7.852  -0.102  6.824   1.00 26.56 ? 14  VAL A CB    1 
ATOM   110  C  CG1   . VAL A 1 14  ? -9.235  0.181   7.327   1.00 26.11 ? 14  VAL A CG1   1 
ATOM   111  C  CG2   . VAL A 1 14  ? -6.905  0.957   7.300   1.00 30.88 ? 14  VAL A CG2   1 
ATOM   112  N  N     . VAL A 1 15  ? -5.176  -2.303  7.800   1.00 23.36 ? 15  VAL A N     1 
ATOM   113  C  CA    . VAL A 1 15  ? -3.822  -2.732  7.507   1.00 21.90 ? 15  VAL A CA    1 
ATOM   114  C  C     . VAL A 1 15  ? -3.896  -4.235  7.421   1.00 23.40 ? 15  VAL A C     1 
ATOM   115  O  O     . VAL A 1 15  ? -4.378  -4.864  8.338   1.00 23.79 ? 15  VAL A O     1 
ATOM   116  C  CB    . VAL A 1 15  ? -2.828  -2.310  8.637   1.00 17.73 ? 15  VAL A CB    1 
ATOM   117  C  CG1   . VAL A 1 15  ? -1.453  -2.953  8.442   1.00 9.03  ? 15  VAL A CG1   1 
ATOM   118  C  CG2   . VAL A 1 15  ? -2.695  -0.820  8.643   1.00 14.31 ? 15  VAL A CG2   1 
ATOM   119  N  N     . PHE A 1 16  ? -3.402  -4.821  6.329   1.00 23.91 ? 16  PHE A N     1 
ATOM   120  C  CA    . PHE A 1 16  ? -3.426  -6.289  6.150   1.00 23.12 ? 16  PHE A CA    1 
ATOM   121  C  C     . PHE A 1 16  ? -2.057  -7.017  6.148   1.00 24.14 ? 16  PHE A C     1 
ATOM   122  O  O     . PHE A 1 16  ? -2.000  -8.235  5.986   1.00 23.31 ? 16  PHE A O     1 
ATOM   123  C  CB    . PHE A 1 16  ? -4.141  -6.628  4.869   1.00 18.54 ? 16  PHE A CB    1 
ATOM   124  C  CG    . PHE A 1 16  ? -3.485  -6.058  3.652   1.00 19.85 ? 16  PHE A CG    1 
ATOM   125  C  CD1   . PHE A 1 16  ? -3.809  -4.771  3.218   1.00 17.39 ? 16  PHE A CD1   1 
ATOM   126  C  CD2   . PHE A 1 16  ? -2.611  -6.839  2.875   1.00 17.82 ? 16  PHE A CD2   1 
ATOM   127  C  CE1   . PHE A 1 16  ? -3.290  -4.268  2.028   1.00 17.05 ? 16  PHE A CE1   1 
ATOM   128  C  CE2   . PHE A 1 16  ? -2.087  -6.340  1.685   1.00 13.25 ? 16  PHE A CE2   1 
ATOM   129  C  CZ    . PHE A 1 16  ? -2.423  -5.062  1.259   1.00 14.64 ? 16  PHE A CZ    1 
ATOM   130  N  N     . LEU A 1 17  ? -0.964  -6.260  6.309   1.00 24.80 ? 17  LEU A N     1 
ATOM   131  C  CA    . LEU A 1 17  ? 0.399   -6.799  6.366   1.00 25.02 ? 17  LEU A CA    1 
ATOM   132  C  C     . LEU A 1 17  ? 1.264   -5.802  7.090   1.00 27.04 ? 17  LEU A C     1 
ATOM   133  O  O     . LEU A 1 17  ? 1.077   -4.590  6.983   1.00 26.70 ? 17  LEU A O     1 
ATOM   134  C  CB    . LEU A 1 17  ? 0.980   -7.059  4.976   1.00 22.72 ? 17  LEU A CB    1 
ATOM   135  C  CG    . LEU A 1 17  ? 2.401   -7.611  4.916   1.00 18.85 ? 17  LEU A CG    1 
ATOM   136  C  CD1   . LEU A 1 17  ? 2.463   -8.854  5.780   1.00 15.74 ? 17  LEU A CD1   1 
ATOM   137  C  CD2   . LEU A 1 17  ? 2.714   -7.939  3.474   1.00 18.11 ? 17  LEU A CD2   1 
ATOM   138  N  N     . LYS A 1 18  ? 2.209   -6.326  7.844   1.00 29.47 ? 18  LYS A N     1 
ATOM   139  C  CA    . LYS A 1 18  ? 3.124   -5.498  8.593   1.00 31.62 ? 18  LYS A CA    1 
ATOM   140  C  C     . LYS A 1 18  ? 4.395   -6.271  8.808   1.00 31.76 ? 18  LYS A C     1 
ATOM   141  O  O     . LYS A 1 18  ? 4.364   -7.389  9.297   1.00 32.66 ? 18  LYS A O     1 
ATOM   142  C  CB    . LYS A 1 18  ? 2.556   -5.108  9.947   1.00 34.69 ? 18  LYS A CB    1 
ATOM   143  C  CG    . LYS A 1 18  ? 3.593   -4.352  10.775  1.00 45.69 ? 18  LYS A CG    1 
ATOM   144  C  CD    . LYS A 1 18  ? 3.129   -4.013  12.157  1.00 52.81 ? 18  LYS A CD    1 
ATOM   145  C  CE    . LYS A 1 18  ? 4.209   -3.232  12.869  1.00 60.46 ? 18  LYS A CE    1 
ATOM   146  N  NZ    . LYS A 1 18  ? 3.743   -2.658  14.179  1.00 67.81 ? 18  LYS A NZ    1 
ATOM   147  N  N     . THR A 1 19  ? 5.506   -5.641  8.488   1.00 31.66 ? 19  THR A N     1 
ATOM   148  C  CA    . THR A 1 19  ? 6.789   -6.268  8.640   1.00 31.11 ? 19  THR A CA    1 
ATOM   149  C  C     . THR A 1 19  ? 7.621   -5.538  9.692   1.00 32.53 ? 19  THR A C     1 
ATOM   150  O  O     . THR A 1 19  ? 7.148   -4.676  10.442  1.00 32.37 ? 19  THR A O     1 
ATOM   151  C  CB    . THR A 1 19  ? 7.571   -6.233  7.323   1.00 27.93 ? 19  THR A CB    1 
ATOM   152  O  OG1   . THR A 1 19  ? 7.777   -4.867  6.934   1.00 28.17 ? 19  THR A OG1   1 
ATOM   153  C  CG2   . THR A 1 19  ? 6.814   -6.964  6.231   1.00 23.67 ? 19  THR A CG2   1 
ATOM   154  N  N     . GLU A 1 20  ? 8.888   -5.897  9.692   1.00 34.52 ? 20  GLU A N     1 
ATOM   155  C  CA    . GLU A 1 20  ? 9.852   -5.328  10.598  1.00 36.09 ? 20  GLU A CA    1 
ATOM   156  C  C     . GLU A 1 20  ? 9.927   -3.836  10.286  1.00 33.44 ? 20  GLU A C     1 
ATOM   157  O  O     . GLU A 1 20  ? 9.948   -3.027  11.198  1.00 33.79 ? 20  GLU A O     1 
ATOM   158  C  CB    . GLU A 1 20  ? 11.221  -6.033  10.355  1.00 47.07 ? 20  GLU A CB    1 
ATOM   159  C  CG    . GLU A 1 20  ? 12.318  -5.889  11.489  1.00 61.50 ? 20  GLU A CG    1 
ATOM   160  C  CD    . GLU A 1 20  ? 13.719  -6.517  11.143  1.00 70.15 ? 20  GLU A CD    1 
ATOM   161  O  OE1   . GLU A 1 20  ? 14.218  -6.342  9.995   1.00 73.87 ? 20  GLU A OE1   1 
ATOM   162  O  OE2   . GLU A 1 20  ? 14.330  -7.161  12.046  1.00 71.74 ? 20  GLU A OE2   1 
ATOM   163  N  N     . LEU A 1 21  ? 9.787   -3.459  9.020   1.00 31.37 ? 21  LEU A N     1 
ATOM   164  C  CA    . LEU A 1 21  ? 9.953   -2.058  8.648   1.00 29.08 ? 21  LEU A CA    1 
ATOM   165  C  C     . LEU A 1 21  ? 8.878   -1.393  7.824   1.00 27.99 ? 21  LEU A C     1 
ATOM   166  O  O     . LEU A 1 21  ? 8.867   -0.167  7.726   1.00 27.88 ? 21  LEU A O     1 
ATOM   167  C  CB    . LEU A 1 21  ? 11.309  -1.878  7.924   1.00 29.13 ? 21  LEU A CB    1 
ATOM   168  C  CG    . LEU A 1 21  ? 12.562  -2.388  8.667   1.00 23.58 ? 21  LEU A CG    1 
ATOM   169  C  CD1   . LEU A 1 21  ? 13.643  -2.704  7.701   1.00 25.30 ? 21  LEU A CD1   1 
ATOM   170  C  CD2   . LEU A 1 21  ? 13.024  -1.376  9.632   1.00 18.62 ? 21  LEU A CD2   1 
ATOM   171  N  N     . SER A 1 22  ? 7.942   -2.172  7.294   1.00 27.02 ? 22  SER A N     1 
ATOM   172  C  CA    . SER A 1 22  ? 6.882   -1.641  6.447   1.00 25.45 ? 22  SER A CA    1 
ATOM   173  C  C     . SER A 1 22  ? 5.514   -2.177  6.808   1.00 24.62 ? 22  SER A C     1 
ATOM   174  O  O     . SER A 1 22  ? 5.371   -3.020  7.708   1.00 24.90 ? 22  SER A O     1 
ATOM   175  C  CB    . SER A 1 22  ? 7.176   -2.008  4.994   1.00 26.99 ? 22  SER A CB    1 
ATOM   176  O  OG    . SER A 1 22  ? 8.576   -2.128  4.772   1.00 25.53 ? 22  SER A OG    1 
ATOM   177  N  N     . PHE A 1 23  ? 4.506   -1.673  6.107   1.00 22.92 ? 23  PHE A N     1 
ATOM   178  C  CA    . PHE A 1 23  ? 3.129   -2.070  6.311   1.00 21.28 ? 23  PHE A CA    1 
ATOM   179  C  C     . PHE A 1 23  ? 2.329   -1.772  5.038   1.00 21.45 ? 23  PHE A C     1 
ATOM   180  O  O     . PHE A 1 23  ? 2.786   -0.994  4.185   1.00 20.05 ? 23  PHE A O     1 
ATOM   181  C  CB    . PHE A 1 23  ? 2.524   -1.417  7.582   1.00 20.48 ? 23  PHE A CB    1 
ATOM   182  C  CG    . PHE A 1 23  ? 2.082   0.041   7.419   1.00 22.22 ? 23  PHE A CG    1 
ATOM   183  C  CD1   . PHE A 1 23  ? 3.013   1.097   7.504   1.00 20.07 ? 23  PHE A CD1   1 
ATOM   184  C  CD2   . PHE A 1 23  ? 0.736   0.352   7.262   1.00 20.49 ? 23  PHE A CD2   1 
ATOM   185  C  CE1   . PHE A 1 23  ? 2.609   2.424   7.441   1.00 20.11 ? 23  PHE A CE1   1 
ATOM   186  C  CE2   . PHE A 1 23  ? 0.315   1.668   7.197   1.00 22.33 ? 23  PHE A CE2   1 
ATOM   187  C  CZ    . PHE A 1 23  ? 1.254   2.720   7.287   1.00 23.00 ? 23  PHE A CZ    1 
ATOM   188  N  N     . ALA A 1 24  ? 1.237   -2.525  4.842   1.00 21.24 ? 24  ALA A N     1 
ATOM   189  C  CA    . ALA A 1 24  ? 0.364   -2.363  3.687   1.00 18.92 ? 24  ALA A CA    1 
ATOM   190  C  C     . ALA A 1 24  ? -1.056  -2.120  4.155   1.00 19.15 ? 24  ALA A C     1 
ATOM   191  O  O     . ALA A 1 24  ? -1.525  -2.774  5.073   1.00 19.34 ? 24  ALA A O     1 
ATOM   192  C  CB    . ALA A 1 24  ? 0.421   -3.573  2.843   1.00 16.59 ? 24  ALA A CB    1 
ATOM   193  N  N     . LEU A 1 25  ? -1.749  -1.232  3.454   1.00 19.50 ? 25  LEU A N     1 
ATOM   194  C  CA    . LEU A 1 25  ? -3.110  -0.821  3.758   1.00 19.51 ? 25  LEU A CA    1 
ATOM   195  C  C     . LEU A 1 25  ? -3.973  -0.778  2.492   1.00 19.81 ? 25  LEU A C     1 
ATOM   196  O  O     . LEU A 1 25  ? -3.448  -0.703  1.376   1.00 19.99 ? 25  LEU A O     1 
ATOM   197  C  CB    . LEU A 1 25  ? -3.089  0.586   4.415   1.00 22.24 ? 25  LEU A CB    1 
ATOM   198  C  CG    . LEU A 1 25  ? -2.530  1.852   3.686   1.00 25.81 ? 25  LEU A CG    1 
ATOM   199  C  CD1   . LEU A 1 25  ? -3.163  3.134   4.173   1.00 24.50 ? 25  LEU A CD1   1 
ATOM   200  C  CD2   . LEU A 1 25  ? -1.020  1.983   3.849   1.00 25.06 ? 25  LEU A CD2   1 
ATOM   201  N  N     . VAL A 1 26  ? -5.286  -0.864  2.660   1.00 19.68 ? 26  VAL A N     1 
ATOM   202  C  CA    . VAL A 1 26  ? -6.211  -0.773  1.543   1.00 21.45 ? 26  VAL A CA    1 
ATOM   203  C  C     . VAL A 1 26  ? -6.608  0.717   1.464   1.00 24.73 ? 26  VAL A C     1 
ATOM   204  O  O     . VAL A 1 26  ? -6.489  1.394   2.459   1.00 26.52 ? 26  VAL A O     1 
ATOM   205  C  CB    . VAL A 1 26  ? -7.464  -1.699  1.796   1.00 21.57 ? 26  VAL A CB    1 
ATOM   206  C  CG1   . VAL A 1 26  ? -7.034  -3.108  2.165   1.00 23.41 ? 26  VAL A CG1   1 
ATOM   207  C  CG2   . VAL A 1 26  ? -8.288  -1.190  2.929   1.00 18.04 ? 26  VAL A CG2   1 
ATOM   208  N  N     . ASN A 1 27  ? -7.100  1.233   0.321   1.00 28.53 ? 27  ASN A N     1 
ATOM   209  C  CA    . ASN A 1 27  ? -7.530  2.678   0.152   1.00 30.50 ? 27  ASN A CA    1 
ATOM   210  C  C     . ASN A 1 27  ? -9.002  2.993   0.385   1.00 31.87 ? 27  ASN A C     1 
ATOM   211  O  O     . ASN A 1 27  ? -9.872  2.177   0.086   1.00 29.60 ? 27  ASN A O     1 
ATOM   212  C  CB    . ASN A 1 27  ? -7.333  3.189   -1.287  1.00 30.90 ? 27  ASN A CB    1 
ATOM   213  C  CG    . ASN A 1 27  ? -5.936  3.415   -1.634  1.00 33.83 ? 27  ASN A CG    1 
ATOM   214  O  OD1   . ASN A 1 27  ? -5.632  3.599   -2.799  1.00 42.84 ? 27  ASN A OD1   1 
ATOM   215  N  ND2   . ASN A 1 27  ? -5.047  3.304   -0.677  1.00 38.61 ? 27  ASN A ND2   1 
ATOM   216  N  N     . ARG A 1 28  ? -9.271  4.264   0.704   1.00 35.10 ? 28  ARG A N     1 
ATOM   217  C  CA    . ARG A 1 28  ? -10.655 4.735   0.894   1.00 38.42 ? 28  ARG A CA    1 
ATOM   218  C  C     . ARG A 1 28  ? -11.278 4.866   -0.486  1.00 39.57 ? 28  ARG A C     1 
ATOM   219  O  O     . ARG A 1 28  ? -12.464 4.549   -0.710  1.00 39.55 ? 28  ARG A O     1 
ATOM   220  C  CB    . ARG A 1 28  ? -10.696 6.106   1.582   1.00 42.35 ? 28  ARG A CB    1 
ATOM   221  C  CG    . ARG A 1 28  ? -12.099 6.775   1.533   1.00 48.01 ? 28  ARG A CG    1 
ATOM   222  C  CD    . ARG A 1 28  ? -13.189 6.000   2.324   1.00 53.96 ? 28  ARG A CD    1 
ATOM   223  N  NE    . ARG A 1 28  ? -13.040 6.112   3.790   1.00 57.76 ? 28  ARG A NE    1 
ATOM   224  C  CZ    . ARG A 1 28  ? -13.979 5.793   4.687   1.00 56.31 ? 28  ARG A CZ    1 
ATOM   225  N  NH1   . ARG A 1 28  ? -15.139 5.325   4.305   1.00 56.35 ? 28  ARG A NH1   1 
ATOM   226  N  NH2   . ARG A 1 28  ? -13.798 6.035   5.981   1.00 58.63 ? 28  ARG A NH2   1 
ATOM   227  N  N     . LYS A 1 29  ? -10.431 5.315   -1.403  1.00 40.95 ? 29  LYS A N     1 
ATOM   228  C  CA    . LYS A 1 29  ? -10.807 5.508   -2.785  1.00 42.73 ? 29  LYS A CA    1 
ATOM   229  C  C     . LYS A 1 29  ? -9.876  4.756   -3.764  1.00 41.77 ? 29  LYS A C     1 
ATOM   230  O  O     . LYS A 1 29  ? -9.049  5.365   -4.462  1.00 41.97 ? 29  LYS A O     1 
ATOM   231  C  CB    . LYS A 1 29  ? -10.789 7.005   -3.111  1.00 49.12 ? 29  LYS A CB    1 
ATOM   232  C  CG    . LYS A 1 29  ? -11.881 7.837   -2.462  1.00 56.82 ? 29  LYS A CG    1 
ATOM   233  C  CD    . LYS A 1 29  ? -11.654 9.316   -2.757  1.00 64.74 ? 29  LYS A CD    1 
ATOM   234  C  CE    . LYS A 1 29  ? -12.749 10.158  -2.107  1.00 74.71 ? 29  LYS A CE    1 
ATOM   235  N  NZ    . LYS A 1 29  ? -12.657 11.648  -2.378  1.00 82.45 ? 29  LYS A NZ    1 
ATOM   236  N  N     . PRO A 1 30  ? -10.039 3.417   -3.877  1.00 40.40 ? 30  PRO A N     1 
ATOM   237  C  CA    . PRO A 1 30  ? -9.148  2.714   -4.815  1.00 37.35 ? 30  PRO A CA    1 
ATOM   238  C  C     . PRO A 1 30  ? -9.411  3.205   -6.230  1.00 35.53 ? 30  PRO A C     1 
ATOM   239  O  O     . PRO A 1 30  ? -10.524 3.507   -6.606  1.00 38.09 ? 30  PRO A O     1 
ATOM   240  C  CB    . PRO A 1 30  ? -9.509  1.239   -4.613  1.00 33.99 ? 30  PRO A CB    1 
ATOM   241  C  CG    . PRO A 1 30  ? -10.896 1.272   -4.131  1.00 33.35 ? 30  PRO A CG    1 
ATOM   242  C  CD    . PRO A 1 30  ? -11.030 2.501   -3.281  1.00 37.90 ? 30  PRO A CD    1 
ATOM   243  N  N     . VAL A 1 31  ? -8.370  3.312   -7.013  1.00 32.51 ? 31  VAL A N     1 
ATOM   244  C  CA    . VAL A 1 31  ? -8.489  3.770   -8.373  1.00 29.72 ? 31  VAL A CA    1 
ATOM   245  C  C     . VAL A 1 31  ? -8.939  2.620   -9.257  1.00 29.40 ? 31  VAL A C     1 
ATOM   246  O  O     . VAL A 1 31  ? -9.583  2.787   -10.296 1.00 30.42 ? 31  VAL A O     1 
ATOM   247  C  CB    . VAL A 1 31  ? -7.122  4.206   -8.787  1.00 27.15 ? 31  VAL A CB    1 
ATOM   248  C  CG1   . VAL A 1 31  ? -6.902  3.970   -10.225 1.00 28.48 ? 31  VAL A CG1   1 
ATOM   249  C  CG2   . VAL A 1 31  ? -6.937  5.638   -8.401  1.00 26.11 ? 31  VAL A CG2   1 
ATOM   250  N  N     . VAL A 1 32  ? -8.572  1.433   -8.815  1.00 28.49 ? 32  VAL A N     1 
ATOM   251  C  CA    . VAL A 1 32  ? -8.844  0.207   -9.511  1.00 26.31 ? 32  VAL A CA    1 
ATOM   252  C  C     . VAL A 1 32  ? -9.004  -0.787  -8.356  1.00 27.01 ? 32  VAL A C     1 
ATOM   253  O  O     . VAL A 1 32  ? -8.485  -0.576  -7.251  1.00 27.89 ? 32  VAL A O     1 
ATOM   254  C  CB    . VAL A 1 32  ? -7.616  -0.064  -10.395 1.00 25.11 ? 32  VAL A CB    1 
ATOM   255  C  CG1   . VAL A 1 32  ? -6.792  -1.172  -9.874  1.00 21.43 ? 32  VAL A CG1   1 
ATOM   256  C  CG2   . VAL A 1 32  ? -8.007  -0.215  -11.834 1.00 27.43 ? 32  VAL A CG2   1 
ATOM   257  N  N     . PRO A 1 33  ? -9.858  -1.792  -8.523  1.00 27.62 ? 33  PRO A N     1 
ATOM   258  C  CA    . PRO A 1 33  ? -10.043 -2.766  -7.444  1.00 25.83 ? 33  PRO A CA    1 
ATOM   259  C  C     . PRO A 1 33  ? -8.739  -3.392  -7.065  1.00 24.62 ? 33  PRO A C     1 
ATOM   260  O  O     . PRO A 1 33  ? -8.049  -3.931  -7.906  1.00 24.56 ? 33  PRO A O     1 
ATOM   261  C  CB    . PRO A 1 33  ? -10.944 -3.825  -8.068  1.00 26.21 ? 33  PRO A CB    1 
ATOM   262  C  CG    . PRO A 1 33  ? -11.707 -3.106  -9.114  1.00 25.18 ? 33  PRO A CG    1 
ATOM   263  C  CD    . PRO A 1 33  ? -10.830 -1.987  -9.621  1.00 28.31 ? 33  PRO A CD    1 
ATOM   264  N  N     . GLY A 1 34  ? -8.440  -3.349  -5.781  1.00 24.39 ? 34  GLY A N     1 
ATOM   265  C  CA    . GLY A 1 34  ? -7.236  -3.957  -5.294  1.00 24.48 ? 34  GLY A CA    1 
ATOM   266  C  C     . GLY A 1 34  ? -6.115  -2.970  -5.167  1.00 24.96 ? 34  GLY A C     1 
ATOM   267  O  O     . GLY A 1 34  ? -4.993  -3.380  -4.886  1.00 25.49 ? 34  GLY A O     1 
ATOM   268  N  N     . HIS A 1 35  ? -6.407  -1.700  -5.486  1.00 24.53 ? 35  HIS A N     1 
ATOM   269  C  CA    . HIS A 1 35  ? -5.437  -0.621  -5.356  1.00 22.52 ? 35  HIS A CA    1 
ATOM   270  C  C     . HIS A 1 35  ? -5.088  -0.553  -3.861  1.00 22.99 ? 35  HIS A C     1 
ATOM   271  O  O     . HIS A 1 35  ? -5.940  -0.231  -3.059  1.00 23.31 ? 35  HIS A O     1 
ATOM   272  C  CB    . HIS A 1 35  ? -6.084  0.686   -5.829  1.00 20.64 ? 35  HIS A CB    1 
ATOM   273  C  CG    . HIS A 1 35  ? -5.204  1.896   -5.672  1.00 19.39 ? 35  HIS A CG    1 
ATOM   274  N  ND1   . HIS A 1 35  ? -5.615  3.159   -6.016  1.00 22.21 ? 35  HIS A ND1   1 
ATOM   275  C  CD2   . HIS A 1 35  ? -3.962  2.038   -5.174  1.00 20.85 ? 35  HIS A CD2   1 
ATOM   276  C  CE1   . HIS A 1 35  ? -4.667  4.028   -5.725  1.00 20.75 ? 35  HIS A CE1   1 
ATOM   277  N  NE2   . HIS A 1 35  ? -3.652  3.368   -5.217  1.00 21.38 ? 35  HIS A NE2   1 
ATOM   278  N  N     . VAL A 1 36  ? -3.862  -0.935  -3.503  1.00 22.94 ? 36  VAL A N     1 
ATOM   279  C  CA    . VAL A 1 36  ? -3.391  -0.917  -2.127  1.00 23.10 ? 36  VAL A CA    1 
ATOM   280  C  C     . VAL A 1 36  ? -2.064  -0.114  -1.999  1.00 24.46 ? 36  VAL A C     1 
ATOM   281  O  O     . VAL A 1 36  ? -1.462  0.287   -3.014  1.00 24.01 ? 36  VAL A O     1 
ATOM   282  C  CB    . VAL A 1 36  ? -3.194  -2.338  -1.590  1.00 22.86 ? 36  VAL A CB    1 
ATOM   283  C  CG1   . VAL A 1 36  ? -4.516  -3.107  -1.692  1.00 20.13 ? 36  VAL A CG1   1 
ATOM   284  C  CG2   . VAL A 1 36  ? -2.048  -3.027  -2.299  1.00 19.37 ? 36  VAL A CG2   1 
ATOM   285  N  N     . LEU A 1 37  ? -1.651  0.181   -0.759  1.00 23.83 ? 37  LEU A N     1 
ATOM   286  C  CA    . LEU A 1 37  ? -0.449  0.976   -0.556  1.00 22.52 ? 37  LEU A CA    1 
ATOM   287  C  C     . LEU A 1 37  ? 0.501   0.259   0.330   1.00 21.87 ? 37  LEU A C     1 
ATOM   288  O  O     . LEU A 1 37  ? 0.071   -0.361  1.290   1.00 22.57 ? 37  LEU A O     1 
ATOM   289  C  CB    . LEU A 1 37  ? -0.814  2.272   0.147   1.00 22.74 ? 37  LEU A CB    1 
ATOM   290  C  CG    . LEU A 1 37  ? -1.785  3.205   -0.522  1.00 21.94 ? 37  LEU A CG    1 
ATOM   291  C  CD1   . LEU A 1 37  ? -1.927  4.372   0.398   1.00 25.36 ? 37  LEU A CD1   1 
ATOM   292  C  CD2   . LEU A 1 37  ? -1.291  3.627   -1.909  1.00 19.73 ? 37  LEU A CD2   1 
ATOM   293  N  N     . VAL A 1 38  ? 1.788   0.317   0.001   1.00 21.67 ? 38  VAL A N     1 
ATOM   294  C  CA    . VAL A 1 38  ? 2.855   -0.292  0.820   1.00 20.39 ? 38  VAL A CA    1 
ATOM   295  C  C     . VAL A 1 38  ? 3.745   0.896   1.253   1.00 21.03 ? 38  VAL A C     1 
ATOM   296  O  O     . VAL A 1 38  ? 4.279   1.599   0.430   1.00 20.77 ? 38  VAL A O     1 
ATOM   297  C  CB    . VAL A 1 38  ? 3.677   -1.342  0.011   1.00 14.91 ? 38  VAL A CB    1 
ATOM   298  C  CG1   . VAL A 1 38  ? 4.649   -2.024  0.887   1.00 14.97 ? 38  VAL A CG1   1 
ATOM   299  C  CG2   . VAL A 1 38  ? 2.802   -2.363  -0.574  1.00 12.48 ? 38  VAL A CG2   1 
ATOM   300  N  N     . CYS A 1 39  ? 3.814   1.172   2.551   1.00 23.57 ? 39  CYS A N     1 
ATOM   301  C  CA    . CYS A 1 39  ? 4.593   2.303   3.088   1.00 24.51 ? 39  CYS A CA    1 
ATOM   302  C  C     . CYS A 1 39  ? 5.661   1.908   4.119   1.00 26.14 ? 39  CYS A C     1 
ATOM   303  O  O     . CYS A 1 39  ? 5.597   0.831   4.763   1.00 27.36 ? 39  CYS A O     1 
ATOM   304  C  CB    . CYS A 1 39  ? 3.670   3.276   3.816   1.00 25.41 ? 39  CYS A CB    1 
ATOM   305  S  SG    . CYS A 1 39  ? 2.030   3.347   3.190   1.00 32.91 ? 39  CYS A SG    1 
ATOM   306  N  N     . PRO A 1 40  ? 6.708   2.754   4.255   1.00 25.79 ? 40  PRO A N     1 
ATOM   307  C  CA    . PRO A 1 40  ? 7.664   2.336   5.278   1.00 24.67 ? 40  PRO A CA    1 
ATOM   308  C  C     . PRO A 1 40  ? 6.944   2.671   6.587   1.00 23.16 ? 40  PRO A C     1 
ATOM   309  O  O     . PRO A 1 40  ? 6.068   3.550   6.613   1.00 21.51 ? 40  PRO A O     1 
ATOM   310  C  CB    . PRO A 1 40  ? 8.865   3.271   5.015   1.00 27.07 ? 40  PRO A CB    1 
ATOM   311  C  CG    . PRO A 1 40  ? 8.244   4.535   4.380   1.00 24.43 ? 40  PRO A CG    1 
ATOM   312  C  CD    . PRO A 1 40  ? 7.210   3.878   3.451   1.00 24.67 ? 40  PRO A CD    1 
ATOM   313  N  N     . LEU A 1 41  ? 7.226   1.942   7.653   1.00 23.44 ? 41  LEU A N     1 
ATOM   314  C  CA    . LEU A 1 41  ? 6.577   2.277   8.916   1.00 26.71 ? 41  LEU A CA    1 
ATOM   315  C  C     . LEU A 1 41  ? 6.983   3.684   9.380   1.00 28.88 ? 41  LEU A C     1 
ATOM   316  O  O     . LEU A 1 41  ? 6.182   4.406   9.951   1.00 30.17 ? 41  LEU A O     1 
ATOM   317  C  CB    . LEU A 1 41  ? 6.921   1.242   10.017  1.00 27.64 ? 41  LEU A CB    1 
ATOM   318  C  CG    . LEU A 1 41  ? 6.087   -0.051  10.004  1.00 27.92 ? 41  LEU A CG    1 
ATOM   319  C  CD1   . LEU A 1 41  ? 6.798   -1.209  10.701  1.00 26.79 ? 41  LEU A CD1   1 
ATOM   320  C  CD2   . LEU A 1 41  ? 4.705   0.222   10.578  1.00 27.54 ? 41  LEU A CD2   1 
ATOM   321  N  N     . ARG A 1 42  ? 8.242   4.062   9.127   1.00 31.05 ? 42  ARG A N     1 
ATOM   322  C  CA    . ARG A 1 42  ? 8.804   5.351   9.524   1.00 30.91 ? 42  ARG A CA    1 
ATOM   323  C  C     . ARG A 1 42  ? 8.329   6.326   8.519   1.00 31.35 ? 42  ARG A C     1 
ATOM   324  O  O     . ARG A 1 42  ? 8.535   6.172   7.322   1.00 30.79 ? 42  ARG A O     1 
ATOM   325  C  CB    . ARG A 1 42  ? 10.321  5.280   9.531   1.00 34.26 ? 42  ARG A CB    1 
ATOM   326  C  CG    . ARG A 1 42  ? 11.010  6.474   10.137  1.00 35.59 ? 42  ARG A CG    1 
ATOM   327  C  CD    . ARG A 1 42  ? 12.489  6.189   10.284  1.00 39.22 ? 42  ARG A CD    1 
ATOM   328  N  NE    . ARG A 1 42  ? 13.207  5.972   9.017   1.00 42.62 ? 42  ARG A NE    1 
ATOM   329  C  CZ    . ARG A 1 42  ? 13.949  6.892   8.410   1.00 41.37 ? 42  ARG A CZ    1 
ATOM   330  N  NH1   . ARG A 1 42  ? 14.047  8.092   8.938   1.00 41.13 ? 42  ARG A NH1   1 
ATOM   331  N  NH2   . ARG A 1 42  ? 14.722  6.573   7.378   1.00 39.31 ? 42  ARG A NH2   1 
ATOM   332  N  N     . PRO A 1 43  ? 7.675   7.358   8.980   1.00 33.27 ? 43  PRO A N     1 
ATOM   333  C  CA    . PRO A 1 43  ? 7.149   8.360   8.084   1.00 34.45 ? 43  PRO A CA    1 
ATOM   334  C  C     . PRO A 1 43  ? 8.224   9.302   7.568   1.00 35.59 ? 43  PRO A C     1 
ATOM   335  O  O     . PRO A 1 43  ? 8.651   10.201  8.288   1.00 37.74 ? 43  PRO A O     1 
ATOM   336  C  CB    . PRO A 1 43  ? 6.128   9.070   8.942   1.00 34.36 ? 43  PRO A CB    1 
ATOM   337  C  CG    . PRO A 1 43  ? 6.872   9.144   10.277  1.00 35.60 ? 43  PRO A CG    1 
ATOM   338  C  CD    . PRO A 1 43  ? 7.655   7.836   10.384  1.00 33.80 ? 43  PRO A CD    1 
ATOM   339  N  N     . VAL A 1 44  ? 8.746   9.001   6.386   1.00 34.86 ? 44  VAL A N     1 
ATOM   340  C  CA    . VAL A 1 44  ? 9.743   9.841   5.726   1.00 32.67 ? 44  VAL A CA    1 
ATOM   341  C  C     . VAL A 1 44  ? 8.965   10.371  4.526   1.00 31.18 ? 44  VAL A C     1 
ATOM   342  O  O     . VAL A 1 44  ? 8.027   9.722   4.056   1.00 31.58 ? 44  VAL A O     1 
ATOM   343  C  CB    . VAL A 1 44  ? 11.000  9.039   5.296   1.00 33.77 ? 44  VAL A CB    1 
ATOM   344  C  CG1   . VAL A 1 44  ? 11.844  8.694   6.487   1.00 33.34 ? 44  VAL A CG1   1 
ATOM   345  C  CG2   . VAL A 1 44  ? 10.588  7.764   4.717   1.00 37.40 ? 44  VAL A CG2   1 
ATOM   346  N  N     . GLU A 1 45  ? 9.310   11.575  4.094   1.00 29.26 ? 45  GLU A N     1 
ATOM   347  C  CA    . GLU A 1 45  ? 8.663   12.260  2.990   1.00 29.42 ? 45  GLU A CA    1 
ATOM   348  C  C     . GLU A 1 45  ? 9.119   11.958  1.552   1.00 28.20 ? 45  GLU A C     1 
ATOM   349  O  O     . GLU A 1 45  ? 8.321   11.976  0.628   1.00 30.17 ? 45  GLU A O     1 
ATOM   350  C  CB    . GLU A 1 45  ? 8.833   13.734  3.270   1.00 35.45 ? 45  GLU A CB    1 
ATOM   351  C  CG    . GLU A 1 45  ? 8.135   14.699  2.352   1.00 44.78 ? 45  GLU A CG    1 
ATOM   352  C  CD    . GLU A 1 45  ? 8.365   16.153  2.810   1.00 53.69 ? 45  GLU A CD    1 
ATOM   353  O  OE1   . GLU A 1 45  ? 8.075   16.487  4.009   1.00 55.62 ? 45  GLU A OE1   1 
ATOM   354  O  OE2   . GLU A 1 45  ? 8.869   16.947  1.975   1.00 57.72 ? 45  GLU A OE2   1 
ATOM   355  N  N     . ARG A 1 46  ? 10.417  11.778  1.370   1.00 26.17 ? 46  ARG A N     1 
ATOM   356  C  CA    . ARG A 1 46  ? 11.028  11.505  0.082   1.00 23.23 ? 46  ARG A CA    1 
ATOM   357  C  C     . ARG A 1 46  ? 11.794  10.193  0.187   1.00 22.32 ? 46  ARG A C     1 
ATOM   358  O  O     . ARG A 1 46  ? 12.341  9.865   1.240   1.00 21.17 ? 46  ARG A O     1 
ATOM   359  C  CB    . ARG A 1 46  ? 11.985  12.628  -0.293  1.00 23.00 ? 46  ARG A CB    1 
ATOM   360  C  CG    . ARG A 1 46  ? 11.363  14.019  -0.365  1.00 19.70 ? 46  ARG A CG    1 
ATOM   361  C  CD    . ARG A 1 46  ? 10.536  14.250  -1.607  1.00 22.28 ? 46  ARG A CD    1 
ATOM   362  N  NE    . ARG A 1 46  ? 11.176  13.742  -2.833  1.00 29.41 ? 46  ARG A NE    1 
ATOM   363  C  CZ    . ARG A 1 46  ? 11.954  14.423  -3.680  1.00 29.45 ? 46  ARG A CZ    1 
ATOM   364  N  NH1   . ARG A 1 46  ? 12.233  15.704  -3.469  1.00 32.68 ? 46  ARG A NH1   1 
ATOM   365  N  NH2   . ARG A 1 46  ? 12.496  13.794  -4.732  1.00 23.72 ? 46  ARG A NH2   1 
ATOM   366  N  N     . PHE A 1 47  ? 11.871  9.488   -0.944  1.00 21.97 ? 47  PHE A N     1 
ATOM   367  C  CA    . PHE A 1 47  ? 12.493  8.177   -1.084  1.00 21.18 ? 47  PHE A CA    1 
ATOM   368  C  C     . PHE A 1 47  ? 13.960  8.160   -0.707  1.00 22.41 ? 47  PHE A C     1 
ATOM   369  O  O     . PHE A 1 47  ? 14.454  7.195   -0.102  1.00 20.92 ? 47  PHE A O     1 
ATOM   370  C  CB    . PHE A 1 47  ? 12.235  7.665   -2.522  1.00 19.95 ? 47  PHE A CB    1 
ATOM   371  C  CG    . PHE A 1 47  ? 12.724  6.236   -2.796  1.00 22.28 ? 47  PHE A CG    1 
ATOM   372  C  CD1   . PHE A 1 47  ? 12.501  5.182   -1.868  1.00 22.13 ? 47  PHE A CD1   1 
ATOM   373  C  CD2   . PHE A 1 47  ? 13.361  5.924   -3.994  1.00 16.95 ? 47  PHE A CD2   1 
ATOM   374  C  CE1   . PHE A 1 47  ? 12.905  3.867   -2.150  1.00 16.34 ? 47  PHE A CE1   1 
ATOM   375  C  CE2   . PHE A 1 47  ? 13.754  4.595   -4.273  1.00 15.98 ? 47  PHE A CE2   1 
ATOM   376  C  CZ    . PHE A 1 47  ? 13.531  3.584   -3.359  1.00 14.64 ? 47  PHE A CZ    1 
ATOM   377  N  N     . HIS A 1 48  ? 14.652  9.265   -0.978  1.00 24.65 ? 48  HIS A N     1 
ATOM   378  C  CA    . HIS A 1 48  ? 16.087  9.334   -0.682  1.00 27.29 ? 48  HIS A CA    1 
ATOM   379  C  C     . HIS A 1 48  ? 16.338  9.300   0.786   1.00 26.77 ? 48  HIS A C     1 
ATOM   380  O  O     . HIS A 1 48  ? 17.428  8.963   1.184   1.00 25.90 ? 48  HIS A O     1 
ATOM   381  C  CB    . HIS A 1 48  ? 16.771  10.571  -1.280  1.00 34.08 ? 48  HIS A CB    1 
ATOM   382  C  CG    . HIS A 1 48  ? 16.278  11.880  -0.742  1.00 40.32 ? 48  HIS A CG    1 
ATOM   383  N  ND1   . HIS A 1 48  ? 15.448  12.716  -1.459  1.00 41.08 ? 48  HIS A ND1   1 
ATOM   384  C  CD2   . HIS A 1 48  ? 16.507  12.509  0.436   1.00 43.50 ? 48  HIS A CD2   1 
ATOM   385  C  CE1   . HIS A 1 48  ? 15.183  13.804  -0.752  1.00 40.63 ? 48  HIS A CE1   1 
ATOM   386  N  NE2   . HIS A 1 48  ? 15.810  13.701  0.409   1.00 42.56 ? 48  HIS A NE2   1 
ATOM   387  N  N     . ASP A 1 49  ? 15.308  9.615   1.572   1.00 28.51 ? 49  ASP A N     1 
ATOM   388  C  CA    . ASP A 1 49  ? 15.386  9.604   3.049   1.00 29.59 ? 49  ASP A CA    1 
ATOM   389  C  C     . ASP A 1 49  ? 15.395  8.252   3.728   1.00 29.21 ? 49  ASP A C     1 
ATOM   390  O  O     . ASP A 1 49  ? 15.656  8.175   4.919   1.00 30.11 ? 49  ASP A O     1 
ATOM   391  C  CB    . ASP A 1 49  ? 14.241  10.373  3.641   1.00 31.67 ? 49  ASP A CB    1 
ATOM   392  C  CG    . ASP A 1 49  ? 14.355  11.843  3.420   1.00 36.23 ? 49  ASP A CG    1 
ATOM   393  O  OD1   . ASP A 1 49  ? 15.520  12.382  3.370   1.00 37.45 ? 49  ASP A OD1   1 
ATOM   394  O  OD2   . ASP A 1 49  ? 13.254  12.452  3.322   1.00 38.28 ? 49  ASP A OD2   1 
ATOM   395  N  N     . LEU A 1 50  ? 15.049  7.201   2.999   1.00 28.96 ? 50  LEU A N     1 
ATOM   396  C  CA    . LEU A 1 50  ? 15.027  5.854   3.547   1.00 28.34 ? 50  LEU A CA    1 
ATOM   397  C  C     . LEU A 1 50  ? 16.383  5.249   3.608   1.00 28.60 ? 50  LEU A C     1 
ATOM   398  O  O     . LEU A 1 50  ? 17.162  5.331   2.658   1.00 28.94 ? 50  LEU A O     1 
ATOM   399  C  CB    . LEU A 1 50  ? 14.199  4.912   2.676   1.00 27.78 ? 50  LEU A CB    1 
ATOM   400  C  CG    . LEU A 1 50  ? 12.706  4.776   2.903   1.00 29.62 ? 50  LEU A CG    1 
ATOM   401  C  CD1   . LEU A 1 50  ? 12.113  6.109   2.812   1.00 32.45 ? 50  LEU A CD1   1 
ATOM   402  C  CD2   . LEU A 1 50  ? 12.073  3.847   1.850   1.00 30.46 ? 50  LEU A CD2   1 
ATOM   403  N  N     . ARG A 1 51  ? 16.618  4.522   4.678   1.00 29.23 ? 51  ARG A N     1 
ATOM   404  C  CA    . ARG A 1 51  ? 17.852  3.815   4.817   1.00 30.66 ? 51  ARG A CA    1 
ATOM   405  C  C     . ARG A 1 51  ? 17.731  2.611   3.864   1.00 32.11 ? 51  ARG A C     1 
ATOM   406  O  O     . ARG A 1 51  ? 16.642  2.209   3.441   1.00 32.61 ? 51  ARG A O     1 
ATOM   407  C  CB    . ARG A 1 51  ? 18.014  3.407   6.261   1.00 31.99 ? 51  ARG A CB    1 
ATOM   408  C  CG    . ARG A 1 51  ? 17.635  4.574   7.203   1.00 36.72 ? 51  ARG A CG    1 
ATOM   409  C  CD    . ARG A 1 51  ? 17.710  4.198   8.690   1.00 44.09 ? 51  ARG A CD    1 
ATOM   410  N  NE    . ARG A 1 51  ? 17.488  2.765   8.917   1.00 54.22 ? 51  ARG A NE    1 
ATOM   411  C  CZ    . ARG A 1 51  ? 16.422  2.245   9.543   1.00 57.43 ? 51  ARG A CZ    1 
ATOM   412  N  NH1   . ARG A 1 51  ? 15.451  3.046   10.010  1.00 56.79 ? 51  ARG A NH1   1 
ATOM   413  N  NH2   . ARG A 1 51  ? 16.329  0.922   9.698   1.00 54.69 ? 51  ARG A NH2   1 
ATOM   414  N  N     . PRO A 1 52  ? 18.851  2.068   3.446   1.00 32.69 ? 52  PRO A N     1 
ATOM   415  C  CA    . PRO A 1 52  ? 18.885  0.931   2.541   1.00 31.64 ? 52  PRO A CA    1 
ATOM   416  C  C     . PRO A 1 52  ? 18.051  -0.255  2.999   1.00 31.50 ? 52  PRO A C     1 
ATOM   417  O  O     . PRO A 1 52  ? 17.536  -1.020  2.166   1.00 32.34 ? 52  PRO A O     1 
ATOM   418  C  CB    . PRO A 1 52  ? 20.351  0.540   2.555   1.00 31.97 ? 52  PRO A CB    1 
ATOM   419  C  CG    . PRO A 1 52  ? 21.042  1.788   2.866   1.00 33.79 ? 52  PRO A CG    1 
ATOM   420  C  CD    . PRO A 1 52  ? 20.205  2.405   3.917   1.00 33.34 ? 52  PRO A CD    1 
ATOM   421  N  N     . ASP A 1 53  ? 17.985  -0.480  4.306   1.00 30.73 ? 53  ASP A N     1 
ATOM   422  C  CA    . ASP A 1 53  ? 17.227  -1.632  4.773   1.00 30.68 ? 53  ASP A CA    1 
ATOM   423  C  C     . ASP A 1 53  ? 15.737  -1.410  4.619   1.00 28.58 ? 53  ASP A C     1 
ATOM   424  O  O     . ASP A 1 53  ? 15.006  -2.342  4.269   1.00 29.23 ? 53  ASP A O     1 
ATOM   425  C  CB    . ASP A 1 53  ? 17.631  -2.091  6.194   1.00 35.05 ? 53  ASP A CB    1 
ATOM   426  C  CG    . ASP A 1 53  ? 17.261  -1.077  7.289   1.00 46.40 ? 53  ASP A CG    1 
ATOM   427  O  OD1   . ASP A 1 53  ? 17.231  0.159   7.029   1.00 51.26 ? 53  ASP A OD1   1 
ATOM   428  O  OD2   . ASP A 1 53  ? 17.027  -1.539  8.440   1.00 50.71 ? 53  ASP A OD2   1 
ATOM   429  N  N     . GLU A 1 54  ? 15.307  -0.171  4.824   1.00 26.39 ? 54  GLU A N     1 
ATOM   430  C  CA    . GLU A 1 54  ? 13.928  0.195   4.673   1.00 26.45 ? 54  GLU A CA    1 
ATOM   431  C  C     . GLU A 1 54  ? 13.566  0.062   3.223   1.00 27.93 ? 54  GLU A C     1 
ATOM   432  O  O     . GLU A 1 54  ? 12.454  -0.349  2.879   1.00 28.87 ? 54  GLU A O     1 
ATOM   433  C  CB    . GLU A 1 54  ? 13.704  1.612   5.140   1.00 24.40 ? 54  GLU A CB    1 
ATOM   434  C  CG    . GLU A 1 54  ? 13.854  1.712   6.622   1.00 28.61 ? 54  GLU A CG    1 
ATOM   435  C  CD    . GLU A 1 54  ? 13.677  3.131   7.120   1.00 36.03 ? 54  GLU A CD    1 
ATOM   436  O  OE1   . GLU A 1 54  ? 14.227  4.064   6.488   1.00 36.21 ? 54  GLU A OE1   1 
ATOM   437  O  OE2   . GLU A 1 54  ? 12.998  3.315   8.151   1.00 37.09 ? 54  GLU A OE2   1 
ATOM   438  N  N     . VAL A 1 55  ? 14.541  0.349   2.366   1.00 28.50 ? 55  VAL A N     1 
ATOM   439  C  CA    . VAL A 1 55  ? 14.345  0.234   0.930   1.00 27.94 ? 55  VAL A CA    1 
ATOM   440  C  C     . VAL A 1 55  ? 14.173  -1.229  0.510   1.00 27.48 ? 55  VAL A C     1 
ATOM   441  O  O     . VAL A 1 55  ? 13.260  -1.559  -0.258  1.00 28.73 ? 55  VAL A O     1 
ATOM   442  C  CB    . VAL A 1 55  ? 15.491  0.855   0.158   1.00 28.04 ? 55  VAL A CB    1 
ATOM   443  C  CG1   . VAL A 1 55  ? 15.282  0.619   -1.339  1.00 27.80 ? 55  VAL A CG1   1 
ATOM   444  C  CG2   . VAL A 1 55  ? 15.634  2.361   0.510   1.00 27.33 ? 55  VAL A CG2   1 
ATOM   445  N  N     . ALA A 1 56  ? 15.057  -2.106  0.965   1.00 25.93 ? 56  ALA A N     1 
ATOM   446  C  CA    . ALA A 1 56  ? 14.916  -3.518  0.628   1.00 24.64 ? 56  ALA A CA    1 
ATOM   447  C  C     . ALA A 1 56  ? 13.562  -4.061  1.126   1.00 25.16 ? 56  ALA A C     1 
ATOM   448  O  O     . ALA A 1 56  ? 12.822  -4.716  0.389   1.00 25.52 ? 56  ALA A O     1 
ATOM   449  C  CB    . ALA A 1 56  ? 16.041  -4.277  1.253   1.00 21.19 ? 56  ALA A CB    1 
ATOM   450  N  N     . ASP A 1 57  ? 13.222  -3.726  2.365   1.00 25.47 ? 57  ASP A N     1 
ATOM   451  C  CA    . ASP A 1 57  ? 11.990  -4.159  2.975   1.00 25.16 ? 57  ASP A CA    1 
ATOM   452  C  C     . ASP A 1 57  ? 10.783  -3.533  2.278   1.00 25.58 ? 57  ASP A C     1 
ATOM   453  O  O     . ASP A 1 57  ? 9.811   -4.251  1.984   1.00 27.68 ? 57  ASP A O     1 
ATOM   454  C  CB    . ASP A 1 57  ? 11.990  -3.844  4.482   1.00 28.35 ? 57  ASP A CB    1 
ATOM   455  C  CG    . ASP A 1 57  ? 10.920  -4.641  5.266   1.00 30.82 ? 57  ASP A CG    1 
ATOM   456  O  OD1   . ASP A 1 57  ? 9.779   -4.160  5.374   1.00 30.89 ? 57  ASP A OD1   1 
ATOM   457  O  OD2   . ASP A 1 57  ? 11.224  -5.748  5.796   1.00 33.16 ? 57  ASP A OD2   1 
ATOM   458  N  N     . LEU A 1 58  ? 10.832  -2.232  1.986   1.00 23.16 ? 58  LEU A N     1 
ATOM   459  C  CA    . LEU A 1 58  ? 9.725   -1.590  1.291   1.00 21.86 ? 58  LEU A CA    1 
ATOM   460  C  C     . LEU A 1 58  ? 9.363   -2.369  0.054   1.00 22.08 ? 58  LEU A C     1 
ATOM   461  O  O     . LEU A 1 58  ? 8.198   -2.751  -0.151  1.00 24.03 ? 58  LEU A O     1 
ATOM   462  C  CB    . LEU A 1 58  ? 10.016  -0.132  0.876   1.00 20.29 ? 58  LEU A CB    1 
ATOM   463  C  CG    . LEU A 1 58  ? 8.809   0.593   0.234   1.00 19.12 ? 58  LEU A CG    1 
ATOM   464  C  CD1   . LEU A 1 58  ? 7.566   0.451   1.061   1.00 20.42 ? 58  LEU A CD1   1 
ATOM   465  C  CD2   . LEU A 1 58  ? 9.042   2.043   0.069   1.00 15.88 ? 58  LEU A CD2   1 
ATOM   466  N  N     . PHE A 1 59  ? 10.365  -2.722  -0.728  1.00 21.15 ? 59  PHE A N     1 
ATOM   467  C  CA    . PHE A 1 59  ? 10.100  -3.420  -1.964  1.00 19.94 ? 59  PHE A CA    1 
ATOM   468  C  C     . PHE A 1 59  ? 9.956   -4.963  -1.916  1.00 19.81 ? 59  PHE A C     1 
ATOM   469  O  O     . PHE A 1 59  ? 9.250   -5.544  -2.743  1.00 19.12 ? 59  PHE A O     1 
ATOM   470  C  CB    . PHE A 1 59  ? 10.999  -2.842  -3.092  1.00 18.22 ? 59  PHE A CB    1 
ATOM   471  C  CG    . PHE A 1 59  ? 10.649  -1.406  -3.457  1.00 14.88 ? 59  PHE A CG    1 
ATOM   472  C  CD1   . PHE A 1 59  ? 9.599   -1.123  -4.367  1.00 13.44 ? 59  PHE A CD1   1 
ATOM   473  C  CD2   . PHE A 1 59  ? 11.282  -0.347  -2.832  1.00 16.01 ? 59  PHE A CD2   1 
ATOM   474  C  CE1   . PHE A 1 59  ? 9.185   0.184   -4.639  1.00 10.43 ? 59  PHE A CE1   1 
ATOM   475  C  CE2   . PHE A 1 59  ? 10.881  0.980   -3.089  1.00 15.59 ? 59  PHE A CE2   1 
ATOM   476  C  CZ    . PHE A 1 59  ? 9.819   1.236   -4.002  1.00 12.02 ? 59  PHE A CZ    1 
ATOM   477  N  N     . GLN A 1 60  ? 10.597  -5.618  -0.960  1.00 20.17 ? 60  GLN A N     1 
ATOM   478  C  CA    . GLN A 1 60  ? 10.352  -7.052  -0.844  1.00 21.19 ? 60  GLN A CA    1 
ATOM   479  C  C     . GLN A 1 60  ? 8.863   -7.164  -0.375  1.00 21.62 ? 60  GLN A C     1 
ATOM   480  O  O     . GLN A 1 60  ? 8.103   -8.002  -0.862  1.00 21.70 ? 60  GLN A O     1 
ATOM   481  C  CB    . GLN A 1 60  ? 11.283  -7.676  0.172   1.00 20.69 ? 60  GLN A CB    1 
ATOM   482  C  CG    . GLN A 1 60  ? 12.686  -7.667  -0.294  1.00 28.82 ? 60  GLN A CG    1 
ATOM   483  C  CD    . GLN A 1 60  ? 13.718  -7.920  0.808   1.00 33.67 ? 60  GLN A CD    1 
ATOM   484  O  OE1   . GLN A 1 60  ? 14.896  -8.104  0.509   1.00 39.16 ? 60  GLN A OE1   1 
ATOM   485  N  NE2   . GLN A 1 60  ? 13.294  -7.925  2.067   1.00 32.01 ? 60  GLN A NE2   1 
ATOM   486  N  N     . THR A 1 61  ? 8.429   -6.246  0.486   1.00 21.48 ? 61  THR A N     1 
ATOM   487  C  CA    . THR A 1 61  ? 7.046   -6.269  0.918   1.00 22.44 ? 61  THR A CA    1 
ATOM   488  C  C     . THR A 1 61  ? 6.092   -5.995  -0.236  1.00 22.06 ? 61  THR A C     1 
ATOM   489  O  O     . THR A 1 61  ? 5.057   -6.646  -0.368  1.00 22.91 ? 61  THR A O     1 
ATOM   490  C  CB    . THR A 1 61  ? 6.796   -5.275  2.069   1.00 22.79 ? 61  THR A CB    1 
ATOM   491  O  OG1   . THR A 1 61  ? 7.637   -5.635  3.161   1.00 21.48 ? 61  THR A OG1   1 
ATOM   492  C  CG2   . THR A 1 61  ? 5.338   -5.351  2.554   1.00 18.81 ? 61  THR A CG2   1 
ATOM   493  N  N     . THR A 1 62  ? 6.423   -5.016  -1.073  1.00 22.45 ? 62  THR A N     1 
ATOM   494  C  CA    . THR A 1 62  ? 5.612   -4.661  -2.265  1.00 20.83 ? 62  THR A CA    1 
ATOM   495  C  C     . THR A 1 62  ? 5.475   -5.828  -3.239  1.00 21.55 ? 62  THR A C     1 
ATOM   496  O  O     . THR A 1 62  ? 4.465   -5.931  -3.940  1.00 22.01 ? 62  THR A O     1 
ATOM   497  C  CB    . THR A 1 62  ? 6.237   -3.464  -2.970  1.00 16.06 ? 62  THR A CB    1 
ATOM   498  O  OG1   . THR A 1 62  ? 6.045   -2.335  -2.128  1.00 18.69 ? 62  THR A OG1   1 
ATOM   499  C  CG2   . THR A 1 62  ? 5.634   -3.184  -4.327  1.00 10.51 ? 62  THR A CG2   1 
ATOM   500  N  N     . GLN A 1 63  ? 6.502   -6.692  -3.271  1.00 21.91 ? 63  GLN A N     1 
ATOM   501  C  CA    . GLN A 1 63  ? 6.570   -7.857  -4.137  1.00 20.97 ? 63  GLN A CA    1 
ATOM   502  C  C     . GLN A 1 63  ? 5.544   -8.898  -3.667  1.00 21.73 ? 63  GLN A C     1 
ATOM   503  O  O     . GLN A 1 63  ? 4.758   -9.400  -4.463  1.00 21.24 ? 63  GLN A O     1 
ATOM   504  C  CB    . GLN A 1 63  ? 7.984   -8.467  -4.139  1.00 18.82 ? 63  GLN A CB    1 
ATOM   505  C  CG    . GLN A 1 63  ? 8.130   -9.622  -5.141  1.00 14.47 ? 63  GLN A CG    1 
ATOM   506  C  CD    . GLN A 1 63  ? 9.417   -10.342 -4.988  1.00 18.25 ? 63  GLN A CD    1 
ATOM   507  O  OE1   . GLN A 1 63  ? 9.859   -10.630 -3.857  1.00 20.71 ? 63  GLN A OE1   1 
ATOM   508  N  NE2   . GLN A 1 63  ? 10.074  -10.614 -6.116  1.00 19.29 ? 63  GLN A NE2   1 
ATOM   509  N  N     . ARG A 1 64  ? 5.542   -9.156  -2.367  1.00 22.09 ? 64  ARG A N     1 
ATOM   510  C  CA    . ARG A 1 64  ? 4.565   -10.049 -1.759  1.00 23.58 ? 64  ARG A CA    1 
ATOM   511  C  C     . ARG A 1 64  ? 3.117   -9.553  -1.903  1.00 23.40 ? 64  ARG A C     1 
ATOM   512  O  O     . ARG A 1 64  ? 2.234   -10.310 -2.272  1.00 23.75 ? 64  ARG A O     1 
ATOM   513  C  CB    . ARG A 1 64  ? 4.880   -10.185 -0.283  1.00 25.40 ? 64  ARG A CB    1 
ATOM   514  C  CG    . ARG A 1 64  ? 6.202   -10.856 -0.022  1.00 27.61 ? 64  ARG A CG    1 
ATOM   515  C  CD    . ARG A 1 64  ? 6.475   -10.711 1.443   1.00 30.72 ? 64  ARG A CD    1 
ATOM   516  N  NE    . ARG A 1 64  ? 5.571   -11.513 2.235   1.00 33.70 ? 64  ARG A NE    1 
ATOM   517  C  CZ    . ARG A 1 64  ? 5.458   -11.393 3.552   1.00 31.75 ? 64  ARG A CZ    1 
ATOM   518  N  NH1   . ARG A 1 64  ? 6.176   -10.478 4.199   1.00 27.13 ? 64  ARG A NH1   1 
ATOM   519  N  NH2   . ARG A 1 64  ? 4.732   -12.287 4.228   1.00 33.64 ? 64  ARG A NH2   1 
ATOM   520  N  N     . VAL A 1 65  ? 2.887   -8.286  -1.562  1.00 23.77 ? 65  VAL A N     1 
ATOM   521  C  CA    . VAL A 1 65  ? 1.568   -7.683  -1.690  1.00 23.31 ? 65  VAL A CA    1 
ATOM   522  C  C     . VAL A 1 65  ? 1.077   -7.743  -3.127  1.00 25.14 ? 65  VAL A C     1 
ATOM   523  O  O     . VAL A 1 65  ? -0.058  -8.149  -3.337  1.00 27.62 ? 65  VAL A O     1 
ATOM   524  C  CB    . VAL A 1 65  ? 1.559   -6.264  -1.177  1.00 19.07 ? 65  VAL A CB    1 
ATOM   525  C  CG1   . VAL A 1 65  ? 0.243   -5.551  -1.534  1.00 15.62 ? 65  VAL A CG1   1 
ATOM   526  C  CG2   . VAL A 1 65  ? 1.871   -6.294  0.314   1.00 14.77 ? 65  VAL A CG2   1 
ATOM   527  N  N     . GLY A 1 66  ? 1.907   -7.397  -4.119  1.00 24.73 ? 66  GLY A N     1 
ATOM   528  C  CA    . GLY A 1 66  ? 1.474   -7.473  -5.504  1.00 24.30 ? 66  GLY A CA    1 
ATOM   529  C  C     . GLY A 1 66  ? 1.003   -8.867  -5.926  1.00 25.67 ? 66  GLY A C     1 
ATOM   530  O  O     . GLY A 1 66  ? 0.053   -9.032  -6.683  1.00 26.43 ? 66  GLY A O     1 
ATOM   531  N  N     . THR A 1 67  ? 1.706   -9.889  -5.491  1.00 26.55 ? 67  THR A N     1 
ATOM   532  C  CA    . THR A 1 67  ? 1.320   -11.240 -5.828  1.00 27.75 ? 67  THR A CA    1 
ATOM   533  C  C     . THR A 1 67  ? -0.064  -11.516 -5.310  1.00 26.60 ? 67  THR A C     1 
ATOM   534  O  O     . THR A 1 67  ? -0.903  -12.037 -6.032  1.00 25.96 ? 67  THR A O     1 
ATOM   535  C  CB    . THR A 1 67  ? 2.258   -12.255 -5.176  1.00 32.30 ? 67  THR A CB    1 
ATOM   536  O  OG1   . THR A 1 67  ? 3.537   -12.125 -5.802  1.00 38.61 ? 67  THR A OG1   1 
ATOM   537  C  CG2   . THR A 1 67  ? 1.735   -13.697 -5.331  1.00 31.05 ? 67  THR A CG2   1 
ATOM   538  N  N     . VAL A 1 68  ? -0.282  -11.141 -4.047  1.00 26.05 ? 68  VAL A N     1 
ATOM   539  C  CA    . VAL A 1 68  ? -1.558  -11.345 -3.382  1.00 24.81 ? 68  VAL A CA    1 
ATOM   540  C  C     . VAL A 1 68  ? -2.712  -10.616 -4.015  1.00 25.76 ? 68  VAL A C     1 
ATOM   541  O  O     . VAL A 1 68  ? -3.696  -11.262 -4.340  1.00 27.32 ? 68  VAL A O     1 
ATOM   542  C  CB    . VAL A 1 68  ? -1.463  -11.082 -1.879  1.00 22.86 ? 68  VAL A CB    1 
ATOM   543  C  CG1   . VAL A 1 68  ? -2.846  -11.002 -1.234  1.00 19.62 ? 68  VAL A CG1   1 
ATOM   544  C  CG2   . VAL A 1 68  ? -0.624  -12.209 -1.233  1.00 16.07 ? 68  VAL A CG2   1 
ATOM   545  N  N     . VAL A 1 69  ? -2.586  -9.313  -4.273  1.00 25.86 ? 69  VAL A N     1 
ATOM   546  C  CA    . VAL A 1 69  ? -3.681  -8.561  -4.891  1.00 24.39 ? 69  VAL A CA    1 
ATOM   547  C  C     . VAL A 1 69  ? -3.927  -8.901  -6.353  1.00 26.46 ? 69  VAL A C     1 
ATOM   548  O  O     . VAL A 1 69  ? -5.064  -8.823  -6.838  1.00 26.78 ? 69  VAL A O     1 
ATOM   549  C  CB    . VAL A 1 69  ? -3.541  -7.055  -4.666  1.00 20.53 ? 69  VAL A CB    1 
ATOM   550  C  CG1   . VAL A 1 69  ? -3.549  -6.778  -3.196  1.00 16.57 ? 69  VAL A CG1   1 
ATOM   551  C  CG2   . VAL A 1 69  ? -2.292  -6.522  -5.303  1.00 19.32 ? 69  VAL A CG2   1 
ATOM   552  N  N     . GLU A 1 70  ? -2.885  -9.330  -7.057  1.00 28.38 ? 70  GLU A N     1 
ATOM   553  C  CA    . GLU A 1 70  ? -3.055  -9.681  -8.445  1.00 30.51 ? 70  GLU A CA    1 
ATOM   554  C  C     . GLU A 1 70  ? -3.942  -10.938 -8.484  1.00 32.60 ? 70  GLU A C     1 
ATOM   555  O  O     . GLU A 1 70  ? -4.868  -11.051 -9.308  1.00 33.34 ? 70  GLU A O     1 
ATOM   556  C  CB    . GLU A 1 70  ? -1.711  -9.945  -9.115  1.00 31.80 ? 70  GLU A CB    1 
ATOM   557  C  CG    . GLU A 1 70  ? -1.819  -10.131 -10.656 1.00 36.29 ? 70  GLU A CG    1 
ATOM   558  C  CD    . GLU A 1 70  ? -0.505  -10.565 -11.349 1.00 42.32 ? 70  GLU A CD    1 
ATOM   559  O  OE1   . GLU A 1 70  ? 0.514   -10.796 -10.665 1.00 44.99 ? 70  GLU A OE1   1 
ATOM   560  O  OE2   . GLU A 1 70  ? -0.478  -10.665 -12.594 1.00 45.45 ? 70  GLU A OE2   1 
ATOM   561  N  N     . LYS A 1 71  ? -3.650  -11.849 -7.550  1.00 32.55 ? 71  LYS A N     1 
ATOM   562  C  CA    . LYS A 1 71  ? -4.325  -13.133 -7.339  1.00 31.67 ? 71  LYS A CA    1 
ATOM   563  C  C     . LYS A 1 71  ? -5.799  -12.890 -6.940  1.00 30.92 ? 71  LYS A C     1 
ATOM   564  O  O     . LYS A 1 71  ? -6.712  -13.117 -7.717  1.00 31.02 ? 71  LYS A O     1 
ATOM   565  C  CB    . LYS A 1 71  ? -3.570  -13.843 -6.195  1.00 33.54 ? 71  LYS A CB    1 
ATOM   566  C  CG    . LYS A 1 71  ? -3.735  -15.319 -6.033  1.00 41.31 ? 71  LYS A CG    1 
ATOM   567  C  CD    . LYS A 1 71  ? -2.603  -15.878 -5.157  1.00 50.85 ? 71  LYS A CD    1 
ATOM   568  C  CE    . LYS A 1 71  ? -2.835  -17.381 -4.841  1.00 60.38 ? 71  LYS A CE    1 
ATOM   569  N  NZ    . LYS A 1 71  ? -1.692  -18.059 -4.128  1.00 62.84 ? 71  LYS A NZ    1 
ATOM   570  N  N     . HIS A 1 72  ? -6.000  -12.371 -5.740  1.00 30.23 ? 72  HIS A N     1 
ATOM   571  C  CA    . HIS A 1 72  ? -7.324  -12.101 -5.218  1.00 29.83 ? 72  HIS A CA    1 
ATOM   572  C  C     . HIS A 1 72  ? -8.275  -11.297 -6.111  1.00 29.83 ? 72  HIS A C     1 
ATOM   573  O  O     . HIS A 1 72  ? -9.441  -11.694 -6.347  1.00 28.79 ? 72  HIS A O     1 
ATOM   574  C  CB    . HIS A 1 72  ? -7.169  -11.404 -3.873  1.00 30.51 ? 72  HIS A CB    1 
ATOM   575  C  CG    . HIS A 1 72  ? -8.466  -11.152 -3.151  1.00 32.25 ? 72  HIS A CG    1 
ATOM   576  N  ND1   . HIS A 1 72  ? -9.395  -12.153 -2.930  1.00 33.22 ? 72  HIS A ND1   1 
ATOM   577  C  CD2   . HIS A 1 72  ? -8.966  -10.038 -2.598  1.00 28.77 ? 72  HIS A CD2   1 
ATOM   578  C  CE1   . HIS A 1 72  ? -10.418 -11.643 -2.258  1.00 29.66 ? 72  HIS A CE1   1 
ATOM   579  N  NE2   . HIS A 1 72  ? -10.169 -10.360 -2.052  1.00 27.26 ? 72  HIS A NE2   1 
ATOM   580  N  N     . PHE A 1 73  ? -7.798  -10.152 -6.575  1.00 29.67 ? 73  PHE A N     1 
ATOM   581  C  CA    . PHE A 1 73  ? -8.600  -9.285  -7.403  1.00 29.82 ? 73  PHE A CA    1 
ATOM   582  C  C     . PHE A 1 73  ? -8.643  -9.622  -8.881  1.00 31.78 ? 73  PHE A C     1 
ATOM   583  O  O     . PHE A 1 73  ? -9.165  -8.846  -9.685  1.00 33.48 ? 73  PHE A O     1 
ATOM   584  C  CB    . PHE A 1 73  ? -8.190  -7.846  -7.173  1.00 27.49 ? 73  PHE A CB    1 
ATOM   585  C  CG    . PHE A 1 73  ? -8.556  -7.344  -5.813  1.00 25.39 ? 73  PHE A CG    1 
ATOM   586  C  CD1   . PHE A 1 73  ? -9.840  -6.879  -5.553  1.00 24.00 ? 73  PHE A CD1   1 
ATOM   587  C  CD2   . PHE A 1 73  ? -7.633  -7.329  -4.785  1.00 21.74 ? 73  PHE A CD2   1 
ATOM   588  C  CE1   . PHE A 1 73  ? -10.197 -6.412  -4.288  1.00 20.13 ? 73  PHE A CE1   1 
ATOM   589  C  CE2   . PHE A 1 73  ? -7.987  -6.860  -3.531  1.00 18.34 ? 73  PHE A CE2   1 
ATOM   590  C  CZ    . PHE A 1 73  ? -9.273  -6.405  -3.286  1.00 19.19 ? 73  PHE A CZ    1 
ATOM   591  N  N     . HIS A 1 74  ? -8.093  -10.781 -9.240  1.00 32.87 ? 74  HIS A N     1 
ATOM   592  C  CA    . HIS A 1 74  ? -8.088  -11.295 -10.613 1.00 33.91 ? 74  HIS A CA    1 
ATOM   593  C  C     . HIS A 1 74  ? -7.428  -10.480 -11.726 1.00 33.20 ? 74  HIS A C     1 
ATOM   594  O  O     . HIS A 1 74  ? -7.966  -10.384 -12.835 1.00 33.38 ? 74  HIS A O     1 
ATOM   595  C  CB    . HIS A 1 74  ? -9.527  -11.709 -10.996 1.00 39.46 ? 74  HIS A CB    1 
ATOM   596  C  CG    . HIS A 1 74  ? -10.107 -12.745 -10.083 1.00 44.73 ? 74  HIS A CG    1 
ATOM   597  N  ND1   . HIS A 1 74  ? -10.640 -12.430 -8.846  1.00 49.35 ? 74  HIS A ND1   1 
ATOM   598  C  CD2   . HIS A 1 74  ? -10.105 -14.099 -10.153 1.00 47.68 ? 74  HIS A CD2   1 
ATOM   599  C  CE1   . HIS A 1 74  ? -10.922 -13.543 -8.192  1.00 50.87 ? 74  HIS A CE1   1 
ATOM   600  N  NE2   . HIS A 1 74  ? -10.613 -14.568 -8.960  1.00 50.25 ? 74  HIS A NE2   1 
ATOM   601  N  N     . GLY A 1 75  ? -6.245  -9.942  -11.455 1.00 32.03 ? 75  GLY A N     1 
ATOM   602  C  CA    . GLY A 1 75  ? -5.552  -9.175  -12.467 1.00 31.02 ? 75  GLY A CA    1 
ATOM   603  C  C     . GLY A 1 75  ? -4.542  -10.070 -13.182 1.00 30.61 ? 75  GLY A C     1 
ATOM   604  O  O     . GLY A 1 75  ? -4.202  -11.154 -12.704 1.00 29.60 ? 75  GLY A O     1 
ATOM   605  N  N     . THR A 1 76  ? -4.074  -9.623  -14.338 1.00 31.52 ? 76  THR A N     1 
ATOM   606  C  CA    . THR A 1 76  ? -3.086  -10.361 -15.134 1.00 32.42 ? 76  THR A CA    1 
ATOM   607  C  C     . THR A 1 76  ? -1.726  -9.634  -15.192 1.00 31.71 ? 76  THR A C     1 
ATOM   608  O  O     . THR A 1 76  ? -0.757  -10.119 -15.783 1.00 31.75 ? 76  THR A O     1 
ATOM   609  C  CB    . THR A 1 76  ? -3.592  -10.598 -16.599 1.00 32.46 ? 76  THR A CB    1 
ATOM   610  O  OG1   . THR A 1 76  ? -4.345  -9.470  -17.055 1.00 32.33 ? 76  THR A OG1   1 
ATOM   611  C  CG2   . THR A 1 76  ? -4.492  -11.802 -16.650 1.00 36.87 ? 76  THR A CG2   1 
ATOM   612  N  N     . SER A 1 77  ? -1.658  -8.476  -14.551 1.00 30.04 ? 77  SER A N     1 
ATOM   613  C  CA    . SER A 1 77  ? -0.451  -7.677  -14.539 1.00 28.17 ? 77  SER A CA    1 
ATOM   614  C  C     . SER A 1 77  ? -0.599  -6.809  -13.308 1.00 26.85 ? 77  SER A C     1 
ATOM   615  O  O     . SER A 1 77  ? -1.617  -6.913  -12.594 1.00 26.66 ? 77  SER A O     1 
ATOM   616  C  CB    . SER A 1 77  ? -0.390  -6.804  -15.808 1.00 27.30 ? 77  SER A CB    1 
ATOM   617  O  OG    . SER A 1 77  ? -0.187  -7.556  -16.991 1.00 23.60 ? 77  SER A OG    1 
ATOM   618  N  N     . LEU A 1 78  ? 0.365   -5.916  -13.099 1.00 24.74 ? 78  LEU A N     1 
ATOM   619  C  CA    . LEU A 1 78  ? 0.373   -5.002  -11.965 1.00 23.05 ? 78  LEU A CA    1 
ATOM   620  C  C     . LEU A 1 78  ? 1.117   -3.726  -12.338 1.00 22.88 ? 78  LEU A C     1 
ATOM   621  O  O     . LEU A 1 78  ? 2.087   -3.744  -13.091 1.00 24.42 ? 78  LEU A O     1 
ATOM   622  C  CB    . LEU A 1 78  ? 1.083   -5.648  -10.757 1.00 20.54 ? 78  LEU A CB    1 
ATOM   623  C  CG    . LEU A 1 78  ? 0.522   -6.785  -9.890  1.00 20.47 ? 78  LEU A CG    1 
ATOM   624  C  CD1   . LEU A 1 78  ? 1.666   -7.552  -9.189  1.00 19.40 ? 78  LEU A CD1   1 
ATOM   625  C  CD2   . LEU A 1 78  ? -0.441  -6.260  -8.865  1.00 19.62 ? 78  LEU A CD2   1 
ATOM   626  N  N     . THR A 1 79  ? 0.672   -2.610  -11.806 1.00 22.64 ? 79  THR A N     1 
ATOM   627  C  CA    . THR A 1 79  ? 1.339   -1.360  -12.055 1.00 21.92 ? 79  THR A CA    1 
ATOM   628  C  C     . THR A 1 79  ? 1.829   -0.971  -10.707 1.00 22.07 ? 79  THR A C     1 
ATOM   629  O  O     . THR A 1 79  ? 1.084   -1.054  -9.760  1.00 22.66 ? 79  THR A O     1 
ATOM   630  C  CB    . THR A 1 79  ? 0.367   -0.319  -12.457 1.00 22.41 ? 79  THR A CB    1 
ATOM   631  O  OG1   . THR A 1 79  ? -0.117  -0.607  -13.771 1.00 22.64 ? 79  THR A OG1   1 
ATOM   632  C  CG2   . THR A 1 79  ? 1.038   1.037   -12.404 1.00 22.41 ? 79  THR A CG2   1 
ATOM   633  N  N     . PHE A 1 80  ? 3.081   -0.565  -10.603 1.00 22.99 ? 80  PHE A N     1 
ATOM   634  C  CA    . PHE A 1 80  ? 3.676   -0.126  -9.340  1.00 21.63 ? 80  PHE A CA    1 
ATOM   635  C  C     . PHE A 1 80  ? 4.142   1.295   -9.592  1.00 22.76 ? 80  PHE A C     1 
ATOM   636  O  O     . PHE A 1 80  ? 4.638   1.592   -10.677 1.00 24.58 ? 80  PHE A O     1 
ATOM   637  C  CB    . PHE A 1 80  ? 4.874   -0.984  -9.019  1.00 18.18 ? 80  PHE A CB    1 
ATOM   638  C  CG    . PHE A 1 80  ? 4.536   -2.404  -8.711  1.00 19.48 ? 80  PHE A CG    1 
ATOM   639  C  CD1   . PHE A 1 80  ? 4.246   -2.795  -7.392  1.00 18.50 ? 80  PHE A CD1   1 
ATOM   640  C  CD2   . PHE A 1 80  ? 4.597   -3.374  -9.714  1.00 17.42 ? 80  PHE A CD2   1 
ATOM   641  C  CE1   . PHE A 1 80  ? 4.031   -4.139  -7.062  1.00 20.10 ? 80  PHE A CE1   1 
ATOM   642  C  CE2   . PHE A 1 80  ? 4.384   -4.745  -9.413  1.00 18.86 ? 80  PHE A CE2   1 
ATOM   643  C  CZ    . PHE A 1 80  ? 4.101   -5.129  -8.076  1.00 21.71 ? 80  PHE A CZ    1 
ATOM   644  N  N     . SER A 1 81  ? 3.908   2.220   -8.680  1.00 23.11 ? 81  SER A N     1 
ATOM   645  C  CA    . SER A 1 81  ? 4.377   3.562   -8.924  1.00 23.25 ? 81  SER A CA    1 
ATOM   646  C  C     . SER A 1 81  ? 4.458   4.270   -7.600  1.00 22.38 ? 81  SER A C     1 
ATOM   647  O  O     . SER A 1 81  ? 3.627   4.030   -6.726  1.00 22.87 ? 81  SER A O     1 
ATOM   648  C  CB    . SER A 1 81  ? 3.441   4.293   -9.886  1.00 27.55 ? 81  SER A CB    1 
ATOM   649  O  OG    . SER A 1 81  ? 2.555   5.147   -9.171  1.00 35.78 ? 81  SER A OG    1 
HETATM 650  N  N     . MSE A 1 82  ? 5.482   5.107   -7.464  1.00 22.26 ? 82  MSE A N     1 
HETATM 651  C  CA    . MSE A 1 82  ? 5.775   5.895   -6.283  1.00 21.93 ? 82  MSE A CA    1 
HETATM 652  C  C     . MSE A 1 82  ? 5.902   7.339   -6.727  1.00 22.72 ? 82  MSE A C     1 
HETATM 653  O  O     . MSE A 1 82  ? 6.742   7.658   -7.537  1.00 24.24 ? 82  MSE A O     1 
HETATM 654  C  CB    . MSE A 1 82  ? 7.063   5.384   -5.662  1.00 20.48 ? 82  MSE A CB    1 
HETATM 655  C  CG    . MSE A 1 82  ? 7.698   6.264   -4.585  1.00 28.03 ? 82  MSE A CG    1 
HETATM 656  SE SE    . MSE A 1 82  ? 8.997   5.387   -3.636  1.00 36.75 ? 82  MSE A SE    1 
HETATM 657  C  CE    . MSE A 1 82  ? 10.057  4.664   -4.964  1.00 35.96 ? 82  MSE A CE    1 
ATOM   658  N  N     . GLN A 1 83  ? 4.982   8.204   -6.314  1.00 23.66 ? 83  GLN A N     1 
ATOM   659  C  CA    . GLN A 1 83  ? 5.031   9.628   -6.682  1.00 23.23 ? 83  GLN A CA    1 
ATOM   660  C  C     . GLN A 1 83  ? 5.887   10.277  -5.609  1.00 23.30 ? 83  GLN A C     1 
ATOM   661  O  O     . GLN A 1 83  ? 5.394   10.654  -4.558  1.00 22.48 ? 83  GLN A O     1 
ATOM   662  C  CB    . GLN A 1 83  ? 3.627   10.188  -6.674  1.00 25.26 ? 83  GLN A CB    1 
ATOM   663  C  CG    . GLN A 1 83  ? 2.654   9.254   -7.398  1.00 28.55 ? 83  GLN A CG    1 
ATOM   664  C  CD    . GLN A 1 83  ? 1.312   9.879   -7.667  1.00 28.22 ? 83  GLN A CD    1 
ATOM   665  O  OE1   . GLN A 1 83  ? 0.983   10.180  -8.811  1.00 30.87 ? 83  GLN A OE1   1 
ATOM   666  N  NE2   . GLN A 1 83  ? 0.538   10.098  -6.623  1.00 29.13 ? 83  GLN A NE2   1 
ATOM   667  N  N     . ASP A 1 84  ? 7.181   10.366  -5.891  1.00 24.21 ? 84  ASP A N     1 
ATOM   668  C  CA    . ASP A 1 84  ? 8.176   10.878  -4.957  1.00 26.30 ? 84  ASP A CA    1 
ATOM   669  C  C     . ASP A 1 84  ? 8.462   12.369  -5.053  1.00 28.55 ? 84  ASP A C     1 
ATOM   670  O  O     . ASP A 1 84  ? 9.396   12.784  -5.743  1.00 28.80 ? 84  ASP A O     1 
ATOM   671  C  CB    . ASP A 1 84  ? 9.460   10.084  -5.179  1.00 25.46 ? 84  ASP A CB    1 
ATOM   672  C  CG    . ASP A 1 84  ? 10.544  10.474  -4.261  1.00 27.52 ? 84  ASP A CG    1 
ATOM   673  O  OD1   . ASP A 1 84  ? 10.321  10.550  -3.046  1.00 30.98 ? 84  ASP A OD1   1 
ATOM   674  O  OD2   . ASP A 1 84  ? 11.650  10.681  -4.738  1.00 29.80 ? 84  ASP A OD2   1 
ATOM   675  N  N     . GLY A 1 85  ? 7.684   13.183  -4.341  1.00 30.12 ? 85  GLY A N     1 
ATOM   676  C  CA    . GLY A 1 85  ? 7.907   14.617  -4.381  1.00 30.82 ? 85  GLY A CA    1 
ATOM   677  C  C     . GLY A 1 85  ? 6.682   15.380  -4.812  1.00 30.93 ? 85  GLY A C     1 
ATOM   678  O  O     . GLY A 1 85  ? 5.857   14.858  -5.549  1.00 30.13 ? 85  GLY A O     1 
ATOM   679  N  N     . PRO A 1 86  ? 6.552   16.638  -4.401  1.00 32.04 ? 86  PRO A N     1 
ATOM   680  C  CA    . PRO A 1 86  ? 5.368   17.383  -4.801  1.00 33.48 ? 86  PRO A CA    1 
ATOM   681  C  C     . PRO A 1 86  ? 5.189   17.598  -6.284  1.00 35.81 ? 86  PRO A C     1 
ATOM   682  O  O     . PRO A 1 86  ? 4.042   17.704  -6.752  1.00 37.13 ? 86  PRO A O     1 
ATOM   683  C  CB    . PRO A 1 86  ? 5.443   18.693  -3.999  1.00 32.40 ? 86  PRO A CB    1 
ATOM   684  C  CG    . PRO A 1 86  ? 6.775   18.681  -3.332  1.00 33.97 ? 86  PRO A CG    1 
ATOM   685  C  CD    . PRO A 1 86  ? 7.216   17.259  -3.243  1.00 33.37 ? 86  PRO A CD    1 
ATOM   686  N  N     . GLU A 1 87  ? 6.287   17.620  -7.049  1.00 36.90 ? 87  GLU A N     1 
ATOM   687  C  CA    . GLU A 1 87  ? 6.164   17.816  -8.511  1.00 36.41 ? 87  GLU A CA    1 
ATOM   688  C  C     . GLU A 1 87  ? 5.898   16.532  -9.262  1.00 35.93 ? 87  GLU A C     1 
ATOM   689  O  O     . GLU A 1 87  ? 5.784   16.526  -10.490 1.00 35.45 ? 87  GLU A O     1 
ATOM   690  C  CB    . GLU A 1 87  ? 7.359   18.576  -9.088  1.00 36.81 ? 87  GLU A CB    1 
ATOM   691  C  CG    . GLU A 1 87  ? 7.408   20.072  -8.701  1.00 35.77 ? 87  GLU A CG    1 
ATOM   692  C  CD    . GLU A 1 87  ? 7.531   20.325  -7.186  1.00 39.98 ? 87  GLU A CD    1 
ATOM   693  O  OE1   . GLU A 1 87  ? 8.544   19.933  -6.541  1.00 40.05 ? 87  GLU A OE1   1 
ATOM   694  O  OE2   . GLU A 1 87  ? 6.589   20.938  -6.633  1.00 46.16 ? 87  GLU A OE2   1 
ATOM   695  N  N     . ALA A 1 88  ? 5.826   15.443  -8.495  1.00 36.07 ? 88  ALA A N     1 
ATOM   696  C  CA    . ALA A 1 88  ? 5.530   14.107  -9.003  1.00 35.34 ? 88  ALA A CA    1 
ATOM   697  C  C     . ALA A 1 88  ? 4.087   13.752  -8.599  1.00 36.36 ? 88  ALA A C     1 
ATOM   698  O  O     . ALA A 1 88  ? 3.591   12.652  -8.899  1.00 36.44 ? 88  ALA A O     1 
ATOM   699  C  CB    . ALA A 1 88  ? 6.518   13.089  -8.443  1.00 30.10 ? 88  ALA A CB    1 
ATOM   700  N  N     . GLY A 1 89  ? 3.415   14.675  -7.914  1.00 36.87 ? 89  GLY A N     1 
ATOM   701  C  CA    . GLY A 1 89  ? 2.042   14.430  -7.494  1.00 38.72 ? 89  GLY A CA    1 
ATOM   702  C  C     . GLY A 1 89  ? 1.788   13.868  -6.081  1.00 39.37 ? 89  GLY A C     1 
ATOM   703  O  O     . GLY A 1 89  ? 0.661   13.597  -5.711  1.00 39.33 ? 89  GLY A O     1 
ATOM   704  N  N     . GLN A 1 90  ? 2.821   13.728  -5.278  1.00 40.08 ? 90  GLN A N     1 
ATOM   705  C  CA    . GLN A 1 90  ? 2.638   13.193  -3.954  1.00 41.56 ? 90  GLN A CA    1 
ATOM   706  C  C     . GLN A 1 90  ? 1.727   14.069  -3.132  1.00 44.48 ? 90  GLN A C     1 
ATOM   707  O  O     . GLN A 1 90  ? 2.108   15.222  -2.829  1.00 46.37 ? 90  GLN A O     1 
ATOM   708  C  CB    . GLN A 1 90  ? 3.986   13.107  -3.234  1.00 38.82 ? 90  GLN A CB    1 
ATOM   709  C  CG    . GLN A 1 90  ? 3.869   12.584  -1.844  1.00 36.83 ? 90  GLN A CG    1 
ATOM   710  C  CD    . GLN A 1 90  ? 5.203   12.268  -1.218  1.00 36.84 ? 90  GLN A CD    1 
ATOM   711  O  OE1   . GLN A 1 90  ? 6.184   12.980  -1.407  1.00 37.65 ? 90  GLN A OE1   1 
ATOM   712  N  NE2   . GLN A 1 90  ? 5.245   11.201  -0.452  1.00 36.62 ? 90  GLN A NE2   1 
ATOM   713  N  N     . THR A 1 91  ? 0.553   13.542  -2.754  1.00 44.89 ? 91  THR A N     1 
ATOM   714  C  CA    . THR A 1 91  ? -0.382  14.280  -1.893  1.00 44.90 ? 91  THR A CA    1 
ATOM   715  C  C     . THR A 1 91  ? 0.011   14.030  -0.440  1.00 45.92 ? 91  THR A C     1 
ATOM   716  O  O     . THR A 1 91  ? 0.081   14.972  0.332   1.00 48.16 ? 91  THR A O     1 
ATOM   717  C  CB    . THR A 1 91  ? -1.892  13.939  -2.109  1.00 44.60 ? 91  THR A CB    1 
ATOM   718  O  OG1   . THR A 1 91  ? -2.131  12.546  -1.905  1.00 47.34 ? 91  THR A OG1   1 
ATOM   719  C  CG2   . THR A 1 91  ? -2.343  14.306  -3.494  1.00 46.42 ? 91  THR A CG2   1 
ATOM   720  N  N     . VAL A 1 92  ? 0.300   12.790  -0.048  1.00 45.47 ? 92  VAL A N     1 
ATOM   721  C  CA    . VAL A 1 92  ? 0.686   12.537  1.347   1.00 43.20 ? 92  VAL A CA    1 
ATOM   722  C  C     . VAL A 1 92  ? 2.189   12.478  1.425   1.00 42.28 ? 92  VAL A C     1 
ATOM   723  O  O     . VAL A 1 92  ? 2.853   11.759  0.670   1.00 41.81 ? 92  VAL A O     1 
ATOM   724  C  CB    . VAL A 1 92  ? 0.095   11.253  1.922   1.00 41.16 ? 92  VAL A CB    1 
ATOM   725  C  CG1   . VAL A 1 92  ? 0.525   11.085  3.351   1.00 38.04 ? 92  VAL A CG1   1 
ATOM   726  C  CG2   . VAL A 1 92  ? -1.374  11.351  1.928   1.00 45.22 ? 92  VAL A CG2   1 
ATOM   727  N  N     . LYS A 1 93  ? 2.725   13.221  2.369   1.00 41.17 ? 93  LYS A N     1 
ATOM   728  C  CA    . LYS A 1 93  ? 4.157   13.271  2.520   1.00 40.29 ? 93  LYS A CA    1 
ATOM   729  C  C     . LYS A 1 93  ? 4.700   12.108  3.308   1.00 39.18 ? 93  LYS A C     1 
ATOM   730  O  O     . LYS A 1 93  ? 5.188   12.256  4.448   1.00 39.54 ? 93  LYS A O     1 
ATOM   731  C  CB    . LYS A 1 93  ? 4.550   14.602  3.141   1.00 41.61 ? 93  LYS A CB    1 
ATOM   732  C  CG    . LYS A 1 93  ? 4.083   15.789  2.356   1.00 45.24 ? 93  LYS A CG    1 
ATOM   733  C  CD    . LYS A 1 93  ? 4.406   16.994  3.191   1.00 55.58 ? 93  LYS A CD    1 
ATOM   734  C  CE    . LYS A 1 93  ? 3.956   18.294  2.566   1.00 60.48 ? 93  LYS A CE    1 
ATOM   735  N  NZ    . LYS A 1 93  ? 4.264   19.459  3.483   1.00 65.00 ? 93  LYS A NZ    1 
ATOM   736  N  N     . HIS A 1 94  ? 4.579   10.928  2.717   1.00 37.96 ? 94  HIS A N     1 
ATOM   737  C  CA    . HIS A 1 94  ? 5.080   9.703   3.334   1.00 35.90 ? 94  HIS A CA    1 
ATOM   738  C  C     . HIS A 1 94  ? 5.389   8.828   2.129   1.00 33.30 ? 94  HIS A C     1 
ATOM   739  O  O     . HIS A 1 94  ? 4.572   8.727   1.209   1.00 33.38 ? 94  HIS A O     1 
ATOM   740  C  CB    . HIS A 1 94  ? 4.007   9.073   4.244   1.00 36.23 ? 94  HIS A CB    1 
ATOM   741  C  CG    . HIS A 1 94  ? 4.497   7.949   5.099   1.00 36.96 ? 94  HIS A CG    1 
ATOM   742  N  ND1   . HIS A 1 94  ? 4.194   7.847   6.440   1.00 39.96 ? 94  HIS A ND1   1 
ATOM   743  C  CD2   . HIS A 1 94  ? 5.209   6.826   4.802   1.00 39.96 ? 94  HIS A CD2   1 
ATOM   744  C  CE1   . HIS A 1 94  ? 4.676   6.717   6.921   1.00 41.02 ? 94  HIS A CE1   1 
ATOM   745  N  NE2   . HIS A 1 94  ? 5.293   6.082   5.959   1.00 41.00 ? 94  HIS A NE2   1 
ATOM   746  N  N     . VAL A 1 95  ? 6.604   8.310   2.063   1.00 31.21 ? 95  VAL A N     1 
ATOM   747  C  CA    . VAL A 1 95  ? 6.973   7.457   0.946   1.00 29.16 ? 95  VAL A CA    1 
ATOM   748  C  C     . VAL A 1 95  ? 5.943   6.319   0.834   1.00 28.31 ? 95  VAL A C     1 
ATOM   749  O  O     . VAL A 1 95  ? 5.511   5.742   1.833   1.00 29.31 ? 95  VAL A O     1 
ATOM   750  C  CB    . VAL A 1 95  ? 8.383   6.854   1.172   1.00 27.32 ? 95  VAL A CB    1 
ATOM   751  C  CG1   . VAL A 1 95  ? 8.715   5.859   0.107   1.00 25.25 ? 95  VAL A CG1   1 
ATOM   752  C  CG2   . VAL A 1 95  ? 9.403   7.921   1.208   1.00 24.20 ? 95  VAL A CG2   1 
ATOM   753  N  N     . HIS A 1 96  ? 5.445   6.057   -0.351  1.00 26.18 ? 96  HIS A N     1 
ATOM   754  C  CA    . HIS A 1 96  ? 4.555   4.947   -0.450  1.00 23.82 ? 96  HIS A CA    1 
ATOM   755  C  C     . HIS A 1 96  ? 4.419   4.505   -1.869  1.00 23.33 ? 96  HIS A C     1 
ATOM   756  O  O     . HIS A 1 96  ? 4.427   5.318   -2.787  1.00 21.78 ? 96  HIS A O     1 
ATOM   757  C  CB    . HIS A 1 96  ? 3.186   5.237   0.194   1.00 24.77 ? 96  HIS A CB    1 
ATOM   758  C  CG    . HIS A 1 96  ? 2.403   6.335   -0.448  1.00 26.49 ? 96  HIS A CG    1 
ATOM   759  N  ND1   . HIS A 1 96  ? 2.592   7.666   -0.133  1.00 30.82 ? 96  HIS A ND1   1 
ATOM   760  C  CD2   . HIS A 1 96  ? 1.369   6.301   -1.328  1.00 25.32 ? 96  HIS A CD2   1 
ATOM   761  C  CE1   . HIS A 1 96  ? 1.706   8.404   -0.775  1.00 30.58 ? 96  HIS A CE1   1 
ATOM   762  N  NE2   . HIS A 1 96  ? 0.952   7.606   -1.510  1.00 26.25 ? 96  HIS A NE2   1 
ATOM   763  N  N     . VAL A 1 97  ? 4.262   3.196   -2.036  1.00 23.59 ? 97  VAL A N     1 
ATOM   764  C  CA    . VAL A 1 97  ? 4.091   2.595   -3.349  1.00 23.31 ? 97  VAL A CA    1 
ATOM   765  C  C     . VAL A 1 97  ? 2.635   2.269   -3.609  1.00 23.68 ? 97  VAL A C     1 
ATOM   766  O  O     . VAL A 1 97  ? 1.893   1.794   -2.729  1.00 23.20 ? 97  VAL A O     1 
ATOM   767  C  CB    . VAL A 1 97  ? 4.903   1.286   -3.516  1.00 21.42 ? 97  VAL A CB    1 
ATOM   768  C  CG1   . VAL A 1 97  ? 4.915   0.868   -5.003  1.00 19.19 ? 97  VAL A CG1   1 
ATOM   769  C  CG2   . VAL A 1 97  ? 6.346   1.468   -2.996  1.00 21.53 ? 97  VAL A CG2   1 
ATOM   770  N  N     . HIS A 1 98  ? 2.208   2.632   -4.802  1.00 23.85 ? 98  HIS A N     1 
ATOM   771  C  CA    . HIS A 1 98  ? 0.867   2.331   -5.195  1.00 24.14 ? 98  HIS A CA    1 
ATOM   772  C  C     . HIS A 1 98  ? 0.995   1.016   -5.904  1.00 22.92 ? 98  HIS A C     1 
ATOM   773  O  O     . HIS A 1 98  ? 1.835   0.902   -6.766  1.00 22.29 ? 98  HIS A O     1 
ATOM   774  C  CB    . HIS A 1 98  ? 0.379   3.361   -6.200  1.00 26.28 ? 98  HIS A CB    1 
ATOM   775  C  CG    . HIS A 1 98  ? 0.148   4.710   -5.619  1.00 25.18 ? 98  HIS A CG    1 
ATOM   776  N  ND1   . HIS A 1 98  ? -1.023  5.058   -4.980  1.00 21.70 ? 98  HIS A ND1   1 
ATOM   777  C  CD2   . HIS A 1 98  ? 0.934   5.811   -5.591  1.00 24.11 ? 98  HIS A CD2   1 
ATOM   778  C  CE1   . HIS A 1 98  ? -0.952  6.317   -4.595  1.00 20.59 ? 98  HIS A CE1   1 
ATOM   779  N  NE2   . HIS A 1 98  ? 0.222   6.796   -4.954  1.00 24.28 ? 98  HIS A NE2   1 
ATOM   780  N  N     . VAL A 1 99  ? 0.184   0.040   -5.507  1.00 22.27 ? 99  VAL A N     1 
ATOM   781  C  CA    . VAL A 1 99  ? 0.134   -1.288  -6.132  1.00 21.79 ? 99  VAL A CA    1 
ATOM   782  C  C     . VAL A 1 99  ? -1.288  -1.509  -6.700  1.00 21.98 ? 99  VAL A C     1 
ATOM   783  O  O     . VAL A 1 99  ? -2.269  -1.522  -5.968  1.00 20.89 ? 99  VAL A O     1 
ATOM   784  C  CB    . VAL A 1 99  ? 0.540   -2.423  -5.141  1.00 20.30 ? 99  VAL A CB    1 
ATOM   785  C  CG1   . VAL A 1 99  ? 0.514   -3.812  -5.827  1.00 14.66 ? 99  VAL A CG1   1 
ATOM   786  C  CG2   . VAL A 1 99  ? 1.900   -2.102  -4.530  1.00 14.09 ? 99  VAL A CG2   1 
ATOM   787  N  N     . LEU A 1 100 ? -1.383  -1.568  -8.023  1.00 22.68 ? 100 LEU A N     1 
ATOM   788  C  CA    . LEU A 1 100 ? -2.640  -1.724  -8.695  1.00 23.49 ? 100 LEU A CA    1 
ATOM   789  C  C     . LEU A 1 100 ? -2.700  -2.927  -9.617  1.00 24.71 ? 100 LEU A C     1 
ATOM   790  O  O     . LEU A 1 100 ? -1.911  -3.011  -10.556 1.00 24.76 ? 100 LEU A O     1 
ATOM   791  C  CB    . LEU A 1 100 ? -2.919  -0.504  -9.561  1.00 25.23 ? 100 LEU A CB    1 
ATOM   792  C  CG    . LEU A 1 100 ? -3.079  0.881   -8.943  1.00 28.17 ? 100 LEU A CG    1 
ATOM   793  C  CD1   . LEU A 1 100 ? -1.737  1.509   -8.781  1.00 27.51 ? 100 LEU A CD1   1 
ATOM   794  C  CD2   . LEU A 1 100 ? -3.943  1.749   -9.868  1.00 32.27 ? 100 LEU A CD2   1 
ATOM   795  N  N     . PRO A 1 101 ? -3.626  -3.872  -9.357  1.00 25.84 ? 101 PRO A N     1 
ATOM   796  C  CA    . PRO A 1 101 ? -3.816  -5.072  -10.171 1.00 26.80 ? 101 PRO A CA    1 
ATOM   797  C  C     . PRO A 1 101 ? -4.323  -4.601  -11.556 1.00 28.28 ? 101 PRO A C     1 
ATOM   798  O  O     . PRO A 1 101 ? -5.245  -3.783  -11.630 1.00 28.89 ? 101 PRO A O     1 
ATOM   799  C  CB    . PRO A 1 101 ? -4.944  -5.805  -9.433  1.00 23.83 ? 101 PRO A CB    1 
ATOM   800  C  CG    . PRO A 1 101 ? -4.783  -5.420  -8.057  1.00 23.90 ? 101 PRO A CG    1 
ATOM   801  C  CD    . PRO A 1 101 ? -4.485  -3.943  -8.148  1.00 25.63 ? 101 PRO A CD    1 
ATOM   802  N  N     . ARG A 1 102 ? -3.738  -5.114  -12.639 1.00 29.58 ? 102 ARG A N     1 
ATOM   803  C  CA    . ARG A 1 102 ? -4.167  -4.740  -13.988 1.00 30.93 ? 102 ARG A CA    1 
ATOM   804  C  C     . ARG A 1 102 ? -4.830  -5.892  -14.749 1.00 31.81 ? 102 ARG A C     1 
ATOM   805  O  O     . ARG A 1 102 ? -4.483  -7.041  -14.602 1.00 30.84 ? 102 ARG A O     1 
ATOM   806  C  CB    . ARG A 1 102 ? -2.993  -4.164  -14.802 1.00 30.90 ? 102 ARG A CB    1 
ATOM   807  C  CG    . ARG A 1 102 ? -2.273  -2.988  -14.139 1.00 30.38 ? 102 ARG A CG    1 
ATOM   808  C  CD    . ARG A 1 102 ? -3.215  -1.830  -13.842 1.00 34.14 ? 102 ARG A CD    1 
ATOM   809  N  NE    . ARG A 1 102 ? -3.788  -1.331  -15.081 1.00 36.00 ? 102 ARG A NE    1 
ATOM   810  C  CZ    . ARG A 1 102 ? -3.120  -0.649  -15.997 1.00 37.00 ? 102 ARG A CZ    1 
ATOM   811  N  NH1   . ARG A 1 102 ? -1.849  -0.356  -15.809 1.00 37.88 ? 102 ARG A NH1   1 
ATOM   812  N  NH2   . ARG A 1 102 ? -3.722  -0.307  -17.131 1.00 38.96 ? 102 ARG A NH2   1 
ATOM   813  N  N     . LYS A 1 103 ? -5.811  -5.564  -15.562 1.00 34.73 ? 103 LYS A N     1 
ATOM   814  C  CA    . LYS A 1 103 ? -6.486  -6.586  -16.323 1.00 37.89 ? 103 LYS A CA    1 
ATOM   815  C  C     . LYS A 1 103 ? -6.889  -6.033  -17.666 1.00 39.11 ? 103 LYS A C     1 
ATOM   816  O  O     . LYS A 1 103 ? -7.056  -4.839  -17.840 1.00 38.70 ? 103 LYS A O     1 
ATOM   817  C  CB    . LYS A 1 103 ? -7.690  -7.176  -15.578 1.00 40.41 ? 103 LYS A CB    1 
ATOM   818  C  CG    . LYS A 1 103 ? -8.765  -6.187  -15.213 1.00 46.06 ? 103 LYS A CG    1 
ATOM   819  C  CD    . LYS A 1 103 ? -9.495  -6.592  -13.940 1.00 51.65 ? 103 LYS A CD    1 
ATOM   820  C  CE    . LYS A 1 103 ? -10.288 -7.853  -14.163 1.00 57.70 ? 103 LYS A CE    1 
ATOM   821  N  NZ    . LYS A 1 103 ? -11.269 -8.086  -13.065 1.00 62.50 ? 103 LYS A NZ    1 
ATOM   822  N  N     . ALA A 1 104 ? -6.934  -6.933  -18.627 1.00 41.34 ? 104 ALA A N     1 
ATOM   823  C  CA    . ALA A 1 104 ? -7.266  -6.599  -19.983 1.00 43.84 ? 104 ALA A CA    1 
ATOM   824  C  C     . ALA A 1 104 ? -8.439  -5.638  -20.106 1.00 45.36 ? 104 ALA A C     1 
ATOM   825  O  O     . ALA A 1 104 ? -9.551  -5.892  -19.617 1.00 44.96 ? 104 ALA A O     1 
ATOM   826  C  CB    . ALA A 1 104 ? -7.522  -7.872  -20.762 1.00 46.21 ? 104 ALA A CB    1 
ATOM   827  N  N     . GLY A 1 105 ? -8.152  -4.514  -20.748 1.00 47.27 ? 105 GLY A N     1 
ATOM   828  C  CA    . GLY A 1 105 ? -9.162  -3.502  -20.960 1.00 48.71 ? 105 GLY A CA    1 
ATOM   829  C  C     . GLY A 1 105 ? -9.698  -2.899  -19.681 1.00 49.84 ? 105 GLY A C     1 
ATOM   830  O  O     . GLY A 1 105 ? -10.792 -3.259  -19.226 1.00 51.02 ? 105 GLY A O     1 
ATOM   831  N  N     . ASP A 1 106 ? -8.903  -2.017  -19.087 1.00 50.04 ? 106 ASP A N     1 
ATOM   832  C  CA    . ASP A 1 106 ? -9.309  -1.334  -17.884 1.00 50.58 ? 106 ASP A CA    1 
ATOM   833  C  C     . ASP A 1 106 ? -8.976  0.169   -17.963 1.00 52.72 ? 106 ASP A C     1 
ATOM   834  O  O     . ASP A 1 106 ? -8.073  0.567   -18.770 1.00 53.78 ? 106 ASP A O     1 
ATOM   835  C  CB    . ASP A 1 106 ? -8.764  -2.031  -16.609 1.00 47.95 ? 106 ASP A CB    1 
ATOM   836  C  CG    . ASP A 1 106 ? -7.236  -2.193  -16.589 1.00 44.00 ? 106 ASP A CG    1 
ATOM   837  O  OD1   . ASP A 1 106 ? -6.566  -2.113  -17.647 1.00 46.61 ? 106 ASP A OD1   1 
ATOM   838  O  OD2   . ASP A 1 106 ? -6.717  -2.443  -15.477 1.00 34.38 ? 106 ASP A OD2   1 
ATOM   839  N  N     . TRP A 1 129 ? -15.139 5.356   -3.576  1.00 58.77 ? 129 TRP A N     1 
ATOM   840  C  CA    . TRP A 1 129 ? -15.232 5.579   -2.098  1.00 57.86 ? 129 TRP A CA    1 
ATOM   841  C  C     . TRP A 1 129 ? -16.055 4.460   -1.368  1.00 56.74 ? 129 TRP A C     1 
ATOM   842  O  O     . TRP A 1 129 ? -17.104 3.972   -1.868  1.00 56.40 ? 129 TRP A O     1 
ATOM   843  C  CB    . TRP A 1 129 ? -15.784 6.996   -1.794  1.00 58.68 ? 129 TRP A CB    1 
ATOM   844  C  CG    . TRP A 1 129 ? -15.883 7.257   -0.316  1.00 60.66 ? 129 TRP A CG    1 
ATOM   845  C  CD1   . TRP A 1 129 ? -14.955 7.921   0.461   1.00 60.90 ? 129 TRP A CD1   1 
ATOM   846  C  CD2   . TRP A 1 129 ? -16.863 6.739   0.585   1.00 61.54 ? 129 TRP A CD2   1 
ATOM   847  N  NE1   . TRP A 1 129 ? -15.316 7.802   1.785   1.00 63.59 ? 129 TRP A NE1   1 
ATOM   848  C  CE2   . TRP A 1 129 ? -16.473 7.086   1.893   1.00 62.91 ? 129 TRP A CE2   1 
ATOM   849  C  CE3   . TRP A 1 129 ? -18.053 5.983   0.413   1.00 63.10 ? 129 TRP A CE3   1 
ATOM   850  C  CZ2   . TRP A 1 129 ? -17.222 6.709   3.022   1.00 64.28 ? 129 TRP A CZ2   1 
ATOM   851  C  CZ3   . TRP A 1 129 ? -18.789 5.609   1.542   1.00 63.16 ? 129 TRP A CZ3   1 
ATOM   852  C  CH2   . TRP A 1 129 ? -18.377 5.973   2.824   1.00 63.47 ? 129 TRP A CH2   1 
ATOM   853  N  N     . ARG A 1 130 ? -15.640 4.136   -0.138  1.00 54.21 ? 130 ARG A N     1 
ATOM   854  C  CA    . ARG A 1 130 ? -16.298 3.078   0.622   1.00 49.75 ? 130 ARG A CA    1 
ATOM   855  C  C     . ARG A 1 130 ? -16.107 3.305   2.100   1.00 46.27 ? 130 ARG A C     1 
ATOM   856  O  O     . ARG A 1 130 ? -15.166 3.958   2.478   1.00 45.19 ? 130 ARG A O     1 
ATOM   857  C  CB    . ARG A 1 130 ? -15.602 1.785   0.264   1.00 50.55 ? 130 ARG A CB    1 
ATOM   858  C  CG    . ARG A 1 130 ? -14.075 1.863   0.460   1.00 44.35 ? 130 ARG A CG    1 
ATOM   859  C  CD    . ARG A 1 130 ? -13.408 1.223   -0.697  1.00 38.58 ? 130 ARG A CD    1 
ATOM   860  N  NE    . ARG A 1 130 ? -12.085 0.772   -0.330  1.00 36.56 ? 130 ARG A NE    1 
ATOM   861  C  CZ    . ARG A 1 130 ? -11.694 -0.495  -0.337  1.00 32.98 ? 130 ARG A CZ    1 
ATOM   862  N  NH1   . ARG A 1 130 ? -12.513 -1.490  -0.698  1.00 33.77 ? 130 ARG A NH1   1 
ATOM   863  N  NH2   . ARG A 1 130 ? -10.442 -0.751  -0.034  1.00 33.98 ? 130 ARG A NH2   1 
ATOM   864  N  N     . SER A 1 131 ? -16.902 2.604   2.904   1.00 44.10 ? 131 SER A N     1 
ATOM   865  C  CA    . SER A 1 131 ? -16.873 2.676   4.373   1.00 41.80 ? 131 SER A CA    1 
ATOM   866  C  C     . SER A 1 131 ? -15.711 1.987   5.063   1.00 40.21 ? 131 SER A C     1 
ATOM   867  O  O     . SER A 1 131 ? -15.186 1.008   4.574   1.00 40.38 ? 131 SER A O     1 
ATOM   868  C  CB    . SER A 1 131 ? -18.139 2.046   4.928   1.00 40.34 ? 131 SER A CB    1 
ATOM   869  O  OG    . SER A 1 131 ? -18.354 0.791   4.305   1.00 39.72 ? 131 SER A OG    1 
ATOM   870  N  N     . GLU A 1 132 ? -15.392 2.408   6.271   1.00 39.10 ? 132 GLU A N     1 
ATOM   871  C  CA    . GLU A 1 132 ? -14.308 1.761   6.995   1.00 39.96 ? 132 GLU A CA    1 
ATOM   872  C  C     . GLU A 1 132 ? -14.517 0.257   7.092   1.00 38.57 ? 132 GLU A C     1 
ATOM   873  O  O     . GLU A 1 132 ? -13.567 -0.484  7.327   1.00 39.50 ? 132 GLU A O     1 
ATOM   874  C  CB    . GLU A 1 132 ? -14.213 2.272   8.425   1.00 43.41 ? 132 GLU A CB    1 
ATOM   875  C  CG    . GLU A 1 132 ? -13.893 3.736   8.543   1.00 57.03 ? 132 GLU A CG    1 
ATOM   876  C  CD    . GLU A 1 132 ? -14.056 4.218   9.976   1.00 64.28 ? 132 GLU A CD    1 
ATOM   877  O  OE1   . GLU A 1 132 ? -13.527 3.499   10.861  1.00 65.60 ? 132 GLU A OE1   1 
ATOM   878  O  OE2   . GLU A 1 132 ? -14.733 5.265   10.206  1.00 63.52 ? 132 GLU A OE2   1 
ATOM   879  N  N     . GLU A 1 133 ? -15.772 -0.173  7.023   1.00 37.20 ? 133 GLU A N     1 
ATOM   880  C  CA    . GLU A 1 133 ? -16.136 -1.589  7.142   1.00 35.71 ? 133 GLU A CA    1 
ATOM   881  C  C     . GLU A 1 133 ? -15.898 -2.365  5.846   1.00 33.33 ? 133 GLU A C     1 
ATOM   882  O  O     . GLU A 1 133 ? -15.536 -3.528  5.884   1.00 31.45 ? 133 GLU A O     1 
ATOM   883  C  CB    . GLU A 1 133 ? -17.598 -1.721  7.590   1.00 36.82 ? 133 GLU A CB    1 
ATOM   884  C  CG    . GLU A 1 133 ? -18.044 -3.107  7.924   1.00 37.55 ? 133 GLU A CG    1 
ATOM   885  C  CD    . GLU A 1 133 ? -19.493 -3.140  8.336   1.00 40.15 ? 133 GLU A CD    1 
ATOM   886  O  OE1   . GLU A 1 133 ? -20.368 -2.533  7.639   1.00 38.98 ? 133 GLU A OE1   1 
ATOM   887  O  OE2   . GLU A 1 133 ? -19.734 -3.783  9.373   1.00 41.45 ? 133 GLU A OE2   1 
ATOM   888  N  N     . GLU A 1 134 ? -16.170 -1.727  4.715   1.00 32.89 ? 134 GLU A N     1 
ATOM   889  C  CA    . GLU A 1 134 ? -15.868 -2.350  3.448   1.00 34.24 ? 134 GLU A CA    1 
ATOM   890  C  C     . GLU A 1 134 ? -14.331 -2.475  3.423   1.00 32.11 ? 134 GLU A C     1 
ATOM   891  O  O     . GLU A 1 134 ? -13.807 -3.480  2.971   1.00 33.96 ? 134 GLU A O     1 
ATOM   892  C  CB    . GLU A 1 134 ? -16.318 -1.474  2.263   1.00 41.00 ? 134 GLU A CB    1 
ATOM   893  C  CG    . GLU A 1 134 ? -17.828 -1.407  2.044   1.00 55.93 ? 134 GLU A CG    1 
ATOM   894  C  CD    . GLU A 1 134 ? -18.288 -1.978  0.685   1.00 66.47 ? 134 GLU A CD    1 
ATOM   895  O  OE1   . GLU A 1 134 ? -18.286 -1.209  -0.307  1.00 68.50 ? 134 GLU A OE1   1 
ATOM   896  O  OE2   . GLU A 1 134 ? -18.666 -3.188  0.618   1.00 71.63 ? 134 GLU A OE2   1 
HETATM 897  N  N     . MSE A 1 135 ? -13.644 -1.473  3.959   1.00 28.99 ? 135 MSE A N     1 
HETATM 898  C  CA    . MSE A 1 135 ? -12.192 -1.422  4.019   1.00 26.48 ? 135 MSE A CA    1 
HETATM 899  C  C     . MSE A 1 135 ? -11.603 -2.517  4.863   1.00 24.20 ? 135 MSE A C     1 
HETATM 900  O  O     . MSE A 1 135 ? -10.676 -3.181  4.437   1.00 24.64 ? 135 MSE A O     1 
HETATM 901  C  CB    . MSE A 1 135 ? -11.727 -0.086  4.540   1.00 26.75 ? 135 MSE A CB    1 
HETATM 902  C  CG    . MSE A 1 135 ? -12.159 1.076   3.630   1.00 36.23 ? 135 MSE A CG    1 
HETATM 903  SE SE    . MSE A 1 135 ? -11.352 2.739   3.935   1.00 44.48 ? 135 MSE A SE    1 
HETATM 904  C  CE    . MSE A 1 135 ? -10.627 2.565   5.517   1.00 39.33 ? 135 MSE A CE    1 
ATOM   905  N  N     . ALA A 1 136 ? -12.141 -2.724  6.051   1.00 22.12 ? 136 ALA A N     1 
ATOM   906  C  CA    . ALA A 1 136 ? -11.669 -3.765  6.937   1.00 21.42 ? 136 ALA A CA    1 
ATOM   907  C  C     . ALA A 1 136 ? -12.113 -5.162  6.447   1.00 21.34 ? 136 ALA A C     1 
ATOM   908  O  O     . ALA A 1 136 ? -11.479 -6.154  6.736   1.00 22.83 ? 136 ALA A O     1 
ATOM   909  C  CB    . ALA A 1 136 ? -12.163 -3.493  8.374   1.00 21.20 ? 136 ALA A CB    1 
ATOM   910  N  N     . ALA A 1 137 ? -13.197 -5.243  5.691   1.00 20.45 ? 137 ALA A N     1 
ATOM   911  C  CA    . ALA A 1 137 ? -13.658 -6.519  5.185   1.00 20.30 ? 137 ALA A CA    1 
ATOM   912  C  C     . ALA A 1 137 ? -12.583 -6.970  4.205   1.00 21.99 ? 137 ALA A C     1 
ATOM   913  O  O     . ALA A 1 137 ? -12.058 -8.074  4.294   1.00 23.20 ? 137 ALA A O     1 
ATOM   914  C  CB    . ALA A 1 137 ? -15.006 -6.345  4.492   1.00 15.93 ? 137 ALA A CB    1 
ATOM   915  N  N     . GLU A 1 138 ? -12.206 -6.074  3.311   1.00 23.71 ? 138 GLU A N     1 
ATOM   916  C  CA    . GLU A 1 138 ? -11.157 -6.336  2.319   1.00 24.09 ? 138 GLU A CA    1 
ATOM   917  C  C     . GLU A 1 138 ? -9.793  -6.552  2.933   1.00 24.02 ? 138 GLU A C     1 
ATOM   918  O  O     . GLU A 1 138 ? -9.017  -7.329  2.402   1.00 27.15 ? 138 GLU A O     1 
ATOM   919  C  CB    . GLU A 1 138 ? -11.032 -5.180  1.362   1.00 24.36 ? 138 GLU A CB    1 
ATOM   920  C  CG    . GLU A 1 138 ? -10.018 -5.408  0.315   1.00 24.44 ? 138 GLU A CG    1 
ATOM   921  C  CD    . GLU A 1 138 ? -10.027 -4.309  -0.692  1.00 28.91 ? 138 GLU A CD    1 
ATOM   922  O  OE1   . GLU A 1 138 ? -11.035 -4.197  -1.453  1.00 31.43 ? 138 GLU A OE1   1 
ATOM   923  O  OE2   . GLU A 1 138 ? -9.016  -3.559  -0.720  1.00 32.34 ? 138 GLU A OE2   1 
ATOM   924  N  N     . ALA A 1 139 ? -9.449  -5.840  3.992   1.00 21.38 ? 139 ALA A N     1 
ATOM   925  C  CA    . ALA A 1 139 ? -8.162  -6.075  4.597   1.00 21.48 ? 139 ALA A CA    1 
ATOM   926  C  C     . ALA A 1 139 ? -8.110  -7.465  5.259   1.00 23.42 ? 139 ALA A C     1 
ATOM   927  O  O     . ALA A 1 139 ? -7.032  -8.070  5.362   1.00 24.99 ? 139 ALA A O     1 
ATOM   928  C  CB    . ALA A 1 139 ? -7.832  -4.968  5.622   1.00 20.28 ? 139 ALA A CB    1 
ATOM   929  N  N     . ALA A 1 140 ? -9.267  -7.951  5.737   1.00 24.36 ? 140 ALA A N     1 
ATOM   930  C  CA    . ALA A 1 140 ? -9.410  -9.267  6.411   1.00 22.65 ? 140 ALA A CA    1 
ATOM   931  C  C     . ALA A 1 140 ? -9.152  -10.340 5.430   1.00 22.07 ? 140 ALA A C     1 
ATOM   932  O  O     . ALA A 1 140 ? -8.507  -11.330 5.728   1.00 23.86 ? 140 ALA A O     1 
ATOM   933  C  CB    . ALA A 1 140 ? -10.806 -9.429  6.923   1.00 23.54 ? 140 ALA A CB    1 
ATOM   934  N  N     . ALA A 1 141 ? -9.727  -10.151 4.253   1.00 21.12 ? 141 ALA A N     1 
ATOM   935  C  CA    . ALA A 1 141 ? -9.592  -11.062 3.148   1.00 21.21 ? 141 ALA A CA    1 
ATOM   936  C  C     . ALA A 1 141 ? -8.137  -11.182 2.771   1.00 23.28 ? 141 ALA A C     1 
ATOM   937  O  O     . ALA A 1 141 ? -7.633  -12.285 2.609   1.00 23.05 ? 141 ALA A O     1 
ATOM   938  C  CB    . ALA A 1 141 ? -10.361 -10.543 1.967   1.00 19.21 ? 141 ALA A CB    1 
ATOM   939  N  N     . LEU A 1 142 ? -7.480  -10.041 2.549   1.00 25.00 ? 142 LEU A N     1 
ATOM   940  C  CA    . LEU A 1 142 ? -6.045  -10.003 2.180   1.00 24.12 ? 142 LEU A CA    1 
ATOM   941  C  C     . LEU A 1 142 ? -5.104  -10.574 3.246   1.00 24.07 ? 142 LEU A C     1 
ATOM   942  O  O     . LEU A 1 142 ? -4.072  -11.156 2.910   1.00 25.64 ? 142 LEU A O     1 
ATOM   943  C  CB    . LEU A 1 142 ? -5.604  -8.576  1.799   1.00 20.49 ? 142 LEU A CB    1 
ATOM   944  C  CG    . LEU A 1 142 ? -6.425  -7.950  0.682   1.00 15.67 ? 142 LEU A CG    1 
ATOM   945  C  CD1   . LEU A 1 142 ? -5.916  -6.563  0.362   1.00 14.78 ? 142 LEU A CD1   1 
ATOM   946  C  CD2   . LEU A 1 142 ? -6.382  -8.831  -0.512  1.00 13.41 ? 142 LEU A CD2   1 
ATOM   947  N  N     . ARG A 1 143 ? -5.435  -10.415 4.524   1.00 23.85 ? 143 ARG A N     1 
ATOM   948  C  CA    . ARG A 1 143 ? -4.580  -10.959 5.573   1.00 24.47 ? 143 ARG A CA    1 
ATOM   949  C  C     . ARG A 1 143 ? -4.508  -12.484 5.476   1.00 26.51 ? 143 ARG A C     1 
ATOM   950  O  O     . ARG A 1 143 ? -3.616  -13.118 5.992   1.00 27.99 ? 143 ARG A O     1 
ATOM   951  C  CB    . ARG A 1 143 ? -5.125  -10.569 6.931   1.00 25.11 ? 143 ARG A CB    1 
ATOM   952  C  CG    . ARG A 1 143 ? -4.887  -9.131  7.291   1.00 25.41 ? 143 ARG A CG    1 
ATOM   953  C  CD    . ARG A 1 143 ? -5.113  -8.866  8.764   1.00 23.56 ? 143 ARG A CD    1 
ATOM   954  N  NE    . ARG A 1 143 ? -6.481  -8.414  8.969   1.00 29.43 ? 143 ARG A NE    1 
ATOM   955  C  CZ    . ARG A 1 143 ? -6.839  -7.182  9.286   1.00 32.96 ? 143 ARG A CZ    1 
ATOM   956  N  NH1   . ARG A 1 143 ? -5.943  -6.252  9.480   1.00 35.43 ? 143 ARG A NH1   1 
ATOM   957  N  NH2   . ARG A 1 143 ? -8.116  -6.884  9.443   1.00 39.27 ? 143 ARG A NH2   1 
ATOM   958  N  N     . VAL A 1 144 ? -5.479  -13.078 4.810   1.00 26.90 ? 144 VAL A N     1 
ATOM   959  C  CA    . VAL A 1 144 ? -5.527  -14.512 4.685   1.00 26.42 ? 144 VAL A CA    1 
ATOM   960  C  C     . VAL A 1 144 ? -4.433  -15.043 3.766   1.00 26.95 ? 144 VAL A C     1 
ATOM   961  O  O     . VAL A 1 144 ? -3.935  -16.145 3.958   1.00 27.37 ? 144 VAL A O     1 
ATOM   962  C  CB    . VAL A 1 144 ? -6.953  -14.953 4.178   1.00 25.49 ? 144 VAL A CB    1 
ATOM   963  C  CG1   . VAL A 1 144 ? -7.002  -16.448 3.754   1.00 24.01 ? 144 VAL A CG1   1 
ATOM   964  C  CG2   . VAL A 1 144 ? -7.972  -14.681 5.248   1.00 23.15 ? 144 VAL A CG2   1 
ATOM   965  N  N     . TYR A 1 145 ? -4.099  -14.303 2.720   1.00 27.13 ? 145 TYR A N     1 
ATOM   966  C  CA    . TYR A 1 145 ? -3.110  -14.774 1.810   1.00 28.38 ? 145 TYR A CA    1 
ATOM   967  C  C     . TYR A 1 145 ? -1.706  -14.739 2.405   1.00 32.30 ? 145 TYR A C     1 
ATOM   968  O  O     . TYR A 1 145 ? -0.770  -15.187 1.757   1.00 34.31 ? 145 TYR A O     1 
ATOM   969  C  CB    . TYR A 1 145 ? -3.144  -13.971 0.536   1.00 26.69 ? 145 TYR A CB    1 
ATOM   970  C  CG    . TYR A 1 145 ? -4.375  -14.192 -0.274  1.00 26.91 ? 145 TYR A CG    1 
ATOM   971  C  CD1   . TYR A 1 145 ? -4.427  -15.192 -1.232  1.00 28.68 ? 145 TYR A CD1   1 
ATOM   972  C  CD2   . TYR A 1 145 ? -5.475  -13.378 -0.114  1.00 24.98 ? 145 TYR A CD2   1 
ATOM   973  C  CE1   . TYR A 1 145 ? -5.581  -15.398 -1.993  1.00 30.52 ? 145 TYR A CE1   1 
ATOM   974  C  CE2   . TYR A 1 145 ? -6.629  -13.577 -0.860  1.00 26.66 ? 145 TYR A CE2   1 
ATOM   975  C  CZ    . TYR A 1 145 ? -6.673  -14.566 -1.820  1.00 29.50 ? 145 TYR A CZ    1 
ATOM   976  O  OH    . TYR A 1 145 ? -7.796  -14.720 -2.617  1.00 29.17 ? 145 TYR A OH    1 
ATOM   977  N  N     . PHE A 1 146 ? -1.547  -14.192 3.605   1.00 34.43 ? 146 PHE A N     1 
ATOM   978  C  CA    . PHE A 1 146 ? -0.236  -14.124 4.248   1.00 35.86 ? 146 PHE A CA    1 
ATOM   979  C  C     . PHE A 1 146 ? -0.183  -15.141 5.411   1.00 40.61 ? 146 PHE A C     1 
ATOM   980  O  O     . PHE A 1 146 ? -0.023  -16.384 5.173   1.00 43.46 ? 146 PHE A O     1 
ATOM   981  C  CB    . PHE A 1 146 ? 0.063   -12.668 4.710   1.00 28.27 ? 146 PHE A CB    1 
ATOM   982  C  CG    . PHE A 1 146 ? 0.019   -11.681 3.600   1.00 21.78 ? 146 PHE A CG    1 
ATOM   983  C  CD1   . PHE A 1 146 ? -1.195  -11.095 3.234   1.00 20.41 ? 146 PHE A CD1   1 
ATOM   984  C  CD2   . PHE A 1 146 ? 1.155   -11.430 2.831   1.00 20.09 ? 146 PHE A CD2   1 
ATOM   985  C  CE1   . PHE A 1 146 ? -1.295  -10.276 2.118   1.00 22.89 ? 146 PHE A CE1   1 
ATOM   986  C  CE2   . PHE A 1 146 ? 1.098   -10.619 1.710   1.00 19.67 ? 146 PHE A CE2   1 
ATOM   987  C  CZ    . PHE A 1 146 ? -0.129  -10.035 1.344   1.00 22.83 ? 146 PHE A CZ    1 
HETATM 988  C  C1    . FRU B 2 .   ? -16.313 -12.180 -5.616  0.88 44.81 ? 500 FRU A C1    1 
HETATM 989  C  C2    . FRU B 2 .   ? -14.822 -11.912 -6.055  0.88 43.55 ? 500 FRU A C2    1 
HETATM 990  C  C3    . FRU B 2 .   ? -13.822 -13.038 -5.612  0.88 42.96 ? 500 FRU A C3    1 
HETATM 991  C  C4    . FRU B 2 .   ? -12.480 -12.267 -5.512  0.88 40.33 ? 500 FRU A C4    1 
HETATM 992  C  C5    . FRU B 2 .   ? -13.012 -10.962 -4.887  0.88 41.01 ? 500 FRU A C5    1 
HETATM 993  C  C6    . FRU B 2 .   ? -12.255 -9.767  -5.428  0.88 39.16 ? 500 FRU A C6    1 
HETATM 994  O  O1    . FRU B 2 .   ? -16.414 -12.294 -4.160  0.88 49.04 ? 500 FRU A O1    1 
HETATM 995  O  O2    . FRU B 2 .   ? -14.863 -11.517 -7.397  0.88 44.64 ? 500 FRU A O2    1 
HETATM 996  O  O3    . FRU B 2 .   ? -13.697 -14.441 -5.912  0.88 48.03 ? 500 FRU A O3    1 
HETATM 997  O  O4    . FRU B 2 .   ? -11.473 -12.947 -4.737  0.88 35.80 ? 500 FRU A O4    1 
HETATM 998  O  O5    . FRU B 2 .   ? -14.439 -10.860 -5.166  0.88 41.88 ? 500 FRU A O5    1 
HETATM 999  O  O6    . FRU B 2 .   ? -12.976 -8.702  -5.029  0.88 40.80 ? 500 FRU A O6    1 
HETATM 1000 S  S     . SO4 C 3 .   ? 0.057   10.109  -3.393  0.98 53.59 ? 300 SO4 A S     1 
HETATM 1001 O  O1    . SO4 C 3 .   ? -0.393  11.039  -4.365  0.98 55.98 ? 300 SO4 A O1    1 
HETATM 1002 O  O2    . SO4 C 3 .   ? 0.701   10.701  -2.234  0.98 51.15 ? 300 SO4 A O2    1 
HETATM 1003 O  O3    . SO4 C 3 .   ? 1.002   9.271   -4.056  0.98 50.85 ? 300 SO4 A O3    1 
HETATM 1004 O  O4    . SO4 C 3 .   ? -1.040  9.363   -2.971  0.98 48.49 ? 300 SO4 A O4    1 
HETATM 1005 S  S     . SO4 D 3 .   ? -17.759 5.442   7.271   0.80 67.30 ? 301 SO4 A S     1 
HETATM 1006 O  O1    . SO4 D 3 .   ? -18.259 6.608   7.936   0.80 69.75 ? 301 SO4 A O1    1 
HETATM 1007 O  O2    . SO4 D 3 .   ? -17.192 4.459   8.143   0.80 66.98 ? 301 SO4 A O2    1 
HETATM 1008 O  O3    . SO4 D 3 .   ? -16.750 6.019   6.449   0.80 68.09 ? 301 SO4 A O3    1 
HETATM 1009 O  O4    . SO4 D 3 .   ? -18.855 4.843   6.581   0.80 66.49 ? 301 SO4 A O4    1 
HETATM 1010 O  "O5'" . AMP E 4 .   ? -3.329  10.038  -2.012  0.38 42.87 ? 400 AMP A "O5'" 1 
HETATM 1011 C  "C5'" . AMP E 4 .   ? -3.009  9.053   -1.030  0.38 41.76 ? 400 AMP A "C5'" 1 
HETATM 1012 C  "C4'" . AMP E 4 .   ? -3.641  7.710   -1.383  0.38 39.68 ? 400 AMP A "C4'" 1 
HETATM 1013 O  "O4'" . AMP E 4 .   ? -3.912  7.008   -0.165  0.38 39.67 ? 400 AMP A "O4'" 1 
HETATM 1014 C  "C3'" . AMP E 4 .   ? -4.963  7.916   -2.130  0.38 39.19 ? 400 AMP A "C3'" 1 
HETATM 1015 O  "O3'" . AMP E 4 .   ? -5.011  6.615   -2.739  0.38 35.30 ? 400 AMP A "O3'" 1 
HETATM 1016 C  "C2'" . AMP E 4 .   ? -5.711  8.253   -0.843  0.38 41.44 ? 400 AMP A "C2'" 1 
HETATM 1017 O  "O2'" . AMP E 4 .   ? -7.132  8.187   -1.055  0.38 46.27 ? 400 AMP A "O2'" 1 
HETATM 1018 C  "C1'" . AMP E 4 .   ? -5.300  7.171   0.150   0.38 39.02 ? 400 AMP A "C1'" 1 
HETATM 1019 N  N9    . AMP E 4 .   ? -5.352  7.597   1.566   0.38 37.65 ? 400 AMP A N9    1 
HETATM 1020 C  C8    . AMP E 4 .   ? -4.957  8.784   2.148   0.38 39.21 ? 400 AMP A C8    1 
HETATM 1021 N  N7    . AMP E 4 .   ? -5.139  8.872   3.438   0.38 38.67 ? 400 AMP A N7    1 
HETATM 1022 C  C5    . AMP E 4 .   ? -5.686  7.628   3.740   0.38 37.85 ? 400 AMP A C5    1 
HETATM 1023 C  C6    . AMP E 4 .   ? -6.145  7.137   4.962   0.38 38.99 ? 400 AMP A C6    1 
HETATM 1024 N  N6    . AMP E 4 .   ? -6.039  7.847   6.077   0.38 39.49 ? 400 AMP A N6    1 
HETATM 1025 N  N1    . AMP E 4 .   ? -6.678  5.912   4.887   0.38 39.80 ? 400 AMP A N1    1 
HETATM 1026 C  C2    . AMP E 4 .   ? -6.766  5.220   3.750   0.38 36.66 ? 400 AMP A C2    1 
HETATM 1027 N  N3    . AMP E 4 .   ? -6.368  5.591   2.534   0.38 34.53 ? 400 AMP A N3    1 
HETATM 1028 C  C4    . AMP E 4 .   ? -5.821  6.837   2.619   0.38 37.21 ? 400 AMP A C4    1 
HETATM 1029 O  O     . HOH F 5 .   ? -8.022  -0.922  -1.639  1.00 17.74 ? 501 HOH A O     1 
HETATM 1030 O  O     . HOH F 5 .   ? 3.495   7.505   -3.926  1.00 16.42 ? 502 HOH A O     1 
HETATM 1031 O  O     . HOH F 5 .   ? 10.590  1.964   8.391   1.00 30.01 ? 503 HOH A O     1 
HETATM 1032 O  O     . HOH F 5 .   ? 10.546  0.200   4.814   1.00 26.04 ? 504 HOH A O     1 
HETATM 1033 O  O     . HOH F 5 .   ? 5.837   8.373   -2.171  1.00 25.84 ? 505 HOH A O     1 
HETATM 1034 O  O     . HOH F 5 .   ? -8.127  -12.460 7.956   1.00 30.39 ? 506 HOH A O     1 
HETATM 1035 O  O     . HOH F 5 .   ? 8.538   -8.528  3.212   1.00 40.45 ? 507 HOH A O     1 
HETATM 1036 O  O     . HOH F 5 .   ? 4.705   -8.817  -7.242  1.00 26.02 ? 508 HOH A O     1 
HETATM 1037 O  O     . HOH F 5 .   ? 8.151   9.726   -1.591  1.00 43.70 ? 509 HOH A O     1 
HETATM 1038 O  O     . HOH F 5 .   ? -0.182  -13.421 -8.322  1.00 27.26 ? 510 HOH A O     1 
HETATM 1039 O  O     . HOH F 5 .   ? 4.501   10.474  -10.490 1.00 29.06 ? 511 HOH A O     1 
HETATM 1040 O  O     . HOH F 5 .   ? -10.236 -5.952  8.851   1.00 30.05 ? 512 HOH A O     1 
HETATM 1041 O  O     . HOH F 5 .   ? -6.727  -14.719 -9.815  1.00 34.39 ? 513 HOH A O     1 
HETATM 1042 O  O     . HOH F 5 .   ? 3.011   7.996   -10.968 1.00 45.34 ? 514 HOH A O     1 
HETATM 1043 O  O     . HOH F 5 .   ? 14.363  -7.357  4.813   1.00 69.68 ? 515 HOH A O     1 
HETATM 1044 O  O     . HOH F 5 .   ? 15.710  10.918  7.319   1.00 53.45 ? 516 HOH A O     1 
HETATM 1045 O  O     . HOH F 5 .   ? 10.876  13.349  5.725   1.00 47.59 ? 517 HOH A O     1 
HETATM 1046 O  O     . HOH F 5 .   ? -0.973  -9.864  7.712   1.00 48.25 ? 518 HOH A O     1 
HETATM 1047 O  O     . HOH F 5 .   ? -12.149 -8.946  -2.305  1.00 53.46 ? 519 HOH A O     1 
HETATM 1048 O  O     . HOH F 5 .   ? 3.203   -14.870 1.468   1.00 47.04 ? 520 HOH A O     1 
HETATM 1049 O  O     . HOH F 5 .   ? -10.031 -2.393  -3.824  1.00 43.70 ? 521 HOH A O     1 
HETATM 1050 O  O     . HOH F 5 .   ? 6.845   15.531  -0.173  1.00 45.57 ? 522 HOH A O     1 
HETATM 1051 O  O     . HOH F 5 .   ? -6.254  -14.526 8.320   1.00 49.23 ? 523 HOH A O     1 
HETATM 1052 O  O     . HOH F 5 .   ? 3.638   9.894   -2.711  1.00 43.05 ? 524 HOH A O     1 
HETATM 1053 O  O     . HOH F 5 .   ? 5.332   11.647  7.500   1.00 51.82 ? 525 HOH A O     1 
HETATM 1054 O  O     . HOH F 5 .   ? -9.136  -15.183 9.163   1.00 78.31 ? 526 HOH A O     1 
HETATM 1055 O  O     . HOH F 5 .   ? -3.754  -13.464 10.354  1.00 95.15 ? 527 HOH A O     1 
HETATM 1056 O  O     . HOH F 5 .   ? 12.053  15.782  2.581   1.00 38.33 ? 528 HOH A O     1 
HETATM 1057 O  O     . HOH F 5 .   ? -18.241 1.431   8.497   1.00 52.33 ? 529 HOH A O     1 
HETATM 1058 O  O     . HOH F 5 .   ? 5.382   -13.990 -2.332  1.00 39.23 ? 530 HOH A O     1 
HETATM 1059 O  O     . HOH F 5 .   ? 12.039  17.697  -1.144  1.00 58.36 ? 531 HOH A O     1 
HETATM 1060 O  O     . HOH F 5 .   ? 14.001  10.729  -2.968  1.00 26.39 ? 532 HOH A O     1 
HETATM 1061 O  O     . HOH F 5 .   ? -14.776 -5.409  0.751   1.00 33.08 ? 533 HOH A O     1 
HETATM 1062 O  O     . HOH F 5 .   ? 10.742  1.547   10.882  1.00 35.85 ? 534 HOH A O     1 
HETATM 1063 O  O     . HOH F 5 .   ? -11.831 -5.848  11.757  1.00 71.12 ? 535 HOH A O     1 
HETATM 1064 O  O     . HOH F 5 .   ? 10.137  -10.213 -1.365  1.00 39.30 ? 536 HOH A O     1 
HETATM 1065 O  O     . HOH F 5 .   ? 5.961   -12.340 -4.653  1.00 43.79 ? 537 HOH A O     1 
HETATM 1066 O  O     . HOH F 5 .   ? -8.472  -5.886  13.003  1.00 44.65 ? 538 HOH A O     1 
HETATM 1067 O  O     . HOH F 5 .   ? -1.397  -13.034 -13.256 1.00 43.34 ? 539 HOH A O     1 
HETATM 1068 O  O     . HOH F 5 .   ? -4.525  -8.526  -23.760 1.00 68.12 ? 540 HOH A O     1 
HETATM 1069 O  O     . HOH F 5 .   ? 15.693  -4.969  5.396   1.00 36.37 ? 541 HOH A O     1 
HETATM 1070 O  O     . HOH F 5 .   ? 19.444  7.966   0.147   1.00 57.24 ? 542 HOH A O     1 
HETATM 1071 O  O     . HOH F 5 .   ? -12.202 -7.373  -17.944 1.00 65.01 ? 543 HOH A O     1 
HETATM 1072 O  O     . HOH F 5 .   ? -8.567  -5.627  -10.702 1.00 42.98 ? 544 HOH A O     1 
HETATM 1073 O  O     . HOH F 5 .   ? -0.966  -16.844 -0.216  1.00 55.39 ? 545 HOH A O     1 
HETATM 1074 O  O     . HOH F 5 .   ? -7.826  -10.916 10.768  1.00 42.16 ? 546 HOH A O     1 
HETATM 1075 O  O     . HOH F 5 .   ? -12.439 0.594   -7.773  1.00 40.75 ? 547 HOH A O     1 
HETATM 1076 O  O     . HOH F 5 .   ? -2.046  -12.204 8.066   1.00 33.00 ? 548 HOH A O     1 
HETATM 1077 O  O     . HOH F 5 .   ? -12.738 -1.816  -5.032  1.00 46.11 ? 549 HOH A O     1 
HETATM 1078 O  O     . HOH F 5 .   ? 1.527   14.910  5.313   1.00 35.20 ? 550 HOH A O     1 
HETATM 1079 O  O     . HOH F 5 .   ? -2.015  -14.364 -9.855  1.00 43.88 ? 551 HOH A O     1 
HETATM 1080 O  O     . HOH F 5 .   ? -7.031  -15.879 -5.001  1.00 67.03 ? 552 HOH A O     1 
HETATM 1081 O  O     . HOH F 5 .   ? 2.867   -11.860 8.645   1.00 73.26 ? 553 HOH A O     1 
HETATM 1082 O  O     . HOH F 5 .   ? -5.068  -4.322  -22.534 1.00 36.46 ? 554 HOH A O     1 
HETATM 1083 O  O     . HOH F 5 .   ? 2.868   -13.004 -1.890  1.00 47.60 ? 555 HOH A O     1 
HETATM 1084 O  O     . HOH F 5 .   ? -0.586  -15.556 -2.776  1.00 55.56 ? 556 HOH A O     1 
HETATM 1085 O  O     . HOH F 5 .   ? 14.664  16.793  0.040   1.00 58.56 ? 557 HOH A O     1 
HETATM 1086 O  O     . HOH F 5 .   ? -12.694 -6.473  -9.102  1.00 46.20 ? 558 HOH A O     1 
HETATM 1087 O  O     . HOH F 5 .   ? -11.270 5.440   -10.557 1.00 73.77 ? 559 HOH A O     1 
HETATM 1088 O  O     . HOH F 5 .   ? 2.362   -14.989 -9.682  1.00 49.42 ? 560 HOH A O     1 
HETATM 1089 O  O     . HOH F 5 .   ? 2.623   -12.024 -9.294  1.00 58.32 ? 561 HOH A O     1 
HETATM 1090 O  O     . HOH F 5 .   ? -0.410  0.607   -19.152 1.00 70.97 ? 562 HOH A O     1 
HETATM 1091 O  O     . HOH F 5 .   ? -20.587 -0.844  4.497   1.00 43.97 ? 563 HOH A O     1 
HETATM 1092 O  O     . HOH F 5 .   ? 19.268  10.265  4.933   1.00 71.36 ? 564 HOH A O     1 
HETATM 1093 O  O     . HOH F 5 .   ? 3.689   21.006  -6.338  1.00 57.52 ? 565 HOH A O     1 
HETATM 1094 O  O     . HOH F 5 .   ? 1.207   -9.313  9.281   1.00 48.71 ? 566 HOH A O     1 
HETATM 1095 O  O     . HOH F 5 .   ? -12.952 -9.244  -10.916 1.00 60.25 ? 567 HOH A O     1 
HETATM 1096 O  O     . HOH F 5 .   ? -8.202  12.001  8.032   1.00 46.51 ? 568 HOH A O     1 
HETATM 1097 O  O     . HOH F 5 .   ? -8.065  -3.026  -13.227 1.00 58.50 ? 569 HOH A O     1 
HETATM 1098 O  O     . HOH F 5 .   ? -10.561 7.301   10.854  1.00 61.55 ? 570 HOH A O     1 
HETATM 1099 O  O     . HOH F 5 .   ? 1.140   5.470   15.643  1.00 44.63 ? 571 HOH A O     1 
HETATM 1100 O  O     . HOH F 5 .   ? 5.381   16.125  7.111   1.00 67.87 ? 572 HOH A O     1 
HETATM 1101 O  O     . HOH F 5 .   ? -10.834 3.744   8.376   1.00 38.28 ? 573 HOH A O     1 
HETATM 1102 O  O     . HOH F 5 .   ? -9.041  -1.131  14.155  1.00 36.23 ? 574 HOH A O     1 
HETATM 1103 O  O     . HOH F 5 .   ? -8.141  3.952   9.695   1.00 40.01 ? 575 HOH A O     1 
HETATM 1104 O  O     . HOH F 5 .   ? -0.105  -2.465  15.498  1.00 67.97 ? 576 HOH A O     1 
HETATM 1105 O  O     . HOH F 5 .   ? -1.560  14.176  5.649   1.00 63.64 ? 577 HOH A O     1 
HETATM 1106 O  O     . HOH F 5 .   ? 16.963  18.560  -1.621  1.00 59.45 ? 578 HOH A O     1 
HETATM 1107 O  O     . HOH F 5 .   ? 19.443  11.684  -0.288  1.00 47.88 ? 579 HOH A O     1 
HETATM 1108 O  O     . HOH F 5 .   ? 0.010   -16.453 -7.173  1.00 65.80 ? 580 HOH A O     1 
HETATM 1109 O  O     . HOH F 5 .   ? 21.734  9.947   1.646   1.00 47.86 ? 581 HOH A O     1 
HETATM 1110 O  O     . HOH F 5 .   ? 20.911  5.531   1.782   1.00 68.07 ? 582 HOH A O     1 
HETATM 1111 O  O     . HOH F 5 .   ? -12.787 -6.319  -0.968  1.00 43.19 ? 583 HOH A O     1 
HETATM 1112 O  O     . HOH F 5 .   ? 3.615   3.985   10.567  1.00 47.50 ? 584 HOH A O     1 
HETATM 1113 O  O     . HOH F 5 .   ? 7.728   13.222  9.827   1.00 77.36 ? 585 HOH A O     1 
HETATM 1114 O  O     . HOH F 5 .   ? -7.090  7.942   9.407   1.00 53.68 ? 586 HOH A O     1 
HETATM 1115 O  O     . HOH F 5 .   ? -1.774  -7.022  10.549  1.00 52.34 ? 587 HOH A O     1 
HETATM 1116 O  O     . HOH F 5 .   ? 6.701   -15.182 1.015   1.00 59.55 ? 588 HOH A O     1 
HETATM 1117 O  O     . HOH F 5 .   ? 13.364  9.354   12.070  1.00 63.50 ? 589 HOH A O     1 
HETATM 1118 O  O     . HOH F 5 .   ? 2.451   16.787  -10.371 1.00 50.69 ? 590 HOH A O     1 
HETATM 1119 O  O     . HOH F 5 .   ? 10.878  19.927  -4.359  1.00 59.28 ? 591 HOH A O     1 
HETATM 1120 O  O     . HOH F 5 .   ? -15.604 -3.952  -7.831  1.00 60.82 ? 592 HOH A O     1 
HETATM 1121 O  O     . HOH F 5 .   ? 7.444   -4.621  13.686  1.00 67.63 ? 593 HOH A O     1 
HETATM 1122 O  O     . HOH F 5 .   ? -12.978 -8.618  0.249   1.00 42.96 ? 594 HOH A O     1 
HETATM 1123 O  O     . HOH F 5 .   ? -3.444  -4.974  11.150  1.00 63.00 ? 595 HOH A O     1 
HETATM 1124 O  O     . HOH F 5 .   ? -7.870  4.608   7.260   1.00 46.83 ? 596 HOH A O     1 
HETATM 1125 O  O     . HOH F 5 .   ? -14.157 -1.769  11.135  1.00 64.02 ? 597 HOH A O     1 
HETATM 1126 O  O     . HOH F 5 .   ? 10.317  -0.632  12.277  1.00 67.88 ? 598 HOH A O     1 
HETATM 1127 O  O     . HOH F 5 .   ? -12.113 0.581   9.838   1.00 55.63 ? 599 HOH A O     1 
HETATM 1128 O  O     . HOH F 5 .   ? -21.709 1.822   3.428   1.00 68.00 ? 600 HOH A O     1 
HETATM 1129 O  O     . HOH F 5 .   ? 3.747   2.140   13.120  1.00 71.43 ? 601 HOH A O     1 
# 
